data_3R5P
# 
_entry.id   3R5P 
# 
_audit_conform.dict_name       mmcif_pdbx.dic 
_audit_conform.dict_version    5.399 
_audit_conform.dict_location   http://mmcif.pdb.org/dictionaries/ascii/mmcif_pdbx.dic 
# 
loop_
_database_2.database_id 
_database_2.database_code 
_database_2.pdbx_database_accession 
_database_2.pdbx_DOI 
PDB   3R5P         pdb_00003r5p 10.2210/pdb3r5p/pdb 
RCSB  RCSB064521   ?            ?                   
WWPDB D_1000064521 ?            ?                   
# 
loop_
_pdbx_audit_revision_history.ordinal 
_pdbx_audit_revision_history.data_content_type 
_pdbx_audit_revision_history.major_revision 
_pdbx_audit_revision_history.minor_revision 
_pdbx_audit_revision_history.revision_date 
1 'Structure model' 1 0 2012-01-18 
2 'Structure model' 1 1 2012-03-21 
3 'Structure model' 1 2 2017-11-08 
4 'Structure model' 1 3 2023-09-13 
5 'Structure model' 1 4 2023-12-06 
6 'Structure model' 1 5 2024-11-27 
# 
_pdbx_audit_revision_details.ordinal             1 
_pdbx_audit_revision_details.revision_ordinal    1 
_pdbx_audit_revision_details.data_content_type   'Structure model' 
_pdbx_audit_revision_details.provider            repository 
_pdbx_audit_revision_details.type                'Initial release' 
_pdbx_audit_revision_details.description         ? 
_pdbx_audit_revision_details.details             ? 
# 
loop_
_pdbx_audit_revision_group.ordinal 
_pdbx_audit_revision_group.revision_ordinal 
_pdbx_audit_revision_group.data_content_type 
_pdbx_audit_revision_group.group 
1 2 'Structure model' 'Database references'    
2 3 'Structure model' 'Refinement description' 
3 4 'Structure model' 'Data collection'        
4 4 'Structure model' 'Database references'    
5 4 'Structure model' 'Derived calculations'   
6 4 'Structure model' 'Refinement description' 
7 5 'Structure model' 'Data collection'        
8 6 'Structure model' 'Structure summary'      
# 
loop_
_pdbx_audit_revision_category.ordinal 
_pdbx_audit_revision_category.revision_ordinal 
_pdbx_audit_revision_category.data_content_type 
_pdbx_audit_revision_category.category 
1  3 'Structure model' software                      
2  4 'Structure model' chem_comp_atom                
3  4 'Structure model' chem_comp_bond                
4  4 'Structure model' database_2                    
5  4 'Structure model' pdbx_initial_refinement_model 
6  4 'Structure model' struct_conn                   
7  4 'Structure model' struct_site                   
8  5 'Structure model' chem_comp_atom                
9  5 'Structure model' chem_comp_bond                
10 6 'Structure model' pdbx_entry_details            
11 6 'Structure model' pdbx_modification_feature     
# 
loop_
_pdbx_audit_revision_item.ordinal 
_pdbx_audit_revision_item.revision_ordinal 
_pdbx_audit_revision_item.data_content_type 
_pdbx_audit_revision_item.item 
1 4 'Structure model' '_database_2.pdbx_DOI'                
2 4 'Structure model' '_database_2.pdbx_database_accession' 
3 4 'Structure model' '_struct_conn.pdbx_leaving_atom_flag' 
4 4 'Structure model' '_struct_site.pdbx_auth_asym_id'      
5 4 'Structure model' '_struct_site.pdbx_auth_comp_id'      
6 4 'Structure model' '_struct_site.pdbx_auth_seq_id'       
7 5 'Structure model' '_chem_comp_atom.atom_id'             
8 5 'Structure model' '_chem_comp_bond.atom_id_2'           
# 
_pdbx_database_status.entry_id                        3R5P 
_pdbx_database_status.status_code                     REL 
_pdbx_database_status.deposit_site                    RCSB 
_pdbx_database_status.process_site                    RCSB 
_pdbx_database_status.recvd_initial_deposition_date   2011-03-19 
_pdbx_database_status.status_code_sf                  REL 
_pdbx_database_status.status_code_mr                  ? 
_pdbx_database_status.SG_entry                        ? 
_pdbx_database_status.status_code_cs                  ? 
_pdbx_database_status.pdb_format_compatible           Y 
_pdbx_database_status.methods_development_category    ? 
_pdbx_database_status.status_code_nmr_data            ? 
# 
loop_
_pdbx_database_related.db_name 
_pdbx_database_related.db_id 
_pdbx_database_related.details 
_pdbx_database_related.content_type 
PDB 3R5L 'The same protein crystallized in a different space group' unspecified 
PDB 3R5R 'same protein with co-factor'                              unspecified 
PDB 3R5W 'same protein with co-factor'                              unspecified 
PDB 3R5Y 'homologous protein from N. farcinica'                     unspecified 
PDB 3R5Z 'homologous protein from N. farcinica'                     unspecified 
# 
loop_
_audit_author.name 
_audit_author.pdbx_ordinal 
'Cellitti, S.E.'      1  
'Shaffer, J.'         2  
'Jones, D.H.'         3  
'Mukherjee, T.'       4  
'Gurumurthy, M.'      5  
'Bursulaya, B.'       6  
'Boshoff, H.I.M.'     7  
'Choi, I.'            8  
'Nayya, A.'           9  
'Lee, Y.S.'           10 
'Cherian, J.'         11 
'Niyomrattanakit, P.' 12 
'Dick, T.'            13 
'Manjunatha, U.H.'    14 
'Barry, C.E.'         15 
'Spraggon, G.'        16 
'Geierstanger, B.H.'  17 
# 
_citation.id                        primary 
_citation.title                     
;Structure of Ddn, the deazaflavin-dependent nitroreductase from Mycobacterium tuberculosis involved in bioreductive activation of PA-824.
;
_citation.journal_abbrev            Structure 
_citation.journal_volume            20 
_citation.page_first                101 
_citation.page_last                 112 
_citation.year                      2012 
_citation.journal_id_ASTM           STRUE6 
_citation.country                   UK 
_citation.journal_id_ISSN           0969-2126 
_citation.journal_id_CSD            2005 
_citation.book_publisher            ? 
_citation.pdbx_database_id_PubMed   22244759 
_citation.pdbx_database_id_DOI      10.1016/j.str.2011.11.001 
# 
loop_
_citation_author.citation_id 
_citation_author.name 
_citation_author.ordinal 
_citation_author.identifier_ORCID 
primary 'Cellitti, S.E.'      1  ? 
primary 'Shaffer, J.'         2  ? 
primary 'Jones, D.H.'         3  ? 
primary 'Mukherjee, T.'       4  ? 
primary 'Gurumurthy, M.'      5  ? 
primary 'Bursulaya, B.'       6  ? 
primary 'Boshoff, H.I.'       7  ? 
primary 'Choi, I.'            8  ? 
primary 'Nayyar, A.'          9  ? 
primary 'Lee, Y.S.'           10 ? 
primary 'Cherian, J.'         11 ? 
primary 'Niyomrattanakit, P.' 12 ? 
primary 'Dick, T.'            13 ? 
primary 'Manjunatha, U.H.'    14 ? 
primary 'Barry, C.E.'         15 ? 
primary 'Spraggon, G.'        16 ? 
primary 'Geierstanger, B.H.'  17 ? 
# 
loop_
_entity.id 
_entity.type 
_entity.src_method 
_entity.pdbx_description 
_entity.formula_weight 
_entity.pdbx_number_of_molecules 
_entity.pdbx_ec 
_entity.pdbx_mutation 
_entity.pdbx_fragment 
_entity.details 
1 polymer     man 'Deazaflavin-dependent nitroreductase' 13364.905 1   1.-.-.- ? ? ? 
2 non-polymer syn 'SULFATE ION'                          96.063    2   ?       ? ? ? 
3 water       nat water                                  18.015    108 ?       ? ? ? 
# 
_entity_poly.entity_id                      1 
_entity_poly.type                           'polypeptide(L)' 
_entity_poly.nstd_linkage                   no 
_entity_poly.nstd_monomer                   yes 
_entity_poly.pdbx_seq_one_letter_code       
;GEGLGGTFQKIPVALLTTTGRKTGQPRVNPLYFLRDGGRVIVAASKGGAEKNP(MSE)WYLNLKANPKVQVQIKKEVLDL
TARDATDEERAEYWPQLVT(MSE)YPSYQDYQSWTDRTIPIVVCEP
;
_entity_poly.pdbx_seq_one_letter_code_can   
;GEGLGGTFQKIPVALLTTTGRKTGQPRVNPLYFLRDGGRVIVAASKGGAEKNPMWYLNLKANPKVQVQIKKEVLDLTARD
ATDEERAEYWPQLVTMYPSYQDYQSWTDRTIPIVVCEP
;
_entity_poly.pdbx_strand_id                 A 
_entity_poly.pdbx_target_identifier         ? 
# 
loop_
_pdbx_entity_nonpoly.entity_id 
_pdbx_entity_nonpoly.name 
_pdbx_entity_nonpoly.comp_id 
2 'SULFATE ION' SO4 
3 water         HOH 
# 
loop_
_entity_poly_seq.entity_id 
_entity_poly_seq.num 
_entity_poly_seq.mon_id 
_entity_poly_seq.hetero 
1 1   GLY n 
1 2   GLU n 
1 3   GLY n 
1 4   LEU n 
1 5   GLY n 
1 6   GLY n 
1 7   THR n 
1 8   PHE n 
1 9   GLN n 
1 10  LYS n 
1 11  ILE n 
1 12  PRO n 
1 13  VAL n 
1 14  ALA n 
1 15  LEU n 
1 16  LEU n 
1 17  THR n 
1 18  THR n 
1 19  THR n 
1 20  GLY n 
1 21  ARG n 
1 22  LYS n 
1 23  THR n 
1 24  GLY n 
1 25  GLN n 
1 26  PRO n 
1 27  ARG n 
1 28  VAL n 
1 29  ASN n 
1 30  PRO n 
1 31  LEU n 
1 32  TYR n 
1 33  PHE n 
1 34  LEU n 
1 35  ARG n 
1 36  ASP n 
1 37  GLY n 
1 38  GLY n 
1 39  ARG n 
1 40  VAL n 
1 41  ILE n 
1 42  VAL n 
1 43  ALA n 
1 44  ALA n 
1 45  SER n 
1 46  LYS n 
1 47  GLY n 
1 48  GLY n 
1 49  ALA n 
1 50  GLU n 
1 51  LYS n 
1 52  ASN n 
1 53  PRO n 
1 54  MSE n 
1 55  TRP n 
1 56  TYR n 
1 57  LEU n 
1 58  ASN n 
1 59  LEU n 
1 60  LYS n 
1 61  ALA n 
1 62  ASN n 
1 63  PRO n 
1 64  LYS n 
1 65  VAL n 
1 66  GLN n 
1 67  VAL n 
1 68  GLN n 
1 69  ILE n 
1 70  LYS n 
1 71  LYS n 
1 72  GLU n 
1 73  VAL n 
1 74  LEU n 
1 75  ASP n 
1 76  LEU n 
1 77  THR n 
1 78  ALA n 
1 79  ARG n 
1 80  ASP n 
1 81  ALA n 
1 82  THR n 
1 83  ASP n 
1 84  GLU n 
1 85  GLU n 
1 86  ARG n 
1 87  ALA n 
1 88  GLU n 
1 89  TYR n 
1 90  TRP n 
1 91  PRO n 
1 92  GLN n 
1 93  LEU n 
1 94  VAL n 
1 95  THR n 
1 96  MSE n 
1 97  TYR n 
1 98  PRO n 
1 99  SER n 
1 100 TYR n 
1 101 GLN n 
1 102 ASP n 
1 103 TYR n 
1 104 GLN n 
1 105 SER n 
1 106 TRP n 
1 107 THR n 
1 108 ASP n 
1 109 ARG n 
1 110 THR n 
1 111 ILE n 
1 112 PRO n 
1 113 ILE n 
1 114 VAL n 
1 115 VAL n 
1 116 CYS n 
1 117 GLU n 
1 118 PRO n 
# 
_entity_src_gen.entity_id                          1 
_entity_src_gen.pdbx_src_id                        1 
_entity_src_gen.pdbx_alt_source_flag               sample 
_entity_src_gen.pdbx_seq_type                      ? 
_entity_src_gen.pdbx_beg_seq_num                   ? 
_entity_src_gen.pdbx_end_seq_num                   ? 
_entity_src_gen.gene_src_common_name               ? 
_entity_src_gen.gene_src_genus                     ? 
_entity_src_gen.pdbx_gene_src_gene                 'ddn, MT3651, Rv3547' 
_entity_src_gen.gene_src_species                   ? 
_entity_src_gen.gene_src_strain                    ? 
_entity_src_gen.gene_src_tissue                    ? 
_entity_src_gen.gene_src_tissue_fraction           ? 
_entity_src_gen.gene_src_details                   ? 
_entity_src_gen.pdbx_gene_src_fragment             ? 
_entity_src_gen.pdbx_gene_src_scientific_name      'Mycobacterium tuberculosis' 
_entity_src_gen.pdbx_gene_src_ncbi_taxonomy_id     1773 
_entity_src_gen.pdbx_gene_src_variant              ? 
_entity_src_gen.pdbx_gene_src_cell_line            ? 
_entity_src_gen.pdbx_gene_src_atcc                 ? 
_entity_src_gen.pdbx_gene_src_organ                ? 
_entity_src_gen.pdbx_gene_src_organelle            ? 
_entity_src_gen.pdbx_gene_src_cell                 ? 
_entity_src_gen.pdbx_gene_src_cellular_location    ? 
_entity_src_gen.host_org_common_name               ? 
_entity_src_gen.pdbx_host_org_scientific_name      'Escherichia coli' 
_entity_src_gen.pdbx_host_org_ncbi_taxonomy_id     562 
_entity_src_gen.host_org_genus                     ? 
_entity_src_gen.pdbx_host_org_gene                 ? 
_entity_src_gen.pdbx_host_org_organ                ? 
_entity_src_gen.host_org_species                   ? 
_entity_src_gen.pdbx_host_org_tissue               ? 
_entity_src_gen.pdbx_host_org_tissue_fraction      ? 
_entity_src_gen.pdbx_host_org_strain               ? 
_entity_src_gen.pdbx_host_org_variant              ? 
_entity_src_gen.pdbx_host_org_cell_line            ? 
_entity_src_gen.pdbx_host_org_atcc                 ? 
_entity_src_gen.pdbx_host_org_culture_collection   ? 
_entity_src_gen.pdbx_host_org_cell                 ? 
_entity_src_gen.pdbx_host_org_organelle            ? 
_entity_src_gen.pdbx_host_org_cellular_location    ? 
_entity_src_gen.pdbx_host_org_vector_type          plasmid 
_entity_src_gen.pdbx_host_org_vector               ? 
_entity_src_gen.host_org_details                   ? 
_entity_src_gen.expression_system_id               ? 
_entity_src_gen.plasmid_name                       SpeedET 
_entity_src_gen.plasmid_details                    ? 
_entity_src_gen.pdbx_description                   ? 
# 
loop_
_chem_comp.id 
_chem_comp.type 
_chem_comp.mon_nstd_flag 
_chem_comp.name 
_chem_comp.pdbx_synonyms 
_chem_comp.formula 
_chem_comp.formula_weight 
ALA 'L-peptide linking' y ALANINE          ? 'C3 H7 N O2'     89.093  
ARG 'L-peptide linking' y ARGININE         ? 'C6 H15 N4 O2 1' 175.209 
ASN 'L-peptide linking' y ASPARAGINE       ? 'C4 H8 N2 O3'    132.118 
ASP 'L-peptide linking' y 'ASPARTIC ACID'  ? 'C4 H7 N O4'     133.103 
CYS 'L-peptide linking' y CYSTEINE         ? 'C3 H7 N O2 S'   121.158 
GLN 'L-peptide linking' y GLUTAMINE        ? 'C5 H10 N2 O3'   146.144 
GLU 'L-peptide linking' y 'GLUTAMIC ACID'  ? 'C5 H9 N O4'     147.129 
GLY 'peptide linking'   y GLYCINE          ? 'C2 H5 N O2'     75.067  
HOH non-polymer         . WATER            ? 'H2 O'           18.015  
ILE 'L-peptide linking' y ISOLEUCINE       ? 'C6 H13 N O2'    131.173 
LEU 'L-peptide linking' y LEUCINE          ? 'C6 H13 N O2'    131.173 
LYS 'L-peptide linking' y LYSINE           ? 'C6 H15 N2 O2 1' 147.195 
MSE 'L-peptide linking' n SELENOMETHIONINE ? 'C5 H11 N O2 Se' 196.106 
PHE 'L-peptide linking' y PHENYLALANINE    ? 'C9 H11 N O2'    165.189 
PRO 'L-peptide linking' y PROLINE          ? 'C5 H9 N O2'     115.130 
SER 'L-peptide linking' y SERINE           ? 'C3 H7 N O3'     105.093 
SO4 non-polymer         . 'SULFATE ION'    ? 'O4 S -2'        96.063  
THR 'L-peptide linking' y THREONINE        ? 'C4 H9 N O3'     119.119 
TRP 'L-peptide linking' y TRYPTOPHAN       ? 'C11 H12 N2 O2'  204.225 
TYR 'L-peptide linking' y TYROSINE         ? 'C9 H11 N O3'    181.189 
VAL 'L-peptide linking' y VALINE           ? 'C5 H11 N O2'    117.146 
# 
loop_
_pdbx_poly_seq_scheme.asym_id 
_pdbx_poly_seq_scheme.entity_id 
_pdbx_poly_seq_scheme.seq_id 
_pdbx_poly_seq_scheme.mon_id 
_pdbx_poly_seq_scheme.ndb_seq_num 
_pdbx_poly_seq_scheme.pdb_seq_num 
_pdbx_poly_seq_scheme.auth_seq_num 
_pdbx_poly_seq_scheme.pdb_mon_id 
_pdbx_poly_seq_scheme.auth_mon_id 
_pdbx_poly_seq_scheme.pdb_strand_id 
_pdbx_poly_seq_scheme.pdb_ins_code 
_pdbx_poly_seq_scheme.hetero 
A 1 1   GLY 1   34  ?   ?   ?   A . n 
A 1 2   GLU 2   35  ?   ?   ?   A . n 
A 1 3   GLY 3   36  ?   ?   ?   A . n 
A 1 4   LEU 4   37  ?   ?   ?   A . n 
A 1 5   GLY 5   38  ?   ?   ?   A . n 
A 1 6   GLY 6   39  39  GLY GLY A . n 
A 1 7   THR 7   40  40  THR THR A . n 
A 1 8   PHE 8   41  41  PHE PHE A . n 
A 1 9   GLN 9   42  42  GLN GLN A . n 
A 1 10  LYS 10  43  43  LYS LYS A . n 
A 1 11  ILE 11  44  44  ILE ILE A . n 
A 1 12  PRO 12  45  45  PRO PRO A . n 
A 1 13  VAL 13  46  46  VAL VAL A . n 
A 1 14  ALA 14  47  47  ALA ALA A . n 
A 1 15  LEU 15  48  48  LEU LEU A . n 
A 1 16  LEU 16  49  49  LEU LEU A . n 
A 1 17  THR 17  50  50  THR THR A . n 
A 1 18  THR 18  51  51  THR THR A . n 
A 1 19  THR 19  52  52  THR THR A . n 
A 1 20  GLY 20  53  53  GLY GLY A . n 
A 1 21  ARG 21  54  54  ARG ARG A . n 
A 1 22  LYS 22  55  55  LYS LYS A . n 
A 1 23  THR 23  56  56  THR THR A . n 
A 1 24  GLY 24  57  57  GLY GLY A . n 
A 1 25  GLN 25  58  58  GLN GLN A . n 
A 1 26  PRO 26  59  59  PRO PRO A . n 
A 1 27  ARG 27  60  60  ARG ARG A . n 
A 1 28  VAL 28  61  61  VAL VAL A . n 
A 1 29  ASN 29  62  62  ASN ASN A . n 
A 1 30  PRO 30  63  63  PRO PRO A . n 
A 1 31  LEU 31  64  64  LEU LEU A . n 
A 1 32  TYR 32  65  65  TYR TYR A . n 
A 1 33  PHE 33  66  66  PHE PHE A . n 
A 1 34  LEU 34  67  67  LEU LEU A . n 
A 1 35  ARG 35  68  68  ARG ARG A . n 
A 1 36  ASP 36  69  69  ASP ASP A . n 
A 1 37  GLY 37  70  70  GLY GLY A . n 
A 1 38  GLY 38  71  71  GLY GLY A . n 
A 1 39  ARG 39  72  72  ARG ARG A . n 
A 1 40  VAL 40  73  73  VAL VAL A . n 
A 1 41  ILE 41  74  74  ILE ILE A . n 
A 1 42  VAL 42  75  75  VAL VAL A . n 
A 1 43  ALA 43  76  76  ALA ALA A . n 
A 1 44  ALA 44  77  77  ALA ALA A . n 
A 1 45  SER 45  78  78  SER SER A . n 
A 1 46  LYS 46  79  79  LYS LYS A . n 
A 1 47  GLY 47  80  80  GLY GLY A . n 
A 1 48  GLY 48  81  81  GLY GLY A . n 
A 1 49  ALA 49  82  82  ALA ALA A . n 
A 1 50  GLU 50  83  83  GLU GLU A . n 
A 1 51  LYS 51  84  84  LYS LYS A . n 
A 1 52  ASN 52  85  85  ASN ASN A . n 
A 1 53  PRO 53  86  86  PRO PRO A . n 
A 1 54  MSE 54  87  87  MSE MSE A . n 
A 1 55  TRP 55  88  88  TRP TRP A . n 
A 1 56  TYR 56  89  89  TYR TYR A . n 
A 1 57  LEU 57  90  90  LEU LEU A . n 
A 1 58  ASN 58  91  91  ASN ASN A . n 
A 1 59  LEU 59  92  92  LEU LEU A . n 
A 1 60  LYS 60  93  93  LYS LYS A . n 
A 1 61  ALA 61  94  94  ALA ALA A . n 
A 1 62  ASN 62  95  95  ASN ASN A . n 
A 1 63  PRO 63  96  96  PRO PRO A . n 
A 1 64  LYS 64  97  97  LYS LYS A . n 
A 1 65  VAL 65  98  98  VAL VAL A . n 
A 1 66  GLN 66  99  99  GLN GLN A . n 
A 1 67  VAL 67  100 100 VAL VAL A . n 
A 1 68  GLN 68  101 101 GLN GLN A . n 
A 1 69  ILE 69  102 102 ILE ILE A . n 
A 1 70  LYS 70  103 103 LYS LYS A . n 
A 1 71  LYS 71  104 104 LYS LYS A . n 
A 1 72  GLU 72  105 105 GLU GLU A . n 
A 1 73  VAL 73  106 106 VAL VAL A . n 
A 1 74  LEU 74  107 107 LEU LEU A . n 
A 1 75  ASP 75  108 108 ASP ASP A . n 
A 1 76  LEU 76  109 109 LEU LEU A . n 
A 1 77  THR 77  110 110 THR THR A . n 
A 1 78  ALA 78  111 111 ALA ALA A . n 
A 1 79  ARG 79  112 112 ARG ARG A . n 
A 1 80  ASP 80  113 113 ASP ASP A . n 
A 1 81  ALA 81  114 114 ALA ALA A . n 
A 1 82  THR 82  115 115 THR THR A . n 
A 1 83  ASP 83  116 116 ASP ASP A . n 
A 1 84  GLU 84  117 117 GLU GLU A . n 
A 1 85  GLU 85  118 118 GLU GLU A . n 
A 1 86  ARG 86  119 119 ARG ARG A . n 
A 1 87  ALA 87  120 120 ALA ALA A . n 
A 1 88  GLU 88  121 121 GLU GLU A . n 
A 1 89  TYR 89  122 122 TYR TYR A . n 
A 1 90  TRP 90  123 123 TRP TRP A . n 
A 1 91  PRO 91  124 124 PRO PRO A . n 
A 1 92  GLN 92  125 125 GLN GLN A . n 
A 1 93  LEU 93  126 126 LEU LEU A . n 
A 1 94  VAL 94  127 127 VAL VAL A . n 
A 1 95  THR 95  128 128 THR THR A . n 
A 1 96  MSE 96  129 129 MSE MSE A . n 
A 1 97  TYR 97  130 130 TYR TYR A . n 
A 1 98  PRO 98  131 131 PRO PRO A . n 
A 1 99  SER 99  132 132 SER SER A . n 
A 1 100 TYR 100 133 133 TYR TYR A . n 
A 1 101 GLN 101 134 134 GLN GLN A . n 
A 1 102 ASP 102 135 135 ASP ASP A . n 
A 1 103 TYR 103 136 136 TYR TYR A . n 
A 1 104 GLN 104 137 137 GLN GLN A . n 
A 1 105 SER 105 138 138 SER SER A . n 
A 1 106 TRP 106 139 139 TRP TRP A . n 
A 1 107 THR 107 140 140 THR THR A . n 
A 1 108 ASP 108 141 141 ASP ASP A . n 
A 1 109 ARG 109 142 142 ARG ARG A . n 
A 1 110 THR 110 143 143 THR THR A . n 
A 1 111 ILE 111 144 144 ILE ILE A . n 
A 1 112 PRO 112 145 145 PRO PRO A . n 
A 1 113 ILE 113 146 146 ILE ILE A . n 
A 1 114 VAL 114 147 147 VAL VAL A . n 
A 1 115 VAL 115 148 148 VAL VAL A . n 
A 1 116 CYS 116 149 149 CYS CYS A . n 
A 1 117 GLU 117 150 150 GLU GLU A . n 
A 1 118 PRO 118 151 151 PRO PRO A . n 
# 
loop_
_pdbx_nonpoly_scheme.asym_id 
_pdbx_nonpoly_scheme.entity_id 
_pdbx_nonpoly_scheme.mon_id 
_pdbx_nonpoly_scheme.ndb_seq_num 
_pdbx_nonpoly_scheme.pdb_seq_num 
_pdbx_nonpoly_scheme.auth_seq_num 
_pdbx_nonpoly_scheme.pdb_mon_id 
_pdbx_nonpoly_scheme.auth_mon_id 
_pdbx_nonpoly_scheme.pdb_strand_id 
_pdbx_nonpoly_scheme.pdb_ins_code 
B 2 SO4 1   201 1   SO4 SO4 A . 
C 2 SO4 1   202 2   SO4 SO4 A . 
D 3 HOH 1   301 3   HOH HOH A . 
D 3 HOH 2   302 4   HOH HOH A . 
D 3 HOH 3   303 5   HOH HOH A . 
D 3 HOH 4   304 6   HOH HOH A . 
D 3 HOH 5   305 7   HOH HOH A . 
D 3 HOH 6   306 8   HOH HOH A . 
D 3 HOH 7   307 9   HOH HOH A . 
D 3 HOH 8   308 10  HOH HOH A . 
D 3 HOH 9   309 11  HOH HOH A . 
D 3 HOH 10  310 12  HOH HOH A . 
D 3 HOH 11  311 13  HOH HOH A . 
D 3 HOH 12  312 14  HOH HOH A . 
D 3 HOH 13  313 15  HOH HOH A . 
D 3 HOH 14  314 16  HOH HOH A . 
D 3 HOH 15  315 17  HOH HOH A . 
D 3 HOH 16  316 18  HOH HOH A . 
D 3 HOH 17  317 19  HOH HOH A . 
D 3 HOH 18  318 20  HOH HOH A . 
D 3 HOH 19  319 21  HOH HOH A . 
D 3 HOH 20  320 22  HOH HOH A . 
D 3 HOH 21  321 23  HOH HOH A . 
D 3 HOH 22  322 24  HOH HOH A . 
D 3 HOH 23  323 25  HOH HOH A . 
D 3 HOH 24  324 26  HOH HOH A . 
D 3 HOH 25  325 27  HOH HOH A . 
D 3 HOH 26  326 28  HOH HOH A . 
D 3 HOH 27  327 29  HOH HOH A . 
D 3 HOH 28  328 30  HOH HOH A . 
D 3 HOH 29  329 31  HOH HOH A . 
D 3 HOH 30  330 32  HOH HOH A . 
D 3 HOH 31  331 33  HOH HOH A . 
D 3 HOH 32  332 1   HOH HOH A . 
D 3 HOH 33  333 2   HOH HOH A . 
D 3 HOH 34  334 34  HOH HOH A . 
D 3 HOH 35  335 35  HOH HOH A . 
D 3 HOH 36  336 36  HOH HOH A . 
D 3 HOH 37  337 37  HOH HOH A . 
D 3 HOH 38  338 38  HOH HOH A . 
D 3 HOH 39  339 39  HOH HOH A . 
D 3 HOH 40  340 40  HOH HOH A . 
D 3 HOH 41  341 41  HOH HOH A . 
D 3 HOH 42  342 42  HOH HOH A . 
D 3 HOH 43  343 43  HOH HOH A . 
D 3 HOH 44  344 44  HOH HOH A . 
D 3 HOH 45  345 45  HOH HOH A . 
D 3 HOH 46  346 46  HOH HOH A . 
D 3 HOH 47  347 47  HOH HOH A . 
D 3 HOH 48  348 48  HOH HOH A . 
D 3 HOH 49  349 49  HOH HOH A . 
D 3 HOH 50  350 50  HOH HOH A . 
D 3 HOH 51  351 51  HOH HOH A . 
D 3 HOH 52  352 52  HOH HOH A . 
D 3 HOH 53  353 53  HOH HOH A . 
D 3 HOH 54  354 54  HOH HOH A . 
D 3 HOH 55  355 55  HOH HOH A . 
D 3 HOH 56  356 56  HOH HOH A . 
D 3 HOH 57  357 57  HOH HOH A . 
D 3 HOH 58  358 58  HOH HOH A . 
D 3 HOH 59  359 59  HOH HOH A . 
D 3 HOH 60  360 60  HOH HOH A . 
D 3 HOH 61  361 61  HOH HOH A . 
D 3 HOH 62  362 62  HOH HOH A . 
D 3 HOH 63  363 63  HOH HOH A . 
D 3 HOH 64  364 64  HOH HOH A . 
D 3 HOH 65  365 65  HOH HOH A . 
D 3 HOH 66  366 66  HOH HOH A . 
D 3 HOH 67  367 67  HOH HOH A . 
D 3 HOH 68  368 68  HOH HOH A . 
D 3 HOH 69  369 69  HOH HOH A . 
D 3 HOH 70  370 70  HOH HOH A . 
D 3 HOH 71  371 71  HOH HOH A . 
D 3 HOH 72  372 72  HOH HOH A . 
D 3 HOH 73  373 73  HOH HOH A . 
D 3 HOH 74  374 74  HOH HOH A . 
D 3 HOH 75  375 75  HOH HOH A . 
D 3 HOH 76  376 76  HOH HOH A . 
D 3 HOH 77  377 77  HOH HOH A . 
D 3 HOH 78  378 78  HOH HOH A . 
D 3 HOH 79  379 79  HOH HOH A . 
D 3 HOH 80  380 80  HOH HOH A . 
D 3 HOH 81  381 81  HOH HOH A . 
D 3 HOH 82  382 82  HOH HOH A . 
D 3 HOH 83  383 83  HOH HOH A . 
D 3 HOH 84  384 84  HOH HOH A . 
D 3 HOH 85  385 85  HOH HOH A . 
D 3 HOH 86  386 86  HOH HOH A . 
D 3 HOH 87  387 87  HOH HOH A . 
D 3 HOH 88  388 88  HOH HOH A . 
D 3 HOH 89  389 89  HOH HOH A . 
D 3 HOH 90  390 90  HOH HOH A . 
D 3 HOH 91  391 91  HOH HOH A . 
D 3 HOH 92  392 92  HOH HOH A . 
D 3 HOH 93  393 93  HOH HOH A . 
D 3 HOH 94  394 94  HOH HOH A . 
D 3 HOH 95  395 95  HOH HOH A . 
D 3 HOH 96  396 96  HOH HOH A . 
D 3 HOH 97  397 97  HOH HOH A . 
D 3 HOH 98  398 98  HOH HOH A . 
D 3 HOH 99  399 99  HOH HOH A . 
D 3 HOH 100 400 100 HOH HOH A . 
D 3 HOH 101 401 101 HOH HOH A . 
D 3 HOH 102 402 102 HOH HOH A . 
D 3 HOH 103 403 103 HOH HOH A . 
D 3 HOH 104 404 104 HOH HOH A . 
D 3 HOH 105 405 105 HOH HOH A . 
D 3 HOH 106 406 106 HOH HOH A . 
D 3 HOH 107 407 107 HOH HOH A . 
D 3 HOH 108 408 108 HOH HOH A . 
# 
loop_
_software.pdbx_ordinal 
_software.name 
_software.version 
_software.date 
_software.type 
_software.contact_author 
_software.contact_author_email 
_software.classification 
_software.location 
_software.language 
_software.citation_id 
1 DENZO       .     ?                          package 'Zbyszek Otwinowski' hkl@hkl-xray.com            'data reduction'  
http://www.hkl-xray.com/                    ?   ? 
2 SCALEPACK   .     ?                          package 'Zbyszek Otwinowski' hkl@hkl-xray.com            'data scaling'    
http://www.hkl-xray.com/                    ?   ? 
3 PHASER      2.1.4 'Thu Nov 13 10:53:32 2008' program 'Randy J. Read'      cimr-phaser@lists.cam.ac.uk phasing           
http://www-structmed.cimr.cam.ac.uk/phaser/ ?   ? 
4 PHENIX      1.5_2 ?                          package 'Paul D. Adams'      PDAdams@lbl.gov             refinement        
http://www.phenix-online.org/               C++ ? 
5 PDB_EXTRACT 3.10  'June 10, 2010'            package PDB                  deposit@deposit.rcsb.org    'data extraction' 
http://sw-tools.pdb.org/apps/PDB_EXTRACT/   C++ ? 
6 BOS         .     ?                          ?       ?                    ?                           'data collection' ? ?   ? 
7 HKL-2000    .     ?                          ?       ?                    ?                           'data reduction'  ? ?   ? 
8 HKL-2000    .     ?                          ?       ?                    ?                           'data scaling'    ? ?   ? 
# 
_cell.length_a           96.176 
_cell.length_b           96.176 
_cell.length_c           33.704 
_cell.angle_alpha        90.000 
_cell.angle_beta         90.000 
_cell.angle_gamma        120.000 
_cell.entry_id           3R5P 
_cell.pdbx_unique_axis   ? 
_cell.Z_PDB              6 
_cell.length_a_esd       ? 
_cell.length_b_esd       ? 
_cell.length_c_esd       ? 
_cell.angle_alpha_esd    ? 
_cell.angle_beta_esd     ? 
_cell.angle_gamma_esd    ? 
# 
_symmetry.space_group_name_H-M             'P 32 2 1' 
_symmetry.entry_id                         3R5P 
_symmetry.Int_Tables_number                154 
_symmetry.pdbx_full_space_group_name_H-M   ? 
_symmetry.cell_setting                     ? 
_symmetry.space_group_name_Hall            ? 
# 
_exptl.crystals_number   1 
_exptl.entry_id          3R5P 
_exptl.method            'X-RAY DIFFRACTION' 
# 
_exptl_crystal.id                    1 
_exptl_crystal.density_Matthews      3.37 
_exptl_crystal.density_meas          ? 
_exptl_crystal.density_percent_sol   63.47 
_exptl_crystal.description           ? 
_exptl_crystal.F_000                 ? 
_exptl_crystal.preparation           ? 
# 
_exptl_crystal_grow.crystal_id      1 
_exptl_crystal_grow.method          'VAPOR DIFFUSION, SITTING DROP' 
_exptl_crystal_grow.pH              4.0 
_exptl_crystal_grow.temp            277 
_exptl_crystal_grow.pdbx_details    '1.6M (NH4)2SO4, 0.1M Citric acid, pH 4.0, vapor diffusion, sitting drop, temperature 277K' 
_exptl_crystal_grow.temp_details    ? 
_exptl_crystal_grow.pdbx_pH_range   ? 
# 
_diffrn.id                     1 
_diffrn.ambient_temp           100 
_diffrn.ambient_temp_details   ? 
_diffrn.crystal_id             1 
# 
_diffrn_detector.diffrn_id              1 
_diffrn_detector.detector               CCD 
_diffrn_detector.type                   'ADSC QUANTUM 315r' 
_diffrn_detector.pdbx_collection_date   2009-04-17 
_diffrn_detector.details                ? 
# 
_diffrn_radiation.diffrn_id                        1 
_diffrn_radiation.pdbx_diffrn_protocol             'SINGLE WAVELENGTH' 
_diffrn_radiation.monochromator                    'Single crystal, cylindrically bent, Si(220)' 
_diffrn_radiation.wavelength_id                    1 
_diffrn_radiation.pdbx_monochromatic_or_laue_m_l   ? 
_diffrn_radiation.pdbx_scattering_type             x-ray 
# 
_diffrn_radiation_wavelength.id           1 
_diffrn_radiation_wavelength.wavelength   0.976 
_diffrn_radiation_wavelength.wt           1.0 
# 
_diffrn_source.diffrn_id                   1 
_diffrn_source.source                      SYNCHROTRON 
_diffrn_source.type                        'ALS BEAMLINE 5.0.3' 
_diffrn_source.pdbx_wavelength_list        0.976 
_diffrn_source.pdbx_wavelength             ? 
_diffrn_source.pdbx_synchrotron_site       ALS 
_diffrn_source.pdbx_synchrotron_beamline   5.0.3 
# 
_reflns.entry_id                     3R5P 
_reflns.d_resolution_high            1.850 
_reflns.d_resolution_low             50.000 
_reflns.number_obs                   15215 
_reflns.pdbx_Rmerge_I_obs            0.113 
_reflns.pdbx_netI_over_sigmaI        12.4 
_reflns.pdbx_chi_squared             0.884 
_reflns.pdbx_redundancy              5.100 
_reflns.percent_possible_obs         97.900 
_reflns.observed_criterion_sigma_F   0 
_reflns.observed_criterion_sigma_I   0 
_reflns.number_all                   15215 
_reflns.pdbx_Rsym_value              ? 
_reflns.B_iso_Wilson_estimate        ? 
_reflns.R_free_details               ? 
_reflns.limit_h_max                  ? 
_reflns.limit_h_min                  ? 
_reflns.limit_k_max                  ? 
_reflns.limit_k_min                  ? 
_reflns.limit_l_max                  ? 
_reflns.limit_l_min                  ? 
_reflns.observed_criterion_F_max     ? 
_reflns.observed_criterion_F_min     ? 
_reflns.pdbx_scaling_rejects         ? 
_reflns.pdbx_ordinal                 1 
_reflns.pdbx_diffrn_id               1 
# 
loop_
_reflns_shell.d_res_high 
_reflns_shell.d_res_low 
_reflns_shell.number_measured_obs 
_reflns_shell.number_measured_all 
_reflns_shell.number_unique_obs 
_reflns_shell.Rmerge_I_obs 
_reflns_shell.meanI_over_sigI_obs 
_reflns_shell.pdbx_Rsym_value 
_reflns_shell.pdbx_chi_squared 
_reflns_shell.pdbx_redundancy 
_reflns_shell.percent_possible_obs 
_reflns_shell.number_unique_all 
_reflns_shell.percent_possible_all 
_reflns_shell.pdbx_ordinal 
_reflns_shell.pdbx_diffrn_id 
1.850 1.920  ? ? ? 0.572 1.214  ? 0.518 3.600 ? 1238 81.600  1  1 
1.920 1.990  ? ? ? 0.490 1.880  ? 0.563 4.200 ? 1508 96.800  2  1 
1.990 2.080  ? ? ? 0.419 2.818  ? 0.568 5.100 ? 1527 100.000 3  1 
2.080 2.190  ? ? ? 0.321 4.095  ? 0.634 5.500 ? 1528 100.000 4  1 
2.190 2.330  ? ? ? 0.255 5.350  ? 0.656 5.500 ? 1548 100.000 5  1 
2.330 2.510  ? ? ? 0.198 7.211  ? 0.690 5.500 ? 1534 100.000 6  1 
2.510 2.760  ? ? ? 0.141 10.389 ? 0.713 5.500 ? 1564 100.000 7  1 
2.760 3.160  ? ? ? 0.106 16.368 ? 1.035 5.500 ? 1558 100.000 8  1 
3.160 3.990  ? ? ? 0.082 29.043 ? 1.907 5.400 ? 1568 100.000 9  1 
3.990 50.000 ? ? ? 0.043 40.792 ? 1.242 5.300 ? 1642 100.000 10 1 
# 
_refine.entry_id                                 3R5P 
_refine.ls_d_res_high                            1.8500 
_refine.ls_d_res_low                             41.6450 
_refine.pdbx_ls_sigma_F                          0.160 
_refine.pdbx_data_cutoff_high_absF               ? 
_refine.pdbx_data_cutoff_low_absF                ? 
_refine.ls_percent_reflns_obs                    92.3600 
_refine.ls_number_reflns_obs                     14350 
_refine.ls_number_reflns_all                     14356 
_refine.pdbx_ls_cross_valid_method               ? 
_refine.pdbx_R_Free_selection_details            random 
_refine.details                                  ? 
_refine.ls_R_factor_all                          ? 
_refine.ls_R_factor_obs                          0.1727 
_refine.ls_R_factor_R_work                       0.1711 
_refine.ls_wR_factor_R_work                      ? 
_refine.ls_R_factor_R_free                       0.2027 
_refine.ls_wR_factor_R_free                      ? 
_refine.ls_percent_reflns_R_free                 5.0300 
_refine.ls_number_reflns_R_free                  722 
_refine.ls_R_factor_R_free_error                 ? 
_refine.B_iso_mean                               24.6311 
_refine.solvent_model_param_bsol                 52.4770 
_refine.solvent_model_param_ksol                 0.3930 
_refine.pdbx_isotropic_thermal_model             ? 
_refine.aniso_B[1][1]                            3.1752 
_refine.aniso_B[2][2]                            3.1752 
_refine.aniso_B[3][3]                            -6.3505 
_refine.aniso_B[1][2]                            -0.0000 
_refine.aniso_B[1][3]                            -0.0000 
_refine.aniso_B[2][3]                            0.0000 
_refine.correlation_coeff_Fo_to_Fc               ? 
_refine.correlation_coeff_Fo_to_Fc_free          ? 
_refine.overall_SU_R_Cruickshank_DPI             ? 
_refine.overall_SU_R_free                        ? 
_refine.pdbx_overall_ESU_R_Free                  ? 
_refine.overall_SU_ML                            0.2200 
_refine.overall_SU_B                             ? 
_refine.solvent_model_details                    'FLAT BULK SOLVENT MODEL' 
_refine.pdbx_solvent_vdw_probe_radii             1.1100 
_refine.pdbx_solvent_ion_probe_radii             ? 
_refine.pdbx_solvent_shrinkage_radii             0.9000 
_refine.ls_number_parameters                     ? 
_refine.ls_number_restraints                     ? 
_refine.pdbx_starting_model                      'PDB entry 3R5L (preliminary model used for MR)' 
_refine.pdbx_method_to_determine_struct          'MOLECULAR REPLACEMENT' 
_refine.pdbx_stereochemistry_target_values       'CCP4 monomer library' 
_refine.pdbx_stereochem_target_val_spec_case     ? 
_refine.overall_FOM_work_R_set                   ? 
_refine.B_iso_max                                82.330 
_refine.B_iso_min                                9.010 
_refine.occupancy_max                            1.000 
_refine.occupancy_min                            0.440 
_refine.pdbx_ls_sigma_I                          ? 
_refine.ls_redundancy_reflns_obs                 ? 
_refine.ls_R_factor_R_free_error_details         ? 
_refine.pdbx_data_cutoff_high_rms_absF           ? 
_refine.overall_FOM_free_R_set                   ? 
_refine.pdbx_overall_phase_error                 19.06 
_refine.pdbx_refine_id                           'X-RAY DIFFRACTION' 
_refine.pdbx_overall_ESU_R                       ? 
_refine.pdbx_diffrn_id                           1 
_refine.pdbx_TLS_residual_ADP_flag               ? 
_refine.pdbx_overall_SU_R_free_Cruickshank_DPI   ? 
_refine.pdbx_overall_SU_R_Blow_DPI               ? 
_refine.pdbx_overall_SU_R_free_Blow_DPI          ? 
# 
_refine_hist.pdbx_refine_id                   'X-RAY DIFFRACTION' 
_refine_hist.cycle_id                         LAST 
_refine_hist.pdbx_number_atoms_protein        905 
_refine_hist.pdbx_number_atoms_nucleic_acid   0 
_refine_hist.pdbx_number_atoms_ligand         10 
_refine_hist.number_atoms_solvent             108 
_refine_hist.number_atoms_total               1023 
_refine_hist.d_res_high                       1.8500 
_refine_hist.d_res_low                        41.6450 
# 
loop_
_refine_ls_restr.type 
_refine_ls_restr.number 
_refine_ls_restr.dev_ideal 
_refine_ls_restr.dev_ideal_target 
_refine_ls_restr.weight 
_refine_ls_restr.pdbx_restraint_function 
_refine_ls_restr.pdbx_refine_id 
f_bond_d           961  0.018  ? ? ? 'X-RAY DIFFRACTION' 
f_angle_d          1315 1.747  ? ? ? 'X-RAY DIFFRACTION' 
f_chiral_restr     145  0.136  ? ? ? 'X-RAY DIFFRACTION' 
f_plane_restr      167  0.009  ? ? ? 'X-RAY DIFFRACTION' 
f_dihedral_angle_d 365  18.227 ? ? ? 'X-RAY DIFFRACTION' 
# 
loop_
_refine_ls_shell.d_res_high 
_refine_ls_shell.d_res_low 
_refine_ls_shell.pdbx_total_number_of_bins_used 
_refine_ls_shell.percent_reflns_obs 
_refine_ls_shell.number_reflns_R_work 
_refine_ls_shell.R_factor_all 
_refine_ls_shell.R_factor_R_work 
_refine_ls_shell.R_factor_R_free 
_refine_ls_shell.percent_reflns_R_free 
_refine_ls_shell.number_reflns_R_free 
_refine_ls_shell.R_factor_R_free_error 
_refine_ls_shell.number_reflns_all 
_refine_ls_shell.number_reflns_obs 
_refine_ls_shell.redundancy_reflns_obs 
_refine_ls_shell.pdbx_refine_id 
1.85   1.9925  5 75.0000  2191 . 0.2236 0.2752 . 118 . 2309 2191 . 'X-RAY DIFFRACTION' 
1.9925 2.1930  5 92.0000  2646 . 0.1747 0.2243 . 160 . 2806 2646 . 'X-RAY DIFFRACTION' 
2.1930 2.5103  5 97.0000  2825 . 0.1659 0.2111 . 153 . 2978 2825 . 'X-RAY DIFFRACTION' 
2.5103 3.1625  5 98.0000  2927 . 0.1629 0.1900 . 140 . 3067 2927 . 'X-RAY DIFFRACTION' 
3.1625 41.6560 5 100.0000 3039 . 0.1656 0.1831 . 151 . 3190 3039 . 'X-RAY DIFFRACTION' 
# 
_struct.entry_id                  3R5P 
_struct.title                     
;Structure of Ddn, the Deazaflavin-dependent nitroreductase from Mycobacterium tuberculosis involved in bioreductive activation of PA-824
;
_struct.pdbx_model_details        ? 
_struct.pdbx_CASP_flag            ? 
_struct.pdbx_model_type_details   ? 
# 
_struct_keywords.entry_id        3R5P 
_struct_keywords.text            
'PA-824, split barrel-like fold, DUF385, Deazaflavin-dependent nitroreductase, nitroimidazoles, OXIDOREDUCTASE' 
_struct_keywords.pdbx_keywords   OXIDOREDUCTASE 
# 
loop_
_struct_asym.id 
_struct_asym.pdbx_blank_PDB_chainid_flag 
_struct_asym.pdbx_modified 
_struct_asym.entity_id 
_struct_asym.details 
A N N 1 ? 
B N N 2 ? 
C N N 2 ? 
D N N 3 ? 
# 
_struct_ref.id                         1 
_struct_ref.db_name                    UNP 
_struct_ref.db_code                    DDN_MYCTU 
_struct_ref.pdbx_db_accession          P71854 
_struct_ref.entity_id                  1 
_struct_ref.pdbx_seq_one_letter_code   
;GEGLGGTFQKIPVALLTTTGRKTGQPRVNPLYFLRDGGRVIVAASKGGAEKNPMWYLNLKANPKVQVQIKKEVLDLTARD
ATDEERAEYWPQLVTMYPSYQDYQSWTDRTIPIVVCEP
;
_struct_ref.pdbx_align_begin           34 
_struct_ref.pdbx_db_isoform            ? 
# 
_struct_ref_seq.align_id                      1 
_struct_ref_seq.ref_id                        1 
_struct_ref_seq.pdbx_PDB_id_code              3R5P 
_struct_ref_seq.pdbx_strand_id                A 
_struct_ref_seq.seq_align_beg                 1 
_struct_ref_seq.pdbx_seq_align_beg_ins_code   ? 
_struct_ref_seq.seq_align_end                 118 
_struct_ref_seq.pdbx_seq_align_end_ins_code   ? 
_struct_ref_seq.pdbx_db_accession             P71854 
_struct_ref_seq.db_align_beg                  34 
_struct_ref_seq.pdbx_db_align_beg_ins_code    ? 
_struct_ref_seq.db_align_end                  151 
_struct_ref_seq.pdbx_db_align_end_ins_code    ? 
_struct_ref_seq.pdbx_auth_seq_align_beg       34 
_struct_ref_seq.pdbx_auth_seq_align_end       151 
# 
_pdbx_struct_assembly.id                   1 
_pdbx_struct_assembly.details              author_and_software_defined_assembly 
_pdbx_struct_assembly.method_details       PISA 
_pdbx_struct_assembly.oligomeric_details   monomeric 
_pdbx_struct_assembly.oligomeric_count     1 
# 
_pdbx_struct_assembly_gen.assembly_id       1 
_pdbx_struct_assembly_gen.oper_expression   1 
_pdbx_struct_assembly_gen.asym_id_list      A,B,C,D 
# 
_pdbx_struct_oper_list.id                   1 
_pdbx_struct_oper_list.type                 'identity operation' 
_pdbx_struct_oper_list.name                 1_555 
_pdbx_struct_oper_list.symmetry_operation   x,y,z 
_pdbx_struct_oper_list.matrix[1][1]         1.0000000000 
_pdbx_struct_oper_list.matrix[1][2]         0.0000000000 
_pdbx_struct_oper_list.matrix[1][3]         0.0000000000 
_pdbx_struct_oper_list.vector[1]            0.0000000000 
_pdbx_struct_oper_list.matrix[2][1]         0.0000000000 
_pdbx_struct_oper_list.matrix[2][2]         1.0000000000 
_pdbx_struct_oper_list.matrix[2][3]         0.0000000000 
_pdbx_struct_oper_list.vector[2]            0.0000000000 
_pdbx_struct_oper_list.matrix[3][1]         0.0000000000 
_pdbx_struct_oper_list.matrix[3][2]         0.0000000000 
_pdbx_struct_oper_list.matrix[3][3]         1.0000000000 
_pdbx_struct_oper_list.vector[3]            0.0000000000 
# 
_struct_biol.id        1 
_struct_biol.details   'AUTHORS STATE THAT THE BIOLOGICAL ASSEMBLY IS UNKNOWN.' 
# 
loop_
_struct_conf.conf_type_id 
_struct_conf.id 
_struct_conf.pdbx_PDB_helix_id 
_struct_conf.beg_label_comp_id 
_struct_conf.beg_label_asym_id 
_struct_conf.beg_label_seq_id 
_struct_conf.pdbx_beg_PDB_ins_code 
_struct_conf.end_label_comp_id 
_struct_conf.end_label_asym_id 
_struct_conf.end_label_seq_id 
_struct_conf.pdbx_end_PDB_ins_code 
_struct_conf.beg_auth_comp_id 
_struct_conf.beg_auth_asym_id 
_struct_conf.beg_auth_seq_id 
_struct_conf.end_auth_comp_id 
_struct_conf.end_auth_asym_id 
_struct_conf.end_auth_seq_id 
_struct_conf.pdbx_PDB_helix_class 
_struct_conf.details 
_struct_conf.pdbx_PDB_helix_length 
HELX_P HELX_P1 1 PRO A 53  ? ASN A 62  ? PRO A 86  ASN A 95  1 ? 10 
HELX_P HELX_P2 2 THR A 82  ? TYR A 97  ? THR A 115 TYR A 130 1 ? 16 
HELX_P HELX_P3 3 PRO A 98  ? TYR A 103 ? PRO A 131 TYR A 136 5 ? 6  
HELX_P HELX_P4 4 GLN A 104 ? THR A 110 ? GLN A 137 THR A 143 1 ? 7  
# 
_struct_conf_type.id          HELX_P 
_struct_conf_type.criteria    ? 
_struct_conf_type.reference   ? 
# 
loop_
_struct_conn.id 
_struct_conn.conn_type_id 
_struct_conn.pdbx_leaving_atom_flag 
_struct_conn.pdbx_PDB_id 
_struct_conn.ptnr1_label_asym_id 
_struct_conn.ptnr1_label_comp_id 
_struct_conn.ptnr1_label_seq_id 
_struct_conn.ptnr1_label_atom_id 
_struct_conn.pdbx_ptnr1_label_alt_id 
_struct_conn.pdbx_ptnr1_PDB_ins_code 
_struct_conn.pdbx_ptnr1_standard_comp_id 
_struct_conn.ptnr1_symmetry 
_struct_conn.ptnr2_label_asym_id 
_struct_conn.ptnr2_label_comp_id 
_struct_conn.ptnr2_label_seq_id 
_struct_conn.ptnr2_label_atom_id 
_struct_conn.pdbx_ptnr2_label_alt_id 
_struct_conn.pdbx_ptnr2_PDB_ins_code 
_struct_conn.ptnr1_auth_asym_id 
_struct_conn.ptnr1_auth_comp_id 
_struct_conn.ptnr1_auth_seq_id 
_struct_conn.ptnr2_auth_asym_id 
_struct_conn.ptnr2_auth_comp_id 
_struct_conn.ptnr2_auth_seq_id 
_struct_conn.ptnr2_symmetry 
_struct_conn.pdbx_ptnr3_label_atom_id 
_struct_conn.pdbx_ptnr3_label_seq_id 
_struct_conn.pdbx_ptnr3_label_comp_id 
_struct_conn.pdbx_ptnr3_label_asym_id 
_struct_conn.pdbx_ptnr3_label_alt_id 
_struct_conn.pdbx_ptnr3_PDB_ins_code 
_struct_conn.details 
_struct_conn.pdbx_dist_value 
_struct_conn.pdbx_value_order 
_struct_conn.pdbx_role 
covale1 covale both ? A PRO 53 C ? ? ? 1_555 A MSE 54 N ? ? A PRO 86  A MSE 87  1_555 ? ? ? ? ? ? ? 1.323 ? ? 
covale2 covale both ? A MSE 54 C ? ? ? 1_555 A TRP 55 N ? ? A MSE 87  A TRP 88  1_555 ? ? ? ? ? ? ? 1.335 ? ? 
covale3 covale both ? A THR 95 C ? ? ? 1_555 A MSE 96 N ? ? A THR 128 A MSE 129 1_555 ? ? ? ? ? ? ? 1.316 ? ? 
covale4 covale both ? A MSE 96 C ? ? ? 1_555 A TYR 97 N ? ? A MSE 129 A TYR 130 1_555 ? ? ? ? ? ? ? 1.334 ? ? 
# 
_struct_conn_type.id          covale 
_struct_conn_type.criteria    ? 
_struct_conn_type.reference   ? 
# 
loop_
_pdbx_modification_feature.ordinal 
_pdbx_modification_feature.label_comp_id 
_pdbx_modification_feature.label_asym_id 
_pdbx_modification_feature.label_seq_id 
_pdbx_modification_feature.label_alt_id 
_pdbx_modification_feature.modified_residue_label_comp_id 
_pdbx_modification_feature.modified_residue_label_asym_id 
_pdbx_modification_feature.modified_residue_label_seq_id 
_pdbx_modification_feature.modified_residue_label_alt_id 
_pdbx_modification_feature.auth_comp_id 
_pdbx_modification_feature.auth_asym_id 
_pdbx_modification_feature.auth_seq_id 
_pdbx_modification_feature.PDB_ins_code 
_pdbx_modification_feature.symmetry 
_pdbx_modification_feature.modified_residue_auth_comp_id 
_pdbx_modification_feature.modified_residue_auth_asym_id 
_pdbx_modification_feature.modified_residue_auth_seq_id 
_pdbx_modification_feature.modified_residue_PDB_ins_code 
_pdbx_modification_feature.modified_residue_symmetry 
_pdbx_modification_feature.comp_id_linking_atom 
_pdbx_modification_feature.modified_residue_id_linking_atom 
_pdbx_modification_feature.modified_residue_id 
_pdbx_modification_feature.ref_pcm_id 
_pdbx_modification_feature.ref_comp_id 
_pdbx_modification_feature.type 
_pdbx_modification_feature.category 
1 MSE A 54 ? . . . . MSE A 87  ? 1_555 . . . . . . . MET 1 MSE Selenomethionine 'Named protein modification' 
2 MSE A 96 ? . . . . MSE A 129 ? 1_555 . . . . . . . MET 1 MSE Selenomethionine 'Named protein modification' 
# 
_struct_sheet.id               A 
_struct_sheet.type             ? 
_struct_sheet.number_strands   7 
_struct_sheet.details          ? 
# 
loop_
_struct_sheet_order.sheet_id 
_struct_sheet_order.range_id_1 
_struct_sheet_order.range_id_2 
_struct_sheet_order.offset 
_struct_sheet_order.sense 
A 1 2 ? anti-parallel 
A 2 3 ? anti-parallel 
A 3 4 ? anti-parallel 
A 4 5 ? anti-parallel 
A 5 6 ? anti-parallel 
A 6 7 ? anti-parallel 
# 
loop_
_struct_sheet_range.sheet_id 
_struct_sheet_range.id 
_struct_sheet_range.beg_label_comp_id 
_struct_sheet_range.beg_label_asym_id 
_struct_sheet_range.beg_label_seq_id 
_struct_sheet_range.pdbx_beg_PDB_ins_code 
_struct_sheet_range.end_label_comp_id 
_struct_sheet_range.end_label_asym_id 
_struct_sheet_range.end_label_seq_id 
_struct_sheet_range.pdbx_end_PDB_ins_code 
_struct_sheet_range.beg_auth_comp_id 
_struct_sheet_range.beg_auth_asym_id 
_struct_sheet_range.beg_auth_seq_id 
_struct_sheet_range.end_auth_comp_id 
_struct_sheet_range.end_auth_asym_id 
_struct_sheet_range.end_auth_seq_id 
A 1 ALA A 14  ? THR A 19  ? ALA A 47  THR A 52  
A 2 PRO A 26  ? ASP A 36  ? PRO A 59  ASP A 69  
A 3 ARG A 39  ? ALA A 43  ? ARG A 72  ALA A 76  
A 4 ILE A 113 ? GLU A 117 ? ILE A 146 GLU A 150 
A 5 GLU A 72  ? ASP A 80  ? GLU A 105 ASP A 113 
A 6 LYS A 64  ? ILE A 69  ? LYS A 97  ILE A 102 
A 7 ALA A 14  ? THR A 19  ? ALA A 47  THR A 52  
# 
loop_
_pdbx_struct_sheet_hbond.sheet_id 
_pdbx_struct_sheet_hbond.range_id_1 
_pdbx_struct_sheet_hbond.range_id_2 
_pdbx_struct_sheet_hbond.range_1_label_atom_id 
_pdbx_struct_sheet_hbond.range_1_label_comp_id 
_pdbx_struct_sheet_hbond.range_1_label_asym_id 
_pdbx_struct_sheet_hbond.range_1_label_seq_id 
_pdbx_struct_sheet_hbond.range_1_PDB_ins_code 
_pdbx_struct_sheet_hbond.range_1_auth_atom_id 
_pdbx_struct_sheet_hbond.range_1_auth_comp_id 
_pdbx_struct_sheet_hbond.range_1_auth_asym_id 
_pdbx_struct_sheet_hbond.range_1_auth_seq_id 
_pdbx_struct_sheet_hbond.range_2_label_atom_id 
_pdbx_struct_sheet_hbond.range_2_label_comp_id 
_pdbx_struct_sheet_hbond.range_2_label_asym_id 
_pdbx_struct_sheet_hbond.range_2_label_seq_id 
_pdbx_struct_sheet_hbond.range_2_PDB_ins_code 
_pdbx_struct_sheet_hbond.range_2_auth_atom_id 
_pdbx_struct_sheet_hbond.range_2_auth_comp_id 
_pdbx_struct_sheet_hbond.range_2_auth_asym_id 
_pdbx_struct_sheet_hbond.range_2_auth_seq_id 
A 1 2 N ALA A 14  ? N ALA A 47  O LEU A 31  ? O LEU A 64  
A 2 3 N LEU A 34  ? N LEU A 67  O ILE A 41  ? O ILE A 74  
A 3 4 N VAL A 40  ? N VAL A 73  O CYS A 116 ? O CYS A 149 
A 4 5 O VAL A 115 ? O VAL A 148 N ARG A 79  ? N ARG A 112 
A 5 6 O LEU A 74  ? O LEU A 107 N VAL A 67  ? N VAL A 100 
A 6 7 O GLN A 66  ? O GLN A 99  N THR A 17  ? N THR A 50  
# 
loop_
_struct_site.id 
_struct_site.pdbx_evidence_code 
_struct_site.pdbx_auth_asym_id 
_struct_site.pdbx_auth_comp_id 
_struct_site.pdbx_auth_seq_id 
_struct_site.pdbx_auth_ins_code 
_struct_site.pdbx_num_residues 
_struct_site.details 
AC1 Software A SO4 201 ? 6 'BINDING SITE FOR RESIDUE SO4 A 201' 
AC2 Software A SO4 202 ? 4 'BINDING SITE FOR RESIDUE SO4 A 202' 
# 
loop_
_struct_site_gen.id 
_struct_site_gen.site_id 
_struct_site_gen.pdbx_num_res 
_struct_site_gen.label_comp_id 
_struct_site_gen.label_asym_id 
_struct_site_gen.label_seq_id 
_struct_site_gen.pdbx_auth_ins_code 
_struct_site_gen.auth_comp_id 
_struct_site_gen.auth_asym_id 
_struct_site_gen.auth_seq_id 
_struct_site_gen.label_atom_id 
_struct_site_gen.label_alt_id 
_struct_site_gen.symmetry 
_struct_site_gen.details 
1  AC1 6 GLY A 20 ? GLY A 53  . ? 1_555 ? 
2  AC1 6 ARG A 21 ? ARG A 54  . ? 1_555 ? 
3  AC1 6 LYS A 22 ? LYS A 55  . ? 1_555 ? 
4  AC1 6 THR A 23 ? THR A 56  . ? 1_555 ? 
5  AC1 6 ARG A 27 ? ARG A 60  . ? 1_555 ? 
6  AC1 6 HOH D .  ? HOH A 403 . ? 1_555 ? 
7  AC2 4 ASN A 29 ? ASN A 62  . ? 1_555 ? 
8  AC2 4 PRO A 53 ? PRO A 86  . ? 1_555 ? 
9  AC2 4 MSE A 54 ? MSE A 87  . ? 1_555 ? 
10 AC2 4 TRP A 55 ? TRP A 88  . ? 1_555 ? 
# 
_pdbx_entry_details.entry_id                   3R5P 
_pdbx_entry_details.compound_details           ? 
_pdbx_entry_details.source_details             ? 
_pdbx_entry_details.nonpolymer_details         ? 
_pdbx_entry_details.sequence_details           ? 
_pdbx_entry_details.has_ligand_of_interest     ? 
_pdbx_entry_details.has_protein_modification   Y 
# 
_pdbx_validate_torsion.id              1 
_pdbx_validate_torsion.PDB_model_num   1 
_pdbx_validate_torsion.auth_comp_id    LYS 
_pdbx_validate_torsion.auth_asym_id    A 
_pdbx_validate_torsion.auth_seq_id     103 
_pdbx_validate_torsion.PDB_ins_code    ? 
_pdbx_validate_torsion.label_alt_id    ? 
_pdbx_validate_torsion.phi             55.53 
_pdbx_validate_torsion.psi             -119.79 
# 
loop_
_pdbx_struct_mod_residue.id 
_pdbx_struct_mod_residue.label_asym_id 
_pdbx_struct_mod_residue.label_comp_id 
_pdbx_struct_mod_residue.label_seq_id 
_pdbx_struct_mod_residue.auth_asym_id 
_pdbx_struct_mod_residue.auth_comp_id 
_pdbx_struct_mod_residue.auth_seq_id 
_pdbx_struct_mod_residue.PDB_ins_code 
_pdbx_struct_mod_residue.parent_comp_id 
_pdbx_struct_mod_residue.details 
1 A MSE 54 A MSE 87  ? MET SELENOMETHIONINE 
2 A MSE 96 A MSE 129 ? MET SELENOMETHIONINE 
# 
_diffrn_reflns.diffrn_id                   1 
_diffrn_reflns.pdbx_d_res_high             1.750 
_diffrn_reflns.pdbx_d_res_low              50.000 
_diffrn_reflns.pdbx_number_obs             16598 
_diffrn_reflns.pdbx_Rmerge_I_obs           0.116 
_diffrn_reflns.pdbx_Rsym_value             ? 
_diffrn_reflns.pdbx_chi_squared            0.87 
_diffrn_reflns.av_sigmaI_over_netI         12.36 
_diffrn_reflns.pdbx_redundancy             4.90 
_diffrn_reflns.pdbx_percent_possible_obs   90.50 
_diffrn_reflns.number                      82014 
_diffrn_reflns.pdbx_observed_criterion     ? 
_diffrn_reflns.limit_h_max                 ? 
_diffrn_reflns.limit_h_min                 ? 
_diffrn_reflns.limit_k_max                 ? 
_diffrn_reflns.limit_k_min                 ? 
_diffrn_reflns.limit_l_max                 ? 
_diffrn_reflns.limit_l_min                 ? 
# 
loop_
_pdbx_diffrn_reflns_shell.diffrn_id 
_pdbx_diffrn_reflns_shell.d_res_high 
_pdbx_diffrn_reflns_shell.d_res_low 
_pdbx_diffrn_reflns_shell.number_obs 
_pdbx_diffrn_reflns_shell.rejects 
_pdbx_diffrn_reflns_shell.Rmerge_I_obs 
_pdbx_diffrn_reflns_shell.Rsym_value 
_pdbx_diffrn_reflns_shell.chi_squared 
_pdbx_diffrn_reflns_shell.redundancy 
_pdbx_diffrn_reflns_shell.percent_possible_obs 
1 4.75 50.00 ? ? 0.040 ? 1.233 5.30 100.00 
1 3.77 4.75  ? ? 0.052 ? 1.500 5.30 100.00 
1 3.29 3.77  ? ? 0.085 ? 1.951 5.30 100.00 
1 2.99 3.29  ? ? 0.097 ? 1.467 5.50 100.00 
1 2.78 2.99  ? ? 0.113 ? 0.870 5.50 100.00 
1 2.61 2.78  ? ? 0.135 ? 0.728 5.50 100.00 
1 2.48 2.61  ? ? 0.154 ? 0.698 5.50 100.00 
1 2.38 2.48  ? ? 0.190 ? 0.690 5.50 100.00 
1 2.28 2.38  ? ? 0.242 ? 0.670 5.50 100.00 
1 2.20 2.28  ? ? 0.256 ? 0.676 5.50 100.00 
1 2.14 2.20  ? ? 0.300 ? 0.645 5.50 100.00 
1 2.07 2.14  ? ? 0.340 ? 0.613 5.40 100.00 
1 2.02 2.07  ? ? 0.404 ? 0.573 5.20 100.00 
1 1.97 2.02  ? ? 0.468 ? 0.559 4.70 99.80  
1 1.93 1.97  ? ? 0.506 ? 0.539 4.20 96.60  
1 1.89 1.93  ? ? 0.541 ? 0.547 3.70 89.30  
1 1.85 1.89  ? ? 0.593 ? 0.524 3.40 75.50  
1 1.81 1.85  ? ? 0.849 ? 0.466 3.10 63.20  
1 1.78 1.81  ? ? 0.826 ? 0.449 2.70 47.20  
1 1.75 1.78  ? ? ?     ? 0.479 2.10 37.20  
# 
_pdbx_phasing_MR.entry_id                     3R5P 
_pdbx_phasing_MR.method_rotation              ? 
_pdbx_phasing_MR.method_translation           ? 
_pdbx_phasing_MR.model_details                'Phaser MODE: MR_AUTO' 
_pdbx_phasing_MR.R_factor                     46.660 
_pdbx_phasing_MR.R_rigid_body                 ? 
_pdbx_phasing_MR.correlation_coeff_Fo_to_Fc   ? 
_pdbx_phasing_MR.correlation_coeff_Io_to_Ic   ? 
_pdbx_phasing_MR.d_res_high_rotation          2.500 
_pdbx_phasing_MR.d_res_low_rotation           48.090 
_pdbx_phasing_MR.d_res_high_translation       2.500 
_pdbx_phasing_MR.d_res_low_translation        48.090 
_pdbx_phasing_MR.packing                      ? 
_pdbx_phasing_MR.reflns_percent_rotation      ? 
_pdbx_phasing_MR.reflns_percent_translation   ? 
_pdbx_phasing_MR.sigma_F_rotation             ? 
_pdbx_phasing_MR.sigma_F_translation          ? 
_pdbx_phasing_MR.sigma_I_rotation             ? 
_pdbx_phasing_MR.sigma_I_translation          ? 
# 
_phasing.method   MR 
# 
loop_
_pdbx_unobs_or_zero_occ_residues.id 
_pdbx_unobs_or_zero_occ_residues.PDB_model_num 
_pdbx_unobs_or_zero_occ_residues.polymer_flag 
_pdbx_unobs_or_zero_occ_residues.occupancy_flag 
_pdbx_unobs_or_zero_occ_residues.auth_asym_id 
_pdbx_unobs_or_zero_occ_residues.auth_comp_id 
_pdbx_unobs_or_zero_occ_residues.auth_seq_id 
_pdbx_unobs_or_zero_occ_residues.PDB_ins_code 
_pdbx_unobs_or_zero_occ_residues.label_asym_id 
_pdbx_unobs_or_zero_occ_residues.label_comp_id 
_pdbx_unobs_or_zero_occ_residues.label_seq_id 
1 1 Y 1 A GLY 34 ? A GLY 1 
2 1 Y 1 A GLU 35 ? A GLU 2 
3 1 Y 1 A GLY 36 ? A GLY 3 
4 1 Y 1 A LEU 37 ? A LEU 4 
5 1 Y 1 A GLY 38 ? A GLY 5 
# 
loop_
_chem_comp_atom.comp_id 
_chem_comp_atom.atom_id 
_chem_comp_atom.type_symbol 
_chem_comp_atom.pdbx_aromatic_flag 
_chem_comp_atom.pdbx_stereo_config 
_chem_comp_atom.pdbx_ordinal 
ALA N    N  N N 1   
ALA CA   C  N S 2   
ALA C    C  N N 3   
ALA O    O  N N 4   
ALA CB   C  N N 5   
ALA OXT  O  N N 6   
ALA H    H  N N 7   
ALA H2   H  N N 8   
ALA HA   H  N N 9   
ALA HB1  H  N N 10  
ALA HB2  H  N N 11  
ALA HB3  H  N N 12  
ALA HXT  H  N N 13  
ARG N    N  N N 14  
ARG CA   C  N S 15  
ARG C    C  N N 16  
ARG O    O  N N 17  
ARG CB   C  N N 18  
ARG CG   C  N N 19  
ARG CD   C  N N 20  
ARG NE   N  N N 21  
ARG CZ   C  N N 22  
ARG NH1  N  N N 23  
ARG NH2  N  N N 24  
ARG OXT  O  N N 25  
ARG H    H  N N 26  
ARG H2   H  N N 27  
ARG HA   H  N N 28  
ARG HB2  H  N N 29  
ARG HB3  H  N N 30  
ARG HG2  H  N N 31  
ARG HG3  H  N N 32  
ARG HD2  H  N N 33  
ARG HD3  H  N N 34  
ARG HE   H  N N 35  
ARG HH11 H  N N 36  
ARG HH12 H  N N 37  
ARG HH21 H  N N 38  
ARG HH22 H  N N 39  
ARG HXT  H  N N 40  
ASN N    N  N N 41  
ASN CA   C  N S 42  
ASN C    C  N N 43  
ASN O    O  N N 44  
ASN CB   C  N N 45  
ASN CG   C  N N 46  
ASN OD1  O  N N 47  
ASN ND2  N  N N 48  
ASN OXT  O  N N 49  
ASN H    H  N N 50  
ASN H2   H  N N 51  
ASN HA   H  N N 52  
ASN HB2  H  N N 53  
ASN HB3  H  N N 54  
ASN HD21 H  N N 55  
ASN HD22 H  N N 56  
ASN HXT  H  N N 57  
ASP N    N  N N 58  
ASP CA   C  N S 59  
ASP C    C  N N 60  
ASP O    O  N N 61  
ASP CB   C  N N 62  
ASP CG   C  N N 63  
ASP OD1  O  N N 64  
ASP OD2  O  N N 65  
ASP OXT  O  N N 66  
ASP H    H  N N 67  
ASP H2   H  N N 68  
ASP HA   H  N N 69  
ASP HB2  H  N N 70  
ASP HB3  H  N N 71  
ASP HD2  H  N N 72  
ASP HXT  H  N N 73  
CYS N    N  N N 74  
CYS CA   C  N R 75  
CYS C    C  N N 76  
CYS O    O  N N 77  
CYS CB   C  N N 78  
CYS SG   S  N N 79  
CYS OXT  O  N N 80  
CYS H    H  N N 81  
CYS H2   H  N N 82  
CYS HA   H  N N 83  
CYS HB2  H  N N 84  
CYS HB3  H  N N 85  
CYS HG   H  N N 86  
CYS HXT  H  N N 87  
GLN N    N  N N 88  
GLN CA   C  N S 89  
GLN C    C  N N 90  
GLN O    O  N N 91  
GLN CB   C  N N 92  
GLN CG   C  N N 93  
GLN CD   C  N N 94  
GLN OE1  O  N N 95  
GLN NE2  N  N N 96  
GLN OXT  O  N N 97  
GLN H    H  N N 98  
GLN H2   H  N N 99  
GLN HA   H  N N 100 
GLN HB2  H  N N 101 
GLN HB3  H  N N 102 
GLN HG2  H  N N 103 
GLN HG3  H  N N 104 
GLN HE21 H  N N 105 
GLN HE22 H  N N 106 
GLN HXT  H  N N 107 
GLU N    N  N N 108 
GLU CA   C  N S 109 
GLU C    C  N N 110 
GLU O    O  N N 111 
GLU CB   C  N N 112 
GLU CG   C  N N 113 
GLU CD   C  N N 114 
GLU OE1  O  N N 115 
GLU OE2  O  N N 116 
GLU OXT  O  N N 117 
GLU H    H  N N 118 
GLU H2   H  N N 119 
GLU HA   H  N N 120 
GLU HB2  H  N N 121 
GLU HB3  H  N N 122 
GLU HG2  H  N N 123 
GLU HG3  H  N N 124 
GLU HE2  H  N N 125 
GLU HXT  H  N N 126 
GLY N    N  N N 127 
GLY CA   C  N N 128 
GLY C    C  N N 129 
GLY O    O  N N 130 
GLY OXT  O  N N 131 
GLY H    H  N N 132 
GLY H2   H  N N 133 
GLY HA2  H  N N 134 
GLY HA3  H  N N 135 
GLY HXT  H  N N 136 
HOH O    O  N N 137 
HOH H1   H  N N 138 
HOH H2   H  N N 139 
ILE N    N  N N 140 
ILE CA   C  N S 141 
ILE C    C  N N 142 
ILE O    O  N N 143 
ILE CB   C  N S 144 
ILE CG1  C  N N 145 
ILE CG2  C  N N 146 
ILE CD1  C  N N 147 
ILE OXT  O  N N 148 
ILE H    H  N N 149 
ILE H2   H  N N 150 
ILE HA   H  N N 151 
ILE HB   H  N N 152 
ILE HG12 H  N N 153 
ILE HG13 H  N N 154 
ILE HG21 H  N N 155 
ILE HG22 H  N N 156 
ILE HG23 H  N N 157 
ILE HD11 H  N N 158 
ILE HD12 H  N N 159 
ILE HD13 H  N N 160 
ILE HXT  H  N N 161 
LEU N    N  N N 162 
LEU CA   C  N S 163 
LEU C    C  N N 164 
LEU O    O  N N 165 
LEU CB   C  N N 166 
LEU CG   C  N N 167 
LEU CD1  C  N N 168 
LEU CD2  C  N N 169 
LEU OXT  O  N N 170 
LEU H    H  N N 171 
LEU H2   H  N N 172 
LEU HA   H  N N 173 
LEU HB2  H  N N 174 
LEU HB3  H  N N 175 
LEU HG   H  N N 176 
LEU HD11 H  N N 177 
LEU HD12 H  N N 178 
LEU HD13 H  N N 179 
LEU HD21 H  N N 180 
LEU HD22 H  N N 181 
LEU HD23 H  N N 182 
LEU HXT  H  N N 183 
LYS N    N  N N 184 
LYS CA   C  N S 185 
LYS C    C  N N 186 
LYS O    O  N N 187 
LYS CB   C  N N 188 
LYS CG   C  N N 189 
LYS CD   C  N N 190 
LYS CE   C  N N 191 
LYS NZ   N  N N 192 
LYS OXT  O  N N 193 
LYS H    H  N N 194 
LYS H2   H  N N 195 
LYS HA   H  N N 196 
LYS HB2  H  N N 197 
LYS HB3  H  N N 198 
LYS HG2  H  N N 199 
LYS HG3  H  N N 200 
LYS HD2  H  N N 201 
LYS HD3  H  N N 202 
LYS HE2  H  N N 203 
LYS HE3  H  N N 204 
LYS HZ1  H  N N 205 
LYS HZ2  H  N N 206 
LYS HZ3  H  N N 207 
LYS HXT  H  N N 208 
MSE N    N  N N 209 
MSE CA   C  N S 210 
MSE C    C  N N 211 
MSE O    O  N N 212 
MSE OXT  O  N N 213 
MSE CB   C  N N 214 
MSE CG   C  N N 215 
MSE SE   SE N N 216 
MSE CE   C  N N 217 
MSE H    H  N N 218 
MSE H2   H  N N 219 
MSE HA   H  N N 220 
MSE HXT  H  N N 221 
MSE HB2  H  N N 222 
MSE HB3  H  N N 223 
MSE HG2  H  N N 224 
MSE HG3  H  N N 225 
MSE HE1  H  N N 226 
MSE HE2  H  N N 227 
MSE HE3  H  N N 228 
PHE N    N  N N 229 
PHE CA   C  N S 230 
PHE C    C  N N 231 
PHE O    O  N N 232 
PHE CB   C  N N 233 
PHE CG   C  Y N 234 
PHE CD1  C  Y N 235 
PHE CD2  C  Y N 236 
PHE CE1  C  Y N 237 
PHE CE2  C  Y N 238 
PHE CZ   C  Y N 239 
PHE OXT  O  N N 240 
PHE H    H  N N 241 
PHE H2   H  N N 242 
PHE HA   H  N N 243 
PHE HB2  H  N N 244 
PHE HB3  H  N N 245 
PHE HD1  H  N N 246 
PHE HD2  H  N N 247 
PHE HE1  H  N N 248 
PHE HE2  H  N N 249 
PHE HZ   H  N N 250 
PHE HXT  H  N N 251 
PRO N    N  N N 252 
PRO CA   C  N S 253 
PRO C    C  N N 254 
PRO O    O  N N 255 
PRO CB   C  N N 256 
PRO CG   C  N N 257 
PRO CD   C  N N 258 
PRO OXT  O  N N 259 
PRO H    H  N N 260 
PRO HA   H  N N 261 
PRO HB2  H  N N 262 
PRO HB3  H  N N 263 
PRO HG2  H  N N 264 
PRO HG3  H  N N 265 
PRO HD2  H  N N 266 
PRO HD3  H  N N 267 
PRO HXT  H  N N 268 
SER N    N  N N 269 
SER CA   C  N S 270 
SER C    C  N N 271 
SER O    O  N N 272 
SER CB   C  N N 273 
SER OG   O  N N 274 
SER OXT  O  N N 275 
SER H    H  N N 276 
SER H2   H  N N 277 
SER HA   H  N N 278 
SER HB2  H  N N 279 
SER HB3  H  N N 280 
SER HG   H  N N 281 
SER HXT  H  N N 282 
SO4 S    S  N N 283 
SO4 O1   O  N N 284 
SO4 O2   O  N N 285 
SO4 O3   O  N N 286 
SO4 O4   O  N N 287 
THR N    N  N N 288 
THR CA   C  N S 289 
THR C    C  N N 290 
THR O    O  N N 291 
THR CB   C  N R 292 
THR OG1  O  N N 293 
THR CG2  C  N N 294 
THR OXT  O  N N 295 
THR H    H  N N 296 
THR H2   H  N N 297 
THR HA   H  N N 298 
THR HB   H  N N 299 
THR HG1  H  N N 300 
THR HG21 H  N N 301 
THR HG22 H  N N 302 
THR HG23 H  N N 303 
THR HXT  H  N N 304 
TRP N    N  N N 305 
TRP CA   C  N S 306 
TRP C    C  N N 307 
TRP O    O  N N 308 
TRP CB   C  N N 309 
TRP CG   C  Y N 310 
TRP CD1  C  Y N 311 
TRP CD2  C  Y N 312 
TRP NE1  N  Y N 313 
TRP CE2  C  Y N 314 
TRP CE3  C  Y N 315 
TRP CZ2  C  Y N 316 
TRP CZ3  C  Y N 317 
TRP CH2  C  Y N 318 
TRP OXT  O  N N 319 
TRP H    H  N N 320 
TRP H2   H  N N 321 
TRP HA   H  N N 322 
TRP HB2  H  N N 323 
TRP HB3  H  N N 324 
TRP HD1  H  N N 325 
TRP HE1  H  N N 326 
TRP HE3  H  N N 327 
TRP HZ2  H  N N 328 
TRP HZ3  H  N N 329 
TRP HH2  H  N N 330 
TRP HXT  H  N N 331 
TYR N    N  N N 332 
TYR CA   C  N S 333 
TYR C    C  N N 334 
TYR O    O  N N 335 
TYR CB   C  N N 336 
TYR CG   C  Y N 337 
TYR CD1  C  Y N 338 
TYR CD2  C  Y N 339 
TYR CE1  C  Y N 340 
TYR CE2  C  Y N 341 
TYR CZ   C  Y N 342 
TYR OH   O  N N 343 
TYR OXT  O  N N 344 
TYR H    H  N N 345 
TYR H2   H  N N 346 
TYR HA   H  N N 347 
TYR HB2  H  N N 348 
TYR HB3  H  N N 349 
TYR HD1  H  N N 350 
TYR HD2  H  N N 351 
TYR HE1  H  N N 352 
TYR HE2  H  N N 353 
TYR HH   H  N N 354 
TYR HXT  H  N N 355 
VAL N    N  N N 356 
VAL CA   C  N S 357 
VAL C    C  N N 358 
VAL O    O  N N 359 
VAL CB   C  N N 360 
VAL CG1  C  N N 361 
VAL CG2  C  N N 362 
VAL OXT  O  N N 363 
VAL H    H  N N 364 
VAL H2   H  N N 365 
VAL HA   H  N N 366 
VAL HB   H  N N 367 
VAL HG11 H  N N 368 
VAL HG12 H  N N 369 
VAL HG13 H  N N 370 
VAL HG21 H  N N 371 
VAL HG22 H  N N 372 
VAL HG23 H  N N 373 
VAL HXT  H  N N 374 
# 
loop_
_chem_comp_bond.comp_id 
_chem_comp_bond.atom_id_1 
_chem_comp_bond.atom_id_2 
_chem_comp_bond.value_order 
_chem_comp_bond.pdbx_aromatic_flag 
_chem_comp_bond.pdbx_stereo_config 
_chem_comp_bond.pdbx_ordinal 
ALA N   CA   sing N N 1   
ALA N   H    sing N N 2   
ALA N   H2   sing N N 3   
ALA CA  C    sing N N 4   
ALA CA  CB   sing N N 5   
ALA CA  HA   sing N N 6   
ALA C   O    doub N N 7   
ALA C   OXT  sing N N 8   
ALA CB  HB1  sing N N 9   
ALA CB  HB2  sing N N 10  
ALA CB  HB3  sing N N 11  
ALA OXT HXT  sing N N 12  
ARG N   CA   sing N N 13  
ARG N   H    sing N N 14  
ARG N   H2   sing N N 15  
ARG CA  C    sing N N 16  
ARG CA  CB   sing N N 17  
ARG CA  HA   sing N N 18  
ARG C   O    doub N N 19  
ARG C   OXT  sing N N 20  
ARG CB  CG   sing N N 21  
ARG CB  HB2  sing N N 22  
ARG CB  HB3  sing N N 23  
ARG CG  CD   sing N N 24  
ARG CG  HG2  sing N N 25  
ARG CG  HG3  sing N N 26  
ARG CD  NE   sing N N 27  
ARG CD  HD2  sing N N 28  
ARG CD  HD3  sing N N 29  
ARG NE  CZ   sing N N 30  
ARG NE  HE   sing N N 31  
ARG CZ  NH1  sing N N 32  
ARG CZ  NH2  doub N N 33  
ARG NH1 HH11 sing N N 34  
ARG NH1 HH12 sing N N 35  
ARG NH2 HH21 sing N N 36  
ARG NH2 HH22 sing N N 37  
ARG OXT HXT  sing N N 38  
ASN N   CA   sing N N 39  
ASN N   H    sing N N 40  
ASN N   H2   sing N N 41  
ASN CA  C    sing N N 42  
ASN CA  CB   sing N N 43  
ASN CA  HA   sing N N 44  
ASN C   O    doub N N 45  
ASN C   OXT  sing N N 46  
ASN CB  CG   sing N N 47  
ASN CB  HB2  sing N N 48  
ASN CB  HB3  sing N N 49  
ASN CG  OD1  doub N N 50  
ASN CG  ND2  sing N N 51  
ASN ND2 HD21 sing N N 52  
ASN ND2 HD22 sing N N 53  
ASN OXT HXT  sing N N 54  
ASP N   CA   sing N N 55  
ASP N   H    sing N N 56  
ASP N   H2   sing N N 57  
ASP CA  C    sing N N 58  
ASP CA  CB   sing N N 59  
ASP CA  HA   sing N N 60  
ASP C   O    doub N N 61  
ASP C   OXT  sing N N 62  
ASP CB  CG   sing N N 63  
ASP CB  HB2  sing N N 64  
ASP CB  HB3  sing N N 65  
ASP CG  OD1  doub N N 66  
ASP CG  OD2  sing N N 67  
ASP OD2 HD2  sing N N 68  
ASP OXT HXT  sing N N 69  
CYS N   CA   sing N N 70  
CYS N   H    sing N N 71  
CYS N   H2   sing N N 72  
CYS CA  C    sing N N 73  
CYS CA  CB   sing N N 74  
CYS CA  HA   sing N N 75  
CYS C   O    doub N N 76  
CYS C   OXT  sing N N 77  
CYS CB  SG   sing N N 78  
CYS CB  HB2  sing N N 79  
CYS CB  HB3  sing N N 80  
CYS SG  HG   sing N N 81  
CYS OXT HXT  sing N N 82  
GLN N   CA   sing N N 83  
GLN N   H    sing N N 84  
GLN N   H2   sing N N 85  
GLN CA  C    sing N N 86  
GLN CA  CB   sing N N 87  
GLN CA  HA   sing N N 88  
GLN C   O    doub N N 89  
GLN C   OXT  sing N N 90  
GLN CB  CG   sing N N 91  
GLN CB  HB2  sing N N 92  
GLN CB  HB3  sing N N 93  
GLN CG  CD   sing N N 94  
GLN CG  HG2  sing N N 95  
GLN CG  HG3  sing N N 96  
GLN CD  OE1  doub N N 97  
GLN CD  NE2  sing N N 98  
GLN NE2 HE21 sing N N 99  
GLN NE2 HE22 sing N N 100 
GLN OXT HXT  sing N N 101 
GLU N   CA   sing N N 102 
GLU N   H    sing N N 103 
GLU N   H2   sing N N 104 
GLU CA  C    sing N N 105 
GLU CA  CB   sing N N 106 
GLU CA  HA   sing N N 107 
GLU C   O    doub N N 108 
GLU C   OXT  sing N N 109 
GLU CB  CG   sing N N 110 
GLU CB  HB2  sing N N 111 
GLU CB  HB3  sing N N 112 
GLU CG  CD   sing N N 113 
GLU CG  HG2  sing N N 114 
GLU CG  HG3  sing N N 115 
GLU CD  OE1  doub N N 116 
GLU CD  OE2  sing N N 117 
GLU OE2 HE2  sing N N 118 
GLU OXT HXT  sing N N 119 
GLY N   CA   sing N N 120 
GLY N   H    sing N N 121 
GLY N   H2   sing N N 122 
GLY CA  C    sing N N 123 
GLY CA  HA2  sing N N 124 
GLY CA  HA3  sing N N 125 
GLY C   O    doub N N 126 
GLY C   OXT  sing N N 127 
GLY OXT HXT  sing N N 128 
HOH O   H1   sing N N 129 
HOH O   H2   sing N N 130 
ILE N   CA   sing N N 131 
ILE N   H    sing N N 132 
ILE N   H2   sing N N 133 
ILE CA  C    sing N N 134 
ILE CA  CB   sing N N 135 
ILE CA  HA   sing N N 136 
ILE C   O    doub N N 137 
ILE C   OXT  sing N N 138 
ILE CB  CG1  sing N N 139 
ILE CB  CG2  sing N N 140 
ILE CB  HB   sing N N 141 
ILE CG1 CD1  sing N N 142 
ILE CG1 HG12 sing N N 143 
ILE CG1 HG13 sing N N 144 
ILE CG2 HG21 sing N N 145 
ILE CG2 HG22 sing N N 146 
ILE CG2 HG23 sing N N 147 
ILE CD1 HD11 sing N N 148 
ILE CD1 HD12 sing N N 149 
ILE CD1 HD13 sing N N 150 
ILE OXT HXT  sing N N 151 
LEU N   CA   sing N N 152 
LEU N   H    sing N N 153 
LEU N   H2   sing N N 154 
LEU CA  C    sing N N 155 
LEU CA  CB   sing N N 156 
LEU CA  HA   sing N N 157 
LEU C   O    doub N N 158 
LEU C   OXT  sing N N 159 
LEU CB  CG   sing N N 160 
LEU CB  HB2  sing N N 161 
LEU CB  HB3  sing N N 162 
LEU CG  CD1  sing N N 163 
LEU CG  CD2  sing N N 164 
LEU CG  HG   sing N N 165 
LEU CD1 HD11 sing N N 166 
LEU CD1 HD12 sing N N 167 
LEU CD1 HD13 sing N N 168 
LEU CD2 HD21 sing N N 169 
LEU CD2 HD22 sing N N 170 
LEU CD2 HD23 sing N N 171 
LEU OXT HXT  sing N N 172 
LYS N   CA   sing N N 173 
LYS N   H    sing N N 174 
LYS N   H2   sing N N 175 
LYS CA  C    sing N N 176 
LYS CA  CB   sing N N 177 
LYS CA  HA   sing N N 178 
LYS C   O    doub N N 179 
LYS C   OXT  sing N N 180 
LYS CB  CG   sing N N 181 
LYS CB  HB2  sing N N 182 
LYS CB  HB3  sing N N 183 
LYS CG  CD   sing N N 184 
LYS CG  HG2  sing N N 185 
LYS CG  HG3  sing N N 186 
LYS CD  CE   sing N N 187 
LYS CD  HD2  sing N N 188 
LYS CD  HD3  sing N N 189 
LYS CE  NZ   sing N N 190 
LYS CE  HE2  sing N N 191 
LYS CE  HE3  sing N N 192 
LYS NZ  HZ1  sing N N 193 
LYS NZ  HZ2  sing N N 194 
LYS NZ  HZ3  sing N N 195 
LYS OXT HXT  sing N N 196 
MSE N   CA   sing N N 197 
MSE N   H    sing N N 198 
MSE N   H2   sing N N 199 
MSE CA  C    sing N N 200 
MSE CA  CB   sing N N 201 
MSE CA  HA   sing N N 202 
MSE C   O    doub N N 203 
MSE C   OXT  sing N N 204 
MSE OXT HXT  sing N N 205 
MSE CB  CG   sing N N 206 
MSE CB  HB2  sing N N 207 
MSE CB  HB3  sing N N 208 
MSE CG  SE   sing N N 209 
MSE CG  HG2  sing N N 210 
MSE CG  HG3  sing N N 211 
MSE SE  CE   sing N N 212 
MSE CE  HE1  sing N N 213 
MSE CE  HE2  sing N N 214 
MSE CE  HE3  sing N N 215 
PHE N   CA   sing N N 216 
PHE N   H    sing N N 217 
PHE N   H2   sing N N 218 
PHE CA  C    sing N N 219 
PHE CA  CB   sing N N 220 
PHE CA  HA   sing N N 221 
PHE C   O    doub N N 222 
PHE C   OXT  sing N N 223 
PHE CB  CG   sing N N 224 
PHE CB  HB2  sing N N 225 
PHE CB  HB3  sing N N 226 
PHE CG  CD1  doub Y N 227 
PHE CG  CD2  sing Y N 228 
PHE CD1 CE1  sing Y N 229 
PHE CD1 HD1  sing N N 230 
PHE CD2 CE2  doub Y N 231 
PHE CD2 HD2  sing N N 232 
PHE CE1 CZ   doub Y N 233 
PHE CE1 HE1  sing N N 234 
PHE CE2 CZ   sing Y N 235 
PHE CE2 HE2  sing N N 236 
PHE CZ  HZ   sing N N 237 
PHE OXT HXT  sing N N 238 
PRO N   CA   sing N N 239 
PRO N   CD   sing N N 240 
PRO N   H    sing N N 241 
PRO CA  C    sing N N 242 
PRO CA  CB   sing N N 243 
PRO CA  HA   sing N N 244 
PRO C   O    doub N N 245 
PRO C   OXT  sing N N 246 
PRO CB  CG   sing N N 247 
PRO CB  HB2  sing N N 248 
PRO CB  HB3  sing N N 249 
PRO CG  CD   sing N N 250 
PRO CG  HG2  sing N N 251 
PRO CG  HG3  sing N N 252 
PRO CD  HD2  sing N N 253 
PRO CD  HD3  sing N N 254 
PRO OXT HXT  sing N N 255 
SER N   CA   sing N N 256 
SER N   H    sing N N 257 
SER N   H2   sing N N 258 
SER CA  C    sing N N 259 
SER CA  CB   sing N N 260 
SER CA  HA   sing N N 261 
SER C   O    doub N N 262 
SER C   OXT  sing N N 263 
SER CB  OG   sing N N 264 
SER CB  HB2  sing N N 265 
SER CB  HB3  sing N N 266 
SER OG  HG   sing N N 267 
SER OXT HXT  sing N N 268 
SO4 S   O1   doub N N 269 
SO4 S   O2   doub N N 270 
SO4 S   O3   sing N N 271 
SO4 S   O4   sing N N 272 
THR N   CA   sing N N 273 
THR N   H    sing N N 274 
THR N   H2   sing N N 275 
THR CA  C    sing N N 276 
THR CA  CB   sing N N 277 
THR CA  HA   sing N N 278 
THR C   O    doub N N 279 
THR C   OXT  sing N N 280 
THR CB  OG1  sing N N 281 
THR CB  CG2  sing N N 282 
THR CB  HB   sing N N 283 
THR OG1 HG1  sing N N 284 
THR CG2 HG21 sing N N 285 
THR CG2 HG22 sing N N 286 
THR CG2 HG23 sing N N 287 
THR OXT HXT  sing N N 288 
TRP N   CA   sing N N 289 
TRP N   H    sing N N 290 
TRP N   H2   sing N N 291 
TRP CA  C    sing N N 292 
TRP CA  CB   sing N N 293 
TRP CA  HA   sing N N 294 
TRP C   O    doub N N 295 
TRP C   OXT  sing N N 296 
TRP CB  CG   sing N N 297 
TRP CB  HB2  sing N N 298 
TRP CB  HB3  sing N N 299 
TRP CG  CD1  doub Y N 300 
TRP CG  CD2  sing Y N 301 
TRP CD1 NE1  sing Y N 302 
TRP CD1 HD1  sing N N 303 
TRP CD2 CE2  doub Y N 304 
TRP CD2 CE3  sing Y N 305 
TRP NE1 CE2  sing Y N 306 
TRP NE1 HE1  sing N N 307 
TRP CE2 CZ2  sing Y N 308 
TRP CE3 CZ3  doub Y N 309 
TRP CE3 HE3  sing N N 310 
TRP CZ2 CH2  doub Y N 311 
TRP CZ2 HZ2  sing N N 312 
TRP CZ3 CH2  sing Y N 313 
TRP CZ3 HZ3  sing N N 314 
TRP CH2 HH2  sing N N 315 
TRP OXT HXT  sing N N 316 
TYR N   CA   sing N N 317 
TYR N   H    sing N N 318 
TYR N   H2   sing N N 319 
TYR CA  C    sing N N 320 
TYR CA  CB   sing N N 321 
TYR CA  HA   sing N N 322 
TYR C   O    doub N N 323 
TYR C   OXT  sing N N 324 
TYR CB  CG   sing N N 325 
TYR CB  HB2  sing N N 326 
TYR CB  HB3  sing N N 327 
TYR CG  CD1  doub Y N 328 
TYR CG  CD2  sing Y N 329 
TYR CD1 CE1  sing Y N 330 
TYR CD1 HD1  sing N N 331 
TYR CD2 CE2  doub Y N 332 
TYR CD2 HD2  sing N N 333 
TYR CE1 CZ   doub Y N 334 
TYR CE1 HE1  sing N N 335 
TYR CE2 CZ   sing Y N 336 
TYR CE2 HE2  sing N N 337 
TYR CZ  OH   sing N N 338 
TYR OH  HH   sing N N 339 
TYR OXT HXT  sing N N 340 
VAL N   CA   sing N N 341 
VAL N   H    sing N N 342 
VAL N   H2   sing N N 343 
VAL CA  C    sing N N 344 
VAL CA  CB   sing N N 345 
VAL CA  HA   sing N N 346 
VAL C   O    doub N N 347 
VAL C   OXT  sing N N 348 
VAL CB  CG1  sing N N 349 
VAL CB  CG2  sing N N 350 
VAL CB  HB   sing N N 351 
VAL CG1 HG11 sing N N 352 
VAL CG1 HG12 sing N N 353 
VAL CG1 HG13 sing N N 354 
VAL CG2 HG21 sing N N 355 
VAL CG2 HG22 sing N N 356 
VAL CG2 HG23 sing N N 357 
VAL OXT HXT  sing N N 358 
# 
_pdbx_initial_refinement_model.id               1 
_pdbx_initial_refinement_model.entity_id_list   ? 
_pdbx_initial_refinement_model.type             'experimental model' 
_pdbx_initial_refinement_model.source_name      PDB 
_pdbx_initial_refinement_model.accession_code   3R5L 
_pdbx_initial_refinement_model.details          'PDB entry 3R5L (preliminary model used for MR)' 
# 
_atom_sites.entry_id                    3R5P 
_atom_sites.fract_transf_matrix[1][1]   -0.00203677 
_atom_sites.fract_transf_matrix[1][2]   0.00823195 
_atom_sites.fract_transf_matrix[1][3]   0.00849947 
_atom_sites.fract_transf_matrix[2][1]   0.00854446 
_atom_sites.fract_transf_matrix[2][2]   0.00257755 
_atom_sites.fract_transf_matrix[2][3]   0.00803072 
_atom_sites.fract_transf_matrix[3][1]   0.01050506 
_atom_sites.fract_transf_matrix[3][2]   0.02114765 
_atom_sites.fract_transf_matrix[3][3]   -0.01796467 
_atom_sites.fract_transf_vector[1]      0.343867 
_atom_sites.fract_transf_vector[2]      -0.163852 
_atom_sites.fract_transf_vector[3]      -0.478065 
# 
loop_
_atom_type.symbol 
C  
N  
O  
S  
SE 
# 
loop_
_atom_site.group_PDB 
_atom_site.id 
_atom_site.type_symbol 
_atom_site.label_atom_id 
_atom_site.label_alt_id 
_atom_site.label_comp_id 
_atom_site.label_asym_id 
_atom_site.label_entity_id 
_atom_site.label_seq_id 
_atom_site.pdbx_PDB_ins_code 
_atom_site.Cartn_x 
_atom_site.Cartn_y 
_atom_site.Cartn_z 
_atom_site.occupancy 
_atom_site.B_iso_or_equiv 
_atom_site.pdbx_formal_charge 
_atom_site.auth_seq_id 
_atom_site.auth_comp_id 
_atom_site.auth_asym_id 
_atom_site.auth_atom_id 
_atom_site.pdbx_PDB_model_num 
ATOM   1    N  N   . GLY A 1 6   ? 10.631  -14.361 17.675  1.00 60.19 ? 39  GLY A N   1 
ATOM   2    C  CA  . GLY A 1 6   ? 9.466   -13.846 16.971  1.00 58.42 ? 39  GLY A CA  1 
ATOM   3    C  C   . GLY A 1 6   ? 8.234   -14.646 17.349  1.00 53.62 ? 39  GLY A C   1 
ATOM   4    O  O   . GLY A 1 6   ? 8.327   -15.849 17.609  1.00 46.17 ? 39  GLY A O   1 
ATOM   5    N  N   . THR A 1 7   ? 7.076   -13.987 17.379  1.00 40.23 ? 40  THR A N   1 
ATOM   6    C  CA  . THR A 1 7   ? 5.847   -14.646 17.841  1.00 37.14 ? 40  THR A CA  1 
ATOM   7    C  C   . THR A 1 7   ? 4.896   -14.934 16.683  1.00 36.76 ? 40  THR A C   1 
ATOM   8    O  O   . THR A 1 7   ? 5.138   -14.508 15.556  1.00 30.92 ? 40  THR A O   1 
ATOM   9    C  CB  . THR A 1 7   ? 5.090   -13.791 18.897  1.00 32.87 ? 40  THR A CB  1 
ATOM   10   O  OG1 . THR A 1 7   ? 4.517   -12.645 18.259  1.00 30.29 ? 40  THR A OG1 1 
ATOM   11   C  CG2 . THR A 1 7   ? 6.017   -13.344 20.018  1.00 27.17 ? 40  THR A CG2 1 
ATOM   12   N  N   . PHE A 1 8   ? 3.799   -15.628 16.983  1.00 18.20 ? 41  PHE A N   1 
ATOM   13   C  CA  . PHE A 1 8   ? 2.790   -15.946 15.998  1.00 24.66 ? 41  PHE A CA  1 
ATOM   14   C  C   . PHE A 1 8   ? 2.203   -14.604 15.492  1.00 28.41 ? 41  PHE A C   1 
ATOM   15   O  O   . PHE A 1 8   ? 1.443   -14.544 14.499  1.00 26.53 ? 41  PHE A O   1 
ATOM   16   C  CB  . PHE A 1 8   ? 1.684   -16.814 16.676  1.00 21.06 ? 41  PHE A CB  1 
ATOM   17   C  CG  . PHE A 1 8   ? 0.759   -16.014 17.552  1.00 22.39 ? 41  PHE A CG  1 
ATOM   18   C  CD1 . PHE A 1 8   ? 1.155   -15.636 18.822  1.00 18.67 ? 41  PHE A CD1 1 
ATOM   19   C  CD2 . PHE A 1 8   ? -0.497  -15.630 17.092  1.00 16.71 ? 41  PHE A CD2 1 
ATOM   20   C  CE1 . PHE A 1 8   ? 0.317   -14.896 19.632  1.00 21.50 ? 41  PHE A CE1 1 
ATOM   21   C  CE2 . PHE A 1 8   ? -1.359  -14.873 17.901  1.00 17.48 ? 41  PHE A CE2 1 
ATOM   22   C  CZ  . PHE A 1 8   ? -0.934  -14.498 19.181  1.00 17.86 ? 41  PHE A CZ  1 
ATOM   23   N  N   . GLN A 1 9   ? 2.521   -13.524 16.203  1.00 26.66 ? 42  GLN A N   1 
ATOM   24   C  CA  . GLN A 1 9   ? 1.860   -12.235 15.909  1.00 30.24 ? 42  GLN A CA  1 
ATOM   25   C  C   . GLN A 1 9   ? 2.548   -11.412 14.808  1.00 37.97 ? 42  GLN A C   1 
ATOM   26   O  O   . GLN A 1 9   ? 2.097   -10.310 14.488  1.00 43.73 ? 42  GLN A O   1 
ATOM   27   C  CB  . GLN A 1 9   ? 1.763   -11.379 17.174  1.00 34.59 ? 42  GLN A CB  1 
ATOM   28   C  CG  . GLN A 1 9   ? 0.501   -11.574 17.938  1.00 37.04 ? 42  GLN A CG  1 
ATOM   29   C  CD  . GLN A 1 9   ? 0.510   -10.894 19.297  1.00 47.30 ? 42  GLN A CD  1 
ATOM   30   O  OE1 . GLN A 1 9   ? 1.539   -10.829 19.990  1.00 41.08 ? 42  GLN A OE1 1 
ATOM   31   N  NE2 . GLN A 1 9   ? -0.656  -10.404 19.700  1.00 25.85 ? 42  GLN A NE2 1 
ATOM   32   N  N   . LYS A 1 10  ? 3.645   -11.926 14.256  1.00 27.76 ? 43  LYS A N   1 
ATOM   33   C  CA  . LYS A 1 10  ? 4.385   -11.198 13.213  1.00 39.76 ? 43  LYS A CA  1 
ATOM   34   C  C   . LYS A 1 10  ? 3.561   -11.007 11.916  1.00 37.50 ? 43  LYS A C   1 
ATOM   35   O  O   . LYS A 1 10  ? 2.867   -11.918 11.442  1.00 44.33 ? 43  LYS A O   1 
ATOM   36   C  CB  . LYS A 1 10  ? 5.742   -11.857 12.907  1.00 44.31 ? 43  LYS A CB  1 
ATOM   37   C  CG  . LYS A 1 10  ? 6.610   -11.022 11.925  1.00 53.91 ? 43  LYS A CG  1 
ATOM   38   C  CD  . LYS A 1 10  ? 8.141   -11.203 12.109  1.00 64.72 ? 43  LYS A CD  1 
ATOM   39   C  CE  . LYS A 1 10  ? 8.922   -10.525 10.949  1.00 64.00 ? 43  LYS A CE  1 
ATOM   40   N  NZ  . LYS A 1 10  ? 10.429  -10.470 11.101  1.00 61.76 ? 43  LYS A NZ  1 
ATOM   41   N  N   . ILE A 1 11  ? 3.668   -9.811  11.353  1.00 32.87 ? 44  ILE A N   1 
ATOM   42   C  CA  . ILE A 1 11  ? 2.864   -9.387  10.206  1.00 24.67 ? 44  ILE A CA  1 
ATOM   43   C  C   . ILE A 1 11  ? 3.903   -8.718  9.321   1.00 17.30 ? 44  ILE A C   1 
ATOM   44   O  O   . ILE A 1 11  ? 4.476   -7.716  9.740   1.00 22.11 ? 44  ILE A O   1 
ATOM   45   C  CB  . ILE A 1 11  ? 1.865   -8.331  10.693  1.00 31.31 ? 44  ILE A CB  1 
ATOM   46   C  CG1 . ILE A 1 11  ? 0.833   -8.946  11.657  1.00 33.91 ? 44  ILE A CG1 1 
ATOM   47   C  CG2 . ILE A 1 11  ? 1.171   -7.583  9.551   1.00 29.57 ? 44  ILE A CG2 1 
ATOM   48   C  CD1 . ILE A 1 11  ? 0.060   -7.863  12.422  1.00 40.14 ? 44  ILE A CD1 1 
ATOM   49   N  N   . PRO A 1 12  ? 4.196   -9.299  8.164   1.00 18.30 ? 45  PRO A N   1 
ATOM   50   C  CA  . PRO A 1 12  ? 5.202   -8.648  7.299   1.00 24.92 ? 45  PRO A CA  1 
ATOM   51   C  C   . PRO A 1 12  ? 4.730   -7.304  6.797   1.00 20.98 ? 45  PRO A C   1 
ATOM   52   O  O   . PRO A 1 12  ? 3.565   -7.188  6.430   1.00 14.96 ? 45  PRO A O   1 
ATOM   53   C  CB  . PRO A 1 12  ? 5.334   -9.581  6.099   1.00 21.35 ? 45  PRO A CB  1 
ATOM   54   C  CG  . PRO A 1 12  ? 4.219   -10.623 6.233   1.00 24.98 ? 45  PRO A CG  1 
ATOM   55   C  CD  . PRO A 1 12  ? 3.493   -10.435 7.518   1.00 18.56 ? 45  PRO A CD  1 
ATOM   56   N  N   . VAL A 1 13  ? 5.623   -6.310  6.736   1.00 16.73 ? 46  VAL A N   1 
ATOM   57   C  CA  . VAL A 1 13  ? 5.186   -5.010  6.247   1.00 13.04 ? 46  VAL A CA  1 
ATOM   58   C  C   . VAL A 1 13  ? 6.278   -4.471  5.315   1.00 15.35 ? 46  VAL A C   1 
ATOM   59   O  O   . VAL A 1 13  ? 7.422   -4.944  5.362   1.00 15.89 ? 46  VAL A O   1 
ATOM   60   C  CB  . VAL A 1 13  ? 4.939   -3.984  7.366   1.00 20.25 ? 46  VAL A CB  1 
ATOM   61   C  CG1 . VAL A 1 13  ? 3.805   -4.437  8.274   1.00 23.09 ? 46  VAL A CG1 1 
ATOM   62   C  CG2 . VAL A 1 13  ? 6.235   -3.683  8.123   1.00 19.95 ? 46  VAL A CG2 1 
ATOM   63   N  N   . ALA A 1 14  ? 5.897   -3.534  4.466   1.00 11.64 ? 47  ALA A N   1 
ATOM   64   C  CA  . ALA A 1 14  ? 6.831   -2.854  3.571   1.00 11.22 ? 47  ALA A CA  1 
ATOM   65   C  C   . ALA A 1 14  ? 6.891   -1.433  4.080   1.00 10.91 ? 47  ALA A C   1 
ATOM   66   O  O   . ALA A 1 14  ? 5.871   -0.902  4.459   1.00 15.75 ? 47  ALA A O   1 
ATOM   67   C  CB  . ALA A 1 14  ? 6.286   -2.839  2.101   1.00 13.18 ? 47  ALA A CB  1 
ATOM   68   N  N   . LEU A 1 15  ? 8.068   -0.806  4.086   1.00 13.30 ? 48  LEU A N   1 
ATOM   69   C  CA  . LEU A 1 15  ? 8.147   0.594   4.463   1.00 13.62 ? 48  LEU A CA  1 
ATOM   70   C  C   . LEU A 1 15  ? 8.060   1.397   3.180   1.00 12.01 ? 48  LEU A C   1 
ATOM   71   O  O   . LEU A 1 15  ? 8.947   1.318   2.319   1.00 12.67 ? 48  LEU A O   1 
ATOM   72   C  CB  . LEU A 1 15  ? 9.480   0.942   5.135   1.00 10.45 ? 48  LEU A CB  1 
ATOM   73   C  CG  . LEU A 1 15  ? 9.748   0.183   6.467   1.00 18.38 ? 48  LEU A CG  1 
ATOM   74   C  CD1 . LEU A 1 15  ? 11.076  0.640   7.076   1.00 18.73 ? 48  LEU A CD1 1 
ATOM   75   C  CD2 . LEU A 1 15  ? 8.616   0.444   7.426   1.00 17.52 ? 48  LEU A CD2 1 
ATOM   76   N  N   . LEU A 1 16  ? 6.996   2.181   3.072   1.00 9.48  ? 49  LEU A N   1 
ATOM   77   C  CA  . LEU A 1 16  ? 6.828   2.981   1.851   1.00 10.37 ? 49  LEU A CA  1 
ATOM   78   C  C   . LEU A 1 16  ? 7.292   4.389   2.167   1.00 9.76  ? 49  LEU A C   1 
ATOM   79   O  O   . LEU A 1 16  ? 6.794   4.964   3.136   1.00 11.55 ? 49  LEU A O   1 
ATOM   80   C  CB  . LEU A 1 16  ? 5.326   3.057   1.488   1.00 11.18 ? 49  LEU A CB  1 
ATOM   81   C  CG  . LEU A 1 16  ? 5.062   4.018   0.301   1.00 14.32 ? 49  LEU A CG  1 
ATOM   82   C  CD1 . LEU A 1 16  ? 5.551   3.395   -1.046  1.00 10.67 ? 49  LEU A CD1 1 
ATOM   83   C  CD2 . LEU A 1 16  ? 3.545   4.363   0.246   1.00 12.00 ? 49  LEU A CD2 1 
ATOM   84   N  N   . THR A 1 17  ? 8.211   4.955   1.354   1.00 10.65 ? 50  THR A N   1 
ATOM   85   C  CA  . THR A 1 17  ? 8.613   6.307   1.565   1.00 10.61 ? 50  THR A CA  1 
ATOM   86   C  C   . THR A 1 17  ? 8.072   7.141   0.436   1.00 12.50 ? 50  THR A C   1 
ATOM   87   O  O   . THR A 1 17  ? 8.274   6.791   -0.731  1.00 12.16 ? 50  THR A O   1 
ATOM   88   C  CB  . THR A 1 17  ? 10.171  6.458   1.598   1.00 11.78 ? 50  THR A CB  1 
ATOM   89   O  OG1 . THR A 1 17  ? 10.713  5.599   2.597   1.00 13.64 ? 50  THR A OG1 1 
ATOM   90   C  CG2 . THR A 1 17  ? 10.539  7.897   1.952   1.00 10.08 ? 50  THR A CG2 1 
ATOM   91   N  N   . THR A 1 18  ? 7.380   8.219   0.787   1.00 13.36 ? 51  THR A N   1 
ATOM   92   C  CA  . THR A 1 18  ? 6.793   9.142   -0.212  1.00 11.23 ? 51  THR A CA  1 
ATOM   93   C  C   . THR A 1 18  ? 7.330   10.519  0.064   1.00 12.43 ? 51  THR A C   1 
ATOM   94   O  O   . THR A 1 18  ? 7.921   10.770  1.108   1.00 13.62 ? 51  THR A O   1 
ATOM   95   C  CB  . THR A 1 18  ? 5.259   9.200   -0.095  1.00 9.40  ? 51  THR A CB  1 
ATOM   96   O  OG1 . THR A 1 18  ? 4.902   9.510   1.255   1.00 12.46 ? 51  THR A OG1 1 
ATOM   97   C  CG2 . THR A 1 18  ? 4.572   7.864   -0.386  1.00 10.98 ? 51  THR A CG2 1 
ATOM   98   N  N   . THR A 1 19  ? 7.100   11.430  -0.885  1.00 12.50 ? 52  THR A N   1 
ATOM   99   C  CA  . THR A 1 19  ? 7.514   12.816  -0.765  1.00 11.74 ? 52  THR A CA  1 
ATOM   100  C  C   . THR A 1 19  ? 6.330   13.625  -0.269  1.00 12.89 ? 52  THR A C   1 
ATOM   101  O  O   . THR A 1 19  ? 5.243   13.548  -0.827  1.00 16.52 ? 52  THR A O   1 
ATOM   102  C  CB  . THR A 1 19  ? 7.952   13.329  -2.192  1.00 17.07 ? 52  THR A CB  1 
ATOM   103  O  OG1 . THR A 1 19  ? 9.138   12.643  -2.582  1.00 17.60 ? 52  THR A OG1 1 
ATOM   104  C  CG2 . THR A 1 19  ? 8.140   14.835  -2.208  1.00 19.57 ? 52  THR A CG2 1 
ATOM   105  N  N   . GLY A 1 20  ? 6.510   14.331  0.834   1.00 13.19 ? 53  GLY A N   1 
ATOM   106  C  CA  . GLY A 1 20  ? 5.424   15.079  1.431   1.00 17.48 ? 53  GLY A CA  1 
ATOM   107  C  C   . GLY A 1 20  ? 4.905   16.106  0.421   1.00 21.64 ? 53  GLY A C   1 
ATOM   108  O  O   . GLY A 1 20  ? 5.692   16.815  -0.246  1.00 20.70 ? 53  GLY A O   1 
ATOM   109  N  N   . ARG A 1 21  ? 3.596   16.167  0.273   1.00 22.67 ? 54  ARG A N   1 
ATOM   110  C  CA  . ARG A 1 21  ? 3.012   17.023  -0.763  1.00 26.97 ? 54  ARG A CA  1 
ATOM   111  C  C   . ARG A 1 21  ? 3.133   18.500  -0.377  1.00 28.41 ? 54  ARG A C   1 
ATOM   112  O  O   . ARG A 1 21  ? 3.056   19.380  -1.230  1.00 31.30 ? 54  ARG A O   1 
ATOM   113  C  CB  . ARG A 1 21  ? 1.541   16.625  -1.059  1.00 23.98 ? 54  ARG A CB  1 
ATOM   114  C  CG  . ARG A 1 21  ? 0.645   16.756  0.145   1.00 24.69 ? 54  ARG A CG  1 
ATOM   115  C  CD  . ARG A 1 21  ? -0.654  15.887  0.066   1.00 29.03 ? 54  ARG A CD  1 
ATOM   116  N  NE  . ARG A 1 21  ? -1.512  16.164  1.231   1.00 25.10 ? 54  ARG A NE  1 
ATOM   117  C  CZ  . ARG A 1 21  ? -1.296  15.668  2.452   1.00 39.49 ? 54  ARG A CZ  1 
ATOM   118  N  NH1 . ARG A 1 21  ? -2.103  16.002  3.456   1.00 42.11 ? 54  ARG A NH1 1 
ATOM   119  N  NH2 . ARG A 1 21  ? -0.274  14.837  2.680   1.00 33.80 ? 54  ARG A NH2 1 
ATOM   120  N  N   . LYS A 1 22  ? 3.324   18.794  0.903   1.00 36.82 ? 55  LYS A N   1 
ATOM   121  C  CA  . LYS A 1 22  ? 3.418   20.210  1.305   1.00 33.81 ? 55  LYS A CA  1 
ATOM   122  C  C   . LYS A 1 22  ? 4.864   20.723  1.408   1.00 39.22 ? 55  LYS A C   1 
ATOM   123  O  O   . LYS A 1 22  ? 5.158   21.856  1.005   1.00 38.17 ? 55  LYS A O   1 
ATOM   124  C  CB  . LYS A 1 22  ? 2.654   20.462  2.602   1.00 37.61 ? 55  LYS A CB  1 
ATOM   125  C  CG  . LYS A 1 22  ? 1.225   19.955  2.571   1.00 48.00 ? 55  LYS A CG  1 
ATOM   126  C  CD  . LYS A 1 22  ? 0.564   19.979  3.953   1.00 48.21 ? 55  LYS A CD  1 
ATOM   127  C  CE  . LYS A 1 22  ? -0.927  19.567  3.846   1.00 53.11 ? 55  LYS A CE  1 
ATOM   128  N  NZ  . LYS A 1 22  ? -1.660  19.468  5.149   1.00 54.74 ? 55  LYS A NZ  1 
ATOM   129  N  N   . THR A 1 23  ? 5.778   19.886  1.899   1.00 35.12 ? 56  THR A N   1 
ATOM   130  C  CA  . THR A 1 23  ? 7.155   20.325  2.147   1.00 31.76 ? 56  THR A CA  1 
ATOM   131  C  C   . THR A 1 23  ? 8.189   19.690  1.252   1.00 30.05 ? 56  THR A C   1 
ATOM   132  O  O   . THR A 1 23  ? 9.302   20.196  1.134   1.00 26.96 ? 56  THR A O   1 
ATOM   133  C  CB  . THR A 1 23  ? 7.587   19.993  3.575   1.00 33.40 ? 56  THR A CB  1 
ATOM   134  O  OG1 . THR A 1 23  ? 7.601   18.569  3.735   1.00 34.08 ? 56  THR A OG1 1 
ATOM   135  C  CG2 . THR A 1 23  ? 6.612   20.583  4.559   1.00 34.97 ? 56  THR A CG2 1 
ATOM   136  N  N   . GLY A 1 24  ? 7.839   18.573  0.640   1.00 21.21 ? 57  GLY A N   1 
ATOM   137  C  CA  . GLY A 1 24  ? 8.789   17.813  -0.152  1.00 17.31 ? 57  GLY A CA  1 
ATOM   138  C  C   . GLY A 1 24  ? 9.674   16.910  0.742   1.00 20.36 ? 57  GLY A C   1 
ATOM   139  O  O   . GLY A 1 24  ? 10.530  16.204  0.208   1.00 19.75 ? 57  GLY A O   1 
ATOM   140  N  N   . GLN A 1 25  ? 9.491   16.933  2.074   1.00 16.59 ? 58  GLN A N   1 
ATOM   141  C  CA  . GLN A 1 25  ? 10.314  16.075  2.962   1.00 14.18 ? 58  GLN A CA  1 
ATOM   142  C  C   . GLN A 1 25  ? 9.872   14.586  2.768   1.00 18.99 ? 58  GLN A C   1 
ATOM   143  O  O   . GLN A 1 25  ? 8.727   14.324  2.529   1.00 14.47 ? 58  GLN A O   1 
ATOM   144  C  CB  . GLN A 1 25  ? 10.154  16.516  4.430   1.00 19.28 ? 58  GLN A CB  1 
ATOM   145  C  CG  . GLN A 1 25  ? 10.837  17.896  4.742   1.00 22.53 ? 58  GLN A CG  1 
ATOM   146  C  CD  . GLN A 1 25  ? 12.262  17.963  4.170   1.00 35.29 ? 58  GLN A CD  1 
ATOM   147  O  OE1 . GLN A 1 25  ? 12.546  18.741  3.258   1.00 37.98 ? 58  GLN A OE1 1 
ATOM   148  N  NE2 . GLN A 1 25  ? 13.154  17.127  4.693   1.00 29.44 ? 58  GLN A NE2 1 
ATOM   149  N  N   . PRO A 1 26  ? 10.793  13.631  2.887   1.00 15.44 ? 59  PRO A N   1 
ATOM   150  C  CA  . PRO A 1 26  ? 10.372  12.218  2.819   1.00 17.42 ? 59  PRO A CA  1 
ATOM   151  C  C   . PRO A 1 26  ? 9.556   11.829  4.041   1.00 16.26 ? 59  PRO A C   1 
ATOM   152  O  O   . PRO A 1 26  ? 9.754   12.377  5.156   1.00 16.02 ? 59  PRO A O   1 
ATOM   153  C  CB  . PRO A 1 26  ? 11.677  11.433  2.816   1.00 17.22 ? 59  PRO A CB  1 
ATOM   154  C  CG  . PRO A 1 26  ? 12.739  12.390  3.224   1.00 22.02 ? 59  PRO A CG  1 
ATOM   155  C  CD  . PRO A 1 26  ? 12.236  13.808  3.078   1.00 14.03 ? 59  PRO A CD  1 
ATOM   156  N  N   . ARG A 1 27  ? 8.615   10.901  3.837   1.00 12.16 ? 60  ARG A N   1 
ATOM   157  C  CA  . ARG A 1 27  ? 7.762   10.435  4.930   1.00 13.11 ? 60  ARG A CA  1 
ATOM   158  C  C   . ARG A 1 27  ? 7.675   8.916   4.777   1.00 13.31 ? 60  ARG A C   1 
ATOM   159  O  O   . ARG A 1 27  ? 7.512   8.446   3.666   1.00 13.36 ? 60  ARG A O   1 
ATOM   160  C  CB  . ARG A 1 27  ? 6.354   11.006  4.756   1.00 14.16 ? 60  ARG A CB  1 
ATOM   161  C  CG  . ARG A 1 27  ? 6.278   12.528  4.883   1.00 18.84 ? 60  ARG A CG  1 
ATOM   162  C  CD  . ARG A 1 27  ? 6.902   13.098  6.215   1.00 22.64 ? 60  ARG A CD  1 
ATOM   163  N  NE  . ARG A 1 27  ? 6.878   14.582  6.205   1.00 25.46 ? 60  ARG A NE  1 
ATOM   164  C  CZ  . ARG A 1 27  ? 7.511   15.380  7.082   1.00 33.45 ? 60  ARG A CZ  1 
ATOM   165  N  NH1 . ARG A 1 27  ? 8.241   14.876  8.062   1.00 25.96 ? 60  ARG A NH1 1 
ATOM   166  N  NH2 . ARG A 1 27  ? 7.414   16.706  6.976   1.00 27.09 ? 60  ARG A NH2 1 
ATOM   167  N  N   . VAL A 1 28  ? 7.772   8.172   5.883   1.00 9.01  ? 61  VAL A N   1 
ATOM   168  C  CA  . VAL A 1 28  ? 7.688   6.712   5.779   1.00 11.37 ? 61  VAL A CA  1 
ATOM   169  C  C   . VAL A 1 28  ? 6.389   6.180   6.448   1.00 12.19 ? 61  VAL A C   1 
ATOM   170  O  O   . VAL A 1 28  ? 5.941   6.674   7.493   1.00 13.65 ? 61  VAL A O   1 
ATOM   171  C  CB  . VAL A 1 28  ? 8.972   6.016   6.333   1.00 12.16 ? 61  VAL A CB  1 
ATOM   172  C  CG1 . VAL A 1 28  ? 9.085   6.242   7.838   1.00 11.42 ? 61  VAL A CG1 1 
ATOM   173  C  CG2 . VAL A 1 28  ? 8.972   4.496   6.065   1.00 9.71  ? 61  VAL A CG2 1 
ATOM   174  N  N   . ASN A 1 29  ? 5.831   5.130   5.857   1.00 12.38 ? 62  ASN A N   1 
ATOM   175  C  CA  . ASN A 1 29  ? 4.684   4.419   6.432   1.00 13.85 ? 62  ASN A CA  1 
ATOM   176  C  C   . ASN A 1 29  ? 4.820   2.924   6.221   1.00 12.34 ? 62  ASN A C   1 
ATOM   177  O  O   . ASN A 1 29  ? 5.058   2.476   5.111   1.00 11.68 ? 62  ASN A O   1 
ATOM   178  C  CB  . ASN A 1 29  ? 3.388   4.891   5.716   1.00 12.75 ? 62  ASN A CB  1 
ATOM   179  C  CG  . ASN A 1 29  ? 2.987   6.310   6.110   1.00 16.08 ? 62  ASN A CG  1 
ATOM   180  O  OD1 . ASN A 1 29  ? 2.186   6.522   7.045   1.00 22.74 ? 62  ASN A OD1 1 
ATOM   181  N  ND2 . ASN A 1 29  ? 3.545   7.264   5.443   1.00 11.46 ? 62  ASN A ND2 1 
ATOM   182  N  N   . PRO A 1 30  ? 4.658   2.125   7.285   1.00 15.12 ? 63  PRO A N   1 
ATOM   183  C  CA  . PRO A 1 30  ? 4.628   0.672   7.075   1.00 12.19 ? 63  PRO A CA  1 
ATOM   184  C  C   . PRO A 1 30  ? 3.305   0.222   6.483   1.00 15.94 ? 63  PRO A C   1 
ATOM   185  O  O   . PRO A 1 30  ? 2.248   0.537   7.057   1.00 15.66 ? 63  PRO A O   1 
ATOM   186  C  CB  . PRO A 1 30  ? 4.761   0.088   8.525   1.00 15.62 ? 63  PRO A CB  1 
ATOM   187  C  CG  . PRO A 1 30  ? 4.472   1.221   9.447   1.00 18.34 ? 63  PRO A CG  1 
ATOM   188  C  CD  . PRO A 1 30  ? 4.370   2.532   8.678   1.00 15.88 ? 63  PRO A CD  1 
ATOM   189  N  N   . LEU A 1 31  ? 3.317   -0.532  5.388   1.00 12.53 ? 64  LEU A N   1 
ATOM   190  C  CA  . LEU A 1 31  ? 2.022   -0.956  4.838   1.00 10.11 ? 64  LEU A CA  1 
ATOM   191  C  C   . LEU A 1 31  ? 2.040   -2.429  4.562   1.00 11.33 ? 64  LEU A C   1 
ATOM   192  O  O   . LEU A 1 31  ? 3.115   -3.042  4.480   1.00 13.76 ? 64  LEU A O   1 
ATOM   193  C  CB  . LEU A 1 31  ? 1.802   -0.196  3.512   1.00 12.64 ? 64  LEU A CB  1 
ATOM   194  C  CG  . LEU A 1 31  ? 1.742   1.350   3.643   1.00 16.47 ? 64  LEU A CG  1 
ATOM   195  C  CD1 . LEU A 1 31  ? 1.679   1.991   2.196   1.00 13.61 ? 64  LEU A CD1 1 
ATOM   196  C  CD2 . LEU A 1 31  ? 0.525   1.777   4.440   1.00 15.87 ? 64  LEU A CD2 1 
ATOM   197  N  N   . TYR A 1 32  ? 0.841   -2.988  4.387   1.00 12.96 ? 65  TYR A N   1 
ATOM   198  C  CA  . TYR A 1 32  ? 0.680   -4.377  3.968   1.00 12.49 ? 65  TYR A CA  1 
ATOM   199  C  C   . TYR A 1 32  ? 1.002   -4.445  2.485   1.00 11.39 ? 65  TYR A C   1 
ATOM   200  O  O   . TYR A 1 32  ? 0.786   -3.479  1.780   1.00 13.84 ? 65  TYR A O   1 
ATOM   201  C  CB  . TYR A 1 32  ? -0.773  -4.818  4.214   1.00 13.21 ? 65  TYR A CB  1 
ATOM   202  C  CG  . TYR A 1 32  ? -1.095  -5.017  5.709   1.00 15.61 ? 65  TYR A CG  1 
ATOM   203  C  CD1 . TYR A 1 32  ? -0.118  -4.814  6.705   1.00 16.85 ? 65  TYR A CD1 1 
ATOM   204  C  CD2 . TYR A 1 32  ? -2.358  -5.424  6.113   1.00 17.30 ? 65  TYR A CD2 1 
ATOM   205  C  CE1 . TYR A 1 32  ? -0.431  -4.964  8.073   1.00 22.77 ? 65  TYR A CE1 1 
ATOM   206  C  CE2 . TYR A 1 32  ? -2.660  -5.619  7.471   1.00 17.68 ? 65  TYR A CE2 1 
ATOM   207  C  CZ  . TYR A 1 32  ? -1.707  -5.394  8.434   1.00 26.45 ? 65  TYR A CZ  1 
ATOM   208  O  OH  . TYR A 1 32  ? -2.057  -5.614  9.780   1.00 26.15 ? 65  TYR A OH  1 
ATOM   209  N  N   . PHE A 1 33  ? 1.472   -5.592  1.989   1.00 10.43 ? 66  PHE A N   1 
ATOM   210  C  CA  . PHE A 1 33  ? 1.916   -5.604  0.602   1.00 13.26 ? 66  PHE A CA  1 
ATOM   211  C  C   . PHE A 1 33  ? 1.881   -6.991  0.002   1.00 13.94 ? 66  PHE A C   1 
ATOM   212  O  O   . PHE A 1 33  ? 1.818   -8.017  0.743   1.00 12.34 ? 66  PHE A O   1 
ATOM   213  C  CB  . PHE A 1 33  ? 3.384   -5.104  0.507   1.00 11.98 ? 66  PHE A CB  1 
ATOM   214  C  CG  . PHE A 1 33  ? 4.383   -6.093  1.084   1.00 17.73 ? 66  PHE A CG  1 
ATOM   215  C  CD1 . PHE A 1 33  ? 5.101   -6.941  0.244   1.00 16.86 ? 66  PHE A CD1 1 
ATOM   216  C  CD2 . PHE A 1 33  ? 4.606   -6.180  2.474   1.00 14.56 ? 66  PHE A CD2 1 
ATOM   217  C  CE1 . PHE A 1 33  ? 5.997   -7.872  0.766   1.00 17.42 ? 66  PHE A CE1 1 
ATOM   218  C  CE2 . PHE A 1 33  ? 5.541   -7.135  3.032   1.00 15.30 ? 66  PHE A CE2 1 
ATOM   219  C  CZ  . PHE A 1 33  ? 6.233   -7.962  2.186   1.00 18.53 ? 66  PHE A CZ  1 
ATOM   220  N  N   . LEU A 1 34  ? 1.953   -7.018  -1.330  1.00 12.46 ? 67  LEU A N   1 
ATOM   221  C  CA  . LEU A 1 34  ? 2.055   -8.244  -2.105  1.00 15.16 ? 67  LEU A CA  1 
ATOM   222  C  C   . LEU A 1 34  ? 3.161   -8.003  -3.093  1.00 20.18 ? 67  LEU A C   1 
ATOM   223  O  O   . LEU A 1 34  ? 3.328   -6.879  -3.585  1.00 20.56 ? 67  LEU A O   1 
ATOM   224  C  CB  . LEU A 1 34  ? 0.783   -8.473  -2.943  1.00 14.91 ? 67  LEU A CB  1 
ATOM   225  C  CG  . LEU A 1 34  ? -0.594  -8.804  -2.431  1.00 27.31 ? 67  LEU A CG  1 
ATOM   226  C  CD1 . LEU A 1 34  ? -1.410  -9.219  -3.653  1.00 25.79 ? 67  LEU A CD1 1 
ATOM   227  C  CD2 . LEU A 1 34  ? -0.476  -9.973  -1.470  1.00 28.99 ? 67  LEU A CD2 1 
ATOM   228  N  N   . ARG A 1 35  ? 3.908   -9.048  -3.426  1.00 16.18 ? 68  ARG A N   1 
ATOM   229  C  CA  . ARG A 1 35  ? 4.824   -8.945  -4.571  1.00 22.17 ? 68  ARG A CA  1 
ATOM   230  C  C   . ARG A 1 35  ? 4.249   -9.644  -5.792  1.00 22.87 ? 68  ARG A C   1 
ATOM   231  O  O   . ARG A 1 35  ? 3.663   -10.729 -5.681  1.00 27.56 ? 68  ARG A O   1 
ATOM   232  C  CB  . ARG A 1 35  ? 6.190   -9.504  -4.220  1.00 24.71 ? 68  ARG A CB  1 
ATOM   233  C  CG  . ARG A 1 35  ? 6.766   -8.837  -2.986  1.00 29.10 ? 68  ARG A CG  1 
ATOM   234  C  CD  . ARG A 1 35  ? 8.263   -9.099  -2.824  1.00 33.61 ? 68  ARG A CD  1 
ATOM   235  N  NE  . ARG A 1 35  ? 9.028   -8.396  -3.855  1.00 38.89 ? 68  ARG A NE  1 
ATOM   236  C  CZ  . ARG A 1 35  ? 10.305  -8.037  -3.724  1.00 29.36 ? 68  ARG A CZ  1 
ATOM   237  N  NH1 . ARG A 1 35  ? 10.950  -8.310  -2.581  1.00 35.51 ? 68  ARG A NH1 1 
ATOM   238  N  NH2 . ARG A 1 35  ? 10.931  -7.428  -4.735  1.00 26.96 ? 68  ARG A NH2 1 
ATOM   239  N  N   . ASP A 1 36  ? 4.407   -9.040  -6.958  1.00 25.87 ? 69  ASP A N   1 
ATOM   240  C  CA  . ASP A 1 36  ? 3.974   -9.680  -8.195  1.00 22.52 ? 69  ASP A CA  1 
ATOM   241  C  C   . ASP A 1 36  ? 5.047   -9.430  -9.254  1.00 22.10 ? 69  ASP A C   1 
ATOM   242  O  O   . ASP A 1 36  ? 5.046   -8.413  -9.919  1.00 23.67 ? 69  ASP A O   1 
ATOM   243  C  CB  . ASP A 1 36  ? 2.651   -9.096  -8.639  1.00 22.34 ? 69  ASP A CB  1 
ATOM   244  C  CG  . ASP A 1 36  ? 2.112   -9.744  -9.917  1.00 30.48 ? 69  ASP A CG  1 
ATOM   245  O  OD1 . ASP A 1 36  ? 2.565   -10.835 -10.275 1.00 32.38 ? 69  ASP A OD1 1 
ATOM   246  O  OD2 . ASP A 1 36  ? 1.219   -9.160  -10.556 1.00 33.14 ? 69  ASP A OD2 1 
ATOM   247  N  N   . GLY A 1 37  ? 6.005   -10.329 -9.380  1.00 30.34 ? 70  GLY A N   1 
ATOM   248  C  CA  . GLY A 1 37  ? 7.106   -10.030 -10.283 1.00 31.88 ? 70  GLY A CA  1 
ATOM   249  C  C   . GLY A 1 37  ? 7.878   -8.823  -9.772  1.00 27.08 ? 70  GLY A C   1 
ATOM   250  O  O   . GLY A 1 37  ? 8.250   -8.775  -8.604  1.00 29.05 ? 70  GLY A O   1 
ATOM   251  N  N   . GLY A 1 38  ? 8.108   -7.835  -10.633 1.00 30.17 ? 71  GLY A N   1 
ATOM   252  C  CA  . GLY A 1 38  ? 8.787   -6.618  -10.224 1.00 26.88 ? 71  GLY A CA  1 
ATOM   253  C  C   . GLY A 1 38  ? 7.862   -5.579  -9.602  1.00 22.14 ? 71  GLY A C   1 
ATOM   254  O  O   . GLY A 1 38  ? 8.337   -4.566  -9.128  1.00 24.11 ? 71  GLY A O   1 
ATOM   255  N  N   . ARG A 1 39  ? 6.551   -5.837  -9.582  1.00 21.99 ? 72  ARG A N   1 
ATOM   256  C  CA  . ARG A 1 39  ? 5.593   -4.960  -8.886  1.00 20.39 ? 72  ARG A CA  1 
ATOM   257  C  C   . ARG A 1 39  ? 5.528   -5.213  -7.373  1.00 16.19 ? 72  ARG A C   1 
ATOM   258  O  O   . ARG A 1 39  ? 5.613   -6.358  -6.889  1.00 16.80 ? 72  ARG A O   1 
ATOM   259  C  CB  . ARG A 1 39  ? 4.147   -5.175  -9.416  1.00 17.99 ? 72  ARG A CB  1 
ATOM   260  C  CG  . ARG A 1 39  ? 3.871   -4.725  -10.854 1.00 28.04 ? 72  ARG A CG  1 
ATOM   261  C  CD  . ARG A 1 39  ? 2.530   -5.319  -11.317 1.00 28.56 ? 72  ARG A CD  1 
ATOM   262  N  NE  . ARG A 1 39  ? 2.153   -4.817  -12.621 1.00 42.89 ? 72  ARG A NE  1 
ATOM   263  C  CZ  . ARG A 1 39  ? 0.909   -4.746  -13.088 1.00 35.56 ? 72  ARG A CZ  1 
ATOM   264  N  NH1 . ARG A 1 39  ? -0.129  -5.169  -12.367 1.00 33.49 ? 72  ARG A NH1 1 
ATOM   265  N  NH2 . ARG A 1 39  ? 0.705   -4.241  -14.307 1.00 34.05 ? 72  ARG A NH2 1 
ATOM   266  N  N   . VAL A 1 40  ? 5.273   -4.150  -6.632  1.00 15.05 ? 73  VAL A N   1 
ATOM   267  C  CA  . VAL A 1 40  ? 4.873   -4.297  -5.242  1.00 14.57 ? 73  VAL A CA  1 
ATOM   268  C  C   . VAL A 1 40  ? 3.556   -3.611  -5.104  1.00 14.34 ? 73  VAL A C   1 
ATOM   269  O  O   . VAL A 1 40  ? 3.426   -2.449  -5.500  1.00 13.05 ? 73  VAL A O   1 
ATOM   270  C  CB  . VAL A 1 40  ? 5.880   -3.627  -4.246  1.00 16.83 ? 73  VAL A CB  1 
ATOM   271  C  CG1 . VAL A 1 40  ? 5.382   -3.764  -2.795  1.00 13.34 ? 73  VAL A CG1 1 
ATOM   272  C  CG2 . VAL A 1 40  ? 7.309   -4.234  -4.435  1.00 17.77 ? 73  VAL A CG2 1 
ATOM   273  N  N   . ILE A 1 41  ? 2.554   -4.347  -4.597  1.00 15.74 ? 74  ILE A N   1 
ATOM   274  C  CA  A ILE A 1 41  ? 1.250   -3.754  -4.362  0.44 12.37 ? 74  ILE A CA  1 
ATOM   275  C  CA  B ILE A 1 41  ? 1.236   -3.783  -4.359  0.56 12.30 ? 74  ILE A CA  1 
ATOM   276  C  C   . ILE A 1 41  ? 1.150   -3.395  -2.886  1.00 14.86 ? 74  ILE A C   1 
ATOM   277  O  O   . ILE A 1 41  ? 1.435   -4.196  -2.041  1.00 17.73 ? 74  ILE A O   1 
ATOM   278  C  CB  A ILE A 1 41  ? 0.116   -4.720  -4.728  0.44 11.51 ? 74  ILE A CB  1 
ATOM   279  C  CB  B ILE A 1 41  ? 0.143   -4.825  -4.633  0.56 11.41 ? 74  ILE A CB  1 
ATOM   280  C  CG1 A ILE A 1 41  ? 0.079   -4.945  -6.249  0.44 15.02 ? 74  ILE A CG1 1 
ATOM   281  C  CG1 B ILE A 1 41  ? 0.383   -5.504  -5.985  0.56 15.82 ? 74  ILE A CG1 1 
ATOM   282  C  CG2 A ILE A 1 41  ? -1.244  -4.186  -4.221  0.44 13.21 ? 74  ILE A CG2 1 
ATOM   283  C  CG2 B ILE A 1 41  ? -1.258  -4.177  -4.587  0.56 13.23 ? 74  ILE A CG2 1 
ATOM   284  C  CD1 A ILE A 1 41  ? 1.073   -5.995  -6.744  0.44 12.59 ? 74  ILE A CD1 1 
ATOM   285  C  CD1 B ILE A 1 41  ? 0.984   -4.579  -7.007  0.56 10.34 ? 74  ILE A CD1 1 
ATOM   286  N  N   . VAL A 1 42  ? 0.757   -2.176  -2.582  1.00 12.22 ? 75  VAL A N   1 
ATOM   287  C  CA  . VAL A 1 42  ? 0.688   -1.812  -1.167  1.00 11.68 ? 75  VAL A CA  1 
ATOM   288  C  C   . VAL A 1 42  ? -0.714  -1.412  -0.835  1.00 13.86 ? 75  VAL A C   1 
ATOM   289  O  O   . VAL A 1 42  ? -1.429  -0.895  -1.688  1.00 13.93 ? 75  VAL A O   1 
ATOM   290  C  CB  . VAL A 1 42  ? 1.677   -0.653  -0.778  1.00 14.82 ? 75  VAL A CB  1 
ATOM   291  C  CG1 . VAL A 1 42  ? 3.170   -1.086  -0.907  1.00 15.77 ? 75  VAL A CG1 1 
ATOM   292  C  CG2 . VAL A 1 42  ? 1.384   0.624   -1.555  1.00 16.70 ? 75  VAL A CG2 1 
ATOM   293  N  N   . ALA A 1 43  ? -1.143  -1.655  0.410   1.00 13.20 ? 76  ALA A N   1 
ATOM   294  C  CA  . ALA A 1 43  ? -2.495  -1.258  0.787   1.00 11.11 ? 76  ALA A CA  1 
ATOM   295  C  C   . ALA A 1 43  ? -2.510  -0.792  2.239   1.00 15.14 ? 76  ALA A C   1 
ATOM   296  O  O   . ALA A 1 43  ? -1.709  -1.266  3.042   1.00 14.88 ? 76  ALA A O   1 
ATOM   297  C  CB  . ALA A 1 43  ? -3.474  -2.490  0.622   1.00 13.82 ? 76  ALA A CB  1 
ATOM   298  N  N   . ALA A 1 44  ? -3.459  0.065   2.595   1.00 15.89 ? 77  ALA A N   1 
ATOM   299  C  CA  . ALA A 1 44  ? -3.666  0.446   3.996   1.00 20.79 ? 77  ALA A CA  1 
ATOM   300  C  C   . ALA A 1 44  ? -4.169  -0.813  4.730   1.00 23.54 ? 77  ALA A C   1 
ATOM   301  O  O   . ALA A 1 44  ? -4.767  -1.685  4.121   1.00 19.03 ? 77  ALA A O   1 
ATOM   302  C  CB  . ALA A 1 44  ? -4.708  1.544   4.076   1.00 18.61 ? 77  ALA A CB  1 
ATOM   303  N  N   . SER A 1 45  ? -3.923  -0.903  6.015   1.00 21.77 ? 78  SER A N   1 
ATOM   304  C  CA  . SER A 1 45  ? -4.385  -2.069  6.830   1.00 27.33 ? 78  SER A CA  1 
ATOM   305  C  C   . SER A 1 45  ? -5.877  -1.978  7.278   1.00 39.28 ? 78  SER A C   1 
ATOM   306  O  O   . SER A 1 45  ? -6.448  -2.913  7.876   1.00 34.08 ? 78  SER A O   1 
ATOM   307  C  CB  . SER A 1 45  ? -3.549  -2.084  8.088   1.00 28.18 ? 78  SER A CB  1 
ATOM   308  O  OG  . SER A 1 45  ? -3.996  -0.968  8.861   1.00 28.87 ? 78  SER A OG  1 
ATOM   309  N  N   . LYS A 1 46  ? -6.503  -0.832  7.027   1.00 32.98 ? 79  LYS A N   1 
ATOM   310  C  CA  A LYS A 1 46  ? -7.907  -0.648  7.366   0.53 35.44 ? 79  LYS A CA  1 
ATOM   311  C  CA  B LYS A 1 46  ? -7.891  -0.596  7.418   0.47 35.46 ? 79  LYS A CA  1 
ATOM   312  C  C   . LYS A 1 46  ? -8.532  0.445   6.498   1.00 42.97 ? 79  LYS A C   1 
ATOM   313  O  O   . LYS A 1 46  ? -7.824  1.269   5.884   1.00 38.39 ? 79  LYS A O   1 
ATOM   314  C  CB  A LYS A 1 46  ? -8.082  -0.369  8.868   0.53 35.78 ? 79  LYS A CB  1 
ATOM   315  C  CB  B LYS A 1 46  ? -7.976  -0.145  8.885   0.47 35.91 ? 79  LYS A CB  1 
ATOM   316  C  CG  A LYS A 1 46  ? -6.962  0.442   9.514   0.53 41.33 ? 79  LYS A CG  1 
ATOM   317  C  CG  B LYS A 1 46  ? -6.681  0.451   9.467   0.47 41.11 ? 79  LYS A CG  1 
ATOM   318  C  CD  A LYS A 1 46  ? -7.035  0.397   11.042  0.53 40.28 ? 79  LYS A CD  1 
ATOM   319  C  CD  B LYS A 1 46  ? -6.300  1.782   8.820   0.47 39.52 ? 79  LYS A CD  1 
ATOM   320  C  CE  A LYS A 1 46  ? -6.655  -0.965  11.604  0.53 41.14 ? 79  LYS A CE  1 
ATOM   321  C  CE  B LYS A 1 46  ? -4.784  1.864   8.566   0.47 36.42 ? 79  LYS A CE  1 
ATOM   322  N  NZ  A LYS A 1 46  ? -7.784  -1.964  11.639  0.53 33.57 ? 79  LYS A NZ  1 
ATOM   323  N  NZ  B LYS A 1 46  ? -3.953  1.927   9.817   0.47 26.15 ? 79  LYS A NZ  1 
ATOM   324  N  N   . GLY A 1 47  ? -9.861  0.428   6.413   1.00 41.87 ? 80  GLY A N   1 
ATOM   325  C  CA  . GLY A 1 47  ? -10.572 1.365   5.552   1.00 47.71 ? 80  GLY A CA  1 
ATOM   326  C  C   . GLY A 1 47  ? -11.760 2.091   6.179   1.00 60.47 ? 80  GLY A C   1 
ATOM   327  O  O   . GLY A 1 47  ? -11.974 2.043   7.399   1.00 51.13 ? 80  GLY A O   1 
ATOM   328  N  N   . GLY A 1 48  ? -12.534 2.775   5.330   1.00 53.87 ? 81  GLY A N   1 
ATOM   329  C  CA  . GLY A 1 48  ? -13.714 3.503   5.767   1.00 51.50 ? 81  GLY A CA  1 
ATOM   330  C  C   . GLY A 1 48  ? -13.388 4.743   6.577   1.00 58.80 ? 81  GLY A C   1 
ATOM   331  O  O   . GLY A 1 48  ? -14.230 5.259   7.322   1.00 58.60 ? 81  GLY A O   1 
ATOM   332  N  N   . ALA A 1 49  ? -12.157 5.223   6.429   1.00 50.15 ? 82  ALA A N   1 
ATOM   333  C  CA  . ALA A 1 49  ? -11.691 6.375   7.177   1.00 46.75 ? 82  ALA A CA  1 
ATOM   334  C  C   . ALA A 1 49  ? -12.389 7.659   6.687   1.00 48.72 ? 82  ALA A C   1 
ATOM   335  O  O   . ALA A 1 49  ? -12.807 7.758   5.537   1.00 46.21 ? 82  ALA A O   1 
ATOM   336  C  CB  . ALA A 1 49  ? -10.174 6.486   7.074   1.00 48.55 ? 82  ALA A CB  1 
ATOM   337  N  N   . GLU A 1 50  ? -12.543 8.610   7.597   1.00 38.76 ? 83  GLU A N   1 
ATOM   338  C  CA  . GLU A 1 50  ? -13.082 9.926   7.302   1.00 45.95 ? 83  GLU A CA  1 
ATOM   339  C  C   . GLU A 1 50  ? -12.103 10.735  6.419   1.00 31.54 ? 83  GLU A C   1 
ATOM   340  O  O   . GLU A 1 50  ? -12.490 11.730  5.759   1.00 35.10 ? 83  GLU A O   1 
ATOM   341  C  CB  . GLU A 1 50  ? -13.316 10.654  8.633   1.00 51.95 ? 83  GLU A CB  1 
ATOM   342  C  CG  . GLU A 1 50  ? -12.088 10.625  9.575   1.00 60.33 ? 83  GLU A CG  1 
ATOM   343  C  CD  . GLU A 1 50  ? -11.736 11.990  10.211  1.00 68.99 ? 83  GLU A CD  1 
ATOM   344  O  OE1 . GLU A 1 50  ? -12.292 13.034  9.793   1.00 63.81 ? 83  GLU A OE1 1 
ATOM   345  O  OE2 . GLU A 1 50  ? -10.890 12.011  11.139  1.00 82.33 ? 83  GLU A OE2 1 
ATOM   346  N  N   . LYS A 1 51  ? -10.825 10.319  6.437   1.00 36.81 ? 84  LYS A N   1 
ATOM   347  C  CA  . LYS A 1 51  ? -9.765  10.907  5.605   1.00 29.54 ? 84  LYS A CA  1 
ATOM   348  C  C   . LYS A 1 51  ? -8.955  9.820   4.869   1.00 36.68 ? 84  LYS A C   1 
ATOM   349  O  O   . LYS A 1 51  ? -8.681  8.783   5.437   1.00 32.46 ? 84  LYS A O   1 
ATOM   350  C  CB  . LYS A 1 51  ? -8.807  11.702  6.474   1.00 40.90 ? 84  LYS A CB  1 
ATOM   351  C  CG  . LYS A 1 51  ? -9.380  13.006  7.015   1.00 61.17 ? 84  LYS A CG  1 
ATOM   352  C  CD  . LYS A 1 51  ? -9.287  14.157  6.008   1.00 57.36 ? 84  LYS A CD  1 
ATOM   353  C  CE  . LYS A 1 51  ? -9.498  15.516  6.690   1.00 64.88 ? 84  LYS A CE  1 
ATOM   354  N  NZ  . LYS A 1 51  ? -10.773 15.589  7.489   1.00 62.54 ? 84  LYS A NZ  1 
ATOM   355  N  N   . ASN A 1 52  ? -8.531  10.052  3.625   1.00 21.31 ? 85  ASN A N   1 
ATOM   356  C  CA  . ASN A 1 52  ? -7.489  9.148   3.054   1.00 17.90 ? 85  ASN A CA  1 
ATOM   357  C  C   . ASN A 1 52  ? -6.169  9.391   3.789   1.00 19.74 ? 85  ASN A C   1 
ATOM   358  O  O   . ASN A 1 52  ? -5.895  10.506  4.235   1.00 20.02 ? 85  ASN A O   1 
ATOM   359  C  CB  . ASN A 1 52  ? -7.345  9.356   1.527   1.00 15.62 ? 85  ASN A CB  1 
ATOM   360  C  CG  . ASN A 1 52  ? -8.239  8.417   0.736   1.00 24.24 ? 85  ASN A CG  1 
ATOM   361  O  OD1 . ASN A 1 52  ? -8.319  7.248   1.070   1.00 22.44 ? 85  ASN A OD1 1 
ATOM   362  N  ND2 . ASN A 1 52  ? -8.897  8.908   -0.329  1.00 18.05 ? 85  ASN A ND2 1 
ATOM   363  N  N   . PRO A 1 53  ? -5.328  8.354   3.910   1.00 20.96 ? 86  PRO A N   1 
ATOM   364  C  CA  . PRO A 1 53  ? -4.048  8.534   4.613   1.00 17.05 ? 86  PRO A CA  1 
ATOM   365  C  C   . PRO A 1 53  ? -3.071  9.444   3.880   1.00 19.14 ? 86  PRO A C   1 
ATOM   366  O  O   . PRO A 1 53  ? -3.109  9.560   2.673   1.00 14.84 ? 86  PRO A O   1 
ATOM   367  C  CB  . PRO A 1 53  ? -3.484  7.106   4.700   1.00 21.02 ? 86  PRO A CB  1 
ATOM   368  C  CG  . PRO A 1 53  ? -4.182  6.335   3.659   1.00 18.99 ? 86  PRO A CG  1 
ATOM   369  C  CD  . PRO A 1 53  ? -5.520  6.990   3.403   1.00 15.45 ? 86  PRO A CD  1 
HETATM 370  N  N   . MSE A 1 54  ? -2.170  10.083  4.608   1.00 15.79 ? 87  MSE A N   1 
HETATM 371  C  CA  . MSE A 1 54  ? -1.335  11.070  3.942   1.00 19.52 ? 87  MSE A CA  1 
HETATM 372  C  C   . MSE A 1 54  ? -0.369  10.469  2.924   1.00 15.30 ? 87  MSE A C   1 
HETATM 373  O  O   . MSE A 1 54  ? -0.016  11.146  1.937   1.00 16.27 ? 87  MSE A O   1 
HETATM 374  C  CB  . MSE A 1 54  ? -0.551  11.885  4.979   1.00 20.15 ? 87  MSE A CB  1 
HETATM 375  C  CG  . MSE A 1 54  ? -1.437  12.745  5.808   1.00 33.89 ? 87  MSE A CG  1 
HETATM 376  SE SE  . MSE A 1 54  ? -0.294  13.855  6.962   1.00 51.65 ? 87  MSE A SE  1 
HETATM 377  C  CE  . MSE A 1 54  ? 0.753   14.661  5.560   1.00 29.12 ? 87  MSE A CE  1 
ATOM   378  N  N   . TRP A 1 55  ? 0.060   9.223   3.139   1.00 12.11 ? 88  TRP A N   1 
ATOM   379  C  CA  . TRP A 1 55  ? 1.005   8.620   2.190   1.00 13.89 ? 88  TRP A CA  1 
ATOM   380  C  C   . TRP A 1 55  ? 0.333   8.507   0.816   1.00 12.44 ? 88  TRP A C   1 
ATOM   381  O  O   . TRP A 1 55  ? 0.966   8.564   -0.224  1.00 11.68 ? 88  TRP A O   1 
ATOM   382  C  CB  . TRP A 1 55  ? 1.509   7.227   2.660   1.00 12.69 ? 88  TRP A CB  1 
ATOM   383  C  CG  . TRP A 1 55  ? 0.426   6.147   2.853   1.00 9.31  ? 88  TRP A CG  1 
ATOM   384  C  CD1 . TRP A 1 55  ? -0.201  5.823   4.047   1.00 14.10 ? 88  TRP A CD1 1 
ATOM   385  C  CD2 . TRP A 1 55  ? -0.137  5.263   1.863   1.00 11.21 ? 88  TRP A CD2 1 
ATOM   386  N  NE1 . TRP A 1 55  ? -1.105  4.805   3.853   1.00 13.01 ? 88  TRP A NE1 1 
ATOM   387  C  CE2 . TRP A 1 55  ? -1.113  4.477   2.511   1.00 14.88 ? 88  TRP A CE2 1 
ATOM   388  C  CE3 . TRP A 1 55  ? 0.043   5.105   0.484   1.00 11.58 ? 88  TRP A CE3 1 
ATOM   389  C  CZ2 . TRP A 1 55  ? -1.837  3.504   1.847   1.00 15.13 ? 88  TRP A CZ2 1 
ATOM   390  C  CZ3 . TRP A 1 55  ? -0.723  4.150   -0.189  1.00 13.02 ? 88  TRP A CZ3 1 
ATOM   391  C  CH2 . TRP A 1 55  ? -1.643  3.356   0.507   1.00 17.17 ? 88  TRP A CH2 1 
ATOM   392  N  N   . TYR A 1 56  ? -0.976  8.270   0.841   1.00 14.44 ? 89  TYR A N   1 
ATOM   393  C  CA  . TYR A 1 56  ? -1.699  8.056   -0.410  1.00 12.63 ? 89  TYR A CA  1 
ATOM   394  C  C   . TYR A 1 56  ? -1.872  9.399   -1.148  1.00 13.15 ? 89  TYR A C   1 
ATOM   395  O  O   . TYR A 1 56  ? -1.713  9.469   -2.341  1.00 12.91 ? 89  TYR A O   1 
ATOM   396  C  CB  . TYR A 1 56  ? -3.057  7.368   -0.078  1.00 13.09 ? 89  TYR A CB  1 
ATOM   397  C  CG  . TYR A 1 56  ? -3.916  7.102   -1.287  1.00 13.96 ? 89  TYR A CG  1 
ATOM   398  C  CD1 . TYR A 1 56  ? -3.450  6.259   -2.311  1.00 11.99 ? 89  TYR A CD1 1 
ATOM   399  C  CD2 . TYR A 1 56  ? -5.147  7.741   -1.431  1.00 17.18 ? 89  TYR A CD2 1 
ATOM   400  C  CE1 . TYR A 1 56  ? -4.242  6.013   -3.460  1.00 14.49 ? 89  TYR A CE1 1 
ATOM   401  C  CE2 . TYR A 1 56  ? -5.943  7.542   -2.580  1.00 20.55 ? 89  TYR A CE2 1 
ATOM   402  C  CZ  . TYR A 1 56  ? -5.487  6.677   -3.568  1.00 21.77 ? 89  TYR A CZ  1 
ATOM   403  O  OH  . TYR A 1 56  ? -6.260  6.497   -4.661  1.00 18.45 ? 89  TYR A OH  1 
ATOM   404  N  N   . LEU A 1 57  ? -2.234  10.447  -0.401  1.00 11.77 ? 90  LEU A N   1 
ATOM   405  C  CA  . LEU A 1 57  ? -2.306  11.822  -0.932  1.00 13.93 ? 90  LEU A CA  1 
ATOM   406  C  C   . LEU A 1 57  ? -0.923  12.242  -1.437  1.00 13.82 ? 90  LEU A C   1 
ATOM   407  O  O   . LEU A 1 57  ? -0.825  12.826  -2.498  1.00 15.24 ? 90  LEU A O   1 
ATOM   408  C  CB  . LEU A 1 57  ? -2.811  12.806  0.153   1.00 14.36 ? 90  LEU A CB  1 
ATOM   409  C  CG  . LEU A 1 57  ? -4.193  12.563  0.793   1.00 19.71 ? 90  LEU A CG  1 
ATOM   410  C  CD1 . LEU A 1 57  ? -4.499  13.695  1.722   1.00 24.32 ? 90  LEU A CD1 1 
ATOM   411  C  CD2 . LEU A 1 57  ? -5.259  12.431  -0.294  1.00 15.62 ? 90  LEU A CD2 1 
ATOM   412  N  N   . ASN A 1 58  ? 0.153   11.934  -0.699  1.00 15.81 ? 91  ASN A N   1 
ATOM   413  C  CA  . ASN A 1 58  ? 1.520   12.265  -1.219  1.00 12.60 ? 91  ASN A CA  1 
ATOM   414  C  C   . ASN A 1 58  ? 1.834   11.610  -2.581  1.00 15.86 ? 91  ASN A C   1 
ATOM   415  O  O   . ASN A 1 58  ? 2.345   12.269  -3.534  1.00 17.07 ? 91  ASN A O   1 
ATOM   416  C  CB  . ASN A 1 58  ? 2.627   11.829  -0.212  1.00 10.36 ? 91  ASN A CB  1 
ATOM   417  C  CG  . ASN A 1 58  ? 2.562   12.562  1.082   1.00 17.24 ? 91  ASN A CG  1 
ATOM   418  O  OD1 . ASN A 1 58  ? 1.906   13.598  1.175   1.00 18.36 ? 91  ASN A OD1 1 
ATOM   419  N  ND2 . ASN A 1 58  ? 3.231   12.026  2.125   1.00 13.69 ? 91  ASN A ND2 1 
ATOM   420  N  N   . LEU A 1 59  ? 1.537   10.308  -2.718  1.00 11.09 ? 92  LEU A N   1 
ATOM   421  C  CA  . LEU A 1 59  ? 1.854   9.641   -3.988  1.00 12.17 ? 92  LEU A CA  1 
ATOM   422  C  C   . LEU A 1 59  ? 0.916   10.009  -5.167  1.00 14.47 ? 92  LEU A C   1 
ATOM   423  O  O   . LEU A 1 59  ? 1.205   9.703   -6.337  1.00 15.93 ? 92  LEU A O   1 
ATOM   424  C  CB  . LEU A 1 59  ? 2.002   8.092   -3.832  1.00 10.45 ? 92  LEU A CB  1 
ATOM   425  C  CG  . LEU A 1 59  ? 0.838   7.211   -3.381  1.00 14.85 ? 92  LEU A CG  1 
ATOM   426  C  CD1 . LEU A 1 59  ? -0.100  6.937   -4.596  1.00 12.88 ? 92  LEU A CD1 1 
ATOM   427  C  CD2 . LEU A 1 59  ? 1.415   5.911   -2.838  1.00 13.02 ? 92  LEU A CD2 1 
ATOM   428  N  N   . LYS A 1 60  ? -0.201  10.642  -4.845  1.00 13.22 ? 93  LYS A N   1 
ATOM   429  C  CA  . LYS A 1 60  ? -1.092  11.174  -5.866  1.00 16.18 ? 93  LYS A CA  1 
ATOM   430  C  C   . LYS A 1 60  ? -0.374  12.408  -6.436  1.00 22.35 ? 93  LYS A C   1 
ATOM   431  O  O   . LYS A 1 60  ? -0.390  12.666  -7.632  1.00 21.82 ? 93  LYS A O   1 
ATOM   432  C  CB  . LYS A 1 60  ? -2.445  11.579  -5.246  1.00 13.67 ? 93  LYS A CB  1 
ATOM   433  C  CG  . LYS A 1 60  ? -3.402  10.400  -4.981  1.00 19.13 ? 93  LYS A CG  1 
ATOM   434  C  CD  . LYS A 1 60  ? -3.810  9.808   -6.330  1.00 28.32 ? 93  LYS A CD  1 
ATOM   435  C  CE  . LYS A 1 60  ? -5.039  8.948   -6.256  1.00 25.01 ? 93  LYS A CE  1 
ATOM   436  N  NZ  . LYS A 1 60  ? -5.432  8.528   -7.612  1.00 31.24 ? 93  LYS A NZ  1 
ATOM   437  N  N   . ALA A 1 61  ? 0.270   13.170  -5.568  1.00 18.02 ? 94  ALA A N   1 
ATOM   438  C  CA  . ALA A 1 61  ? 0.964   14.358  -6.016  1.00 18.13 ? 94  ALA A CA  1 
ATOM   439  C  C   . ALA A 1 61  ? 2.328   14.013  -6.644  1.00 23.72 ? 94  ALA A C   1 
ATOM   440  O  O   . ALA A 1 61  ? 2.764   14.632  -7.606  1.00 19.98 ? 94  ALA A O   1 
ATOM   441  C  CB  . ALA A 1 61  ? 1.118   15.352  -4.862  1.00 18.80 ? 94  ALA A CB  1 
ATOM   442  N  N   . ASN A 1 62  ? 3.009   13.031  -6.083  1.00 15.64 ? 95  ASN A N   1 
ATOM   443  C  CA  A ASN A 1 62  ? 4.333   12.639  -6.514  0.48 18.61 ? 95  ASN A CA  1 
ATOM   444  C  CA  B ASN A 1 62  ? 4.302   12.589  -6.644  0.52 18.64 ? 95  ASN A CA  1 
ATOM   445  C  C   . ASN A 1 62  ? 4.401   11.100  -6.571  1.00 15.79 ? 95  ASN A C   1 
ATOM   446  O  O   . ASN A 1 62  ? 4.710   10.479  -5.523  1.00 14.20 ? 95  ASN A O   1 
ATOM   447  C  CB  A ASN A 1 62  ? 5.341   13.199  -5.488  0.48 13.49 ? 95  ASN A CB  1 
ATOM   448  C  CB  B ASN A 1 62  ? 5.566   13.216  -6.036  0.52 16.70 ? 95  ASN A CB  1 
ATOM   449  C  CG  A ASN A 1 62  ? 5.521   14.708  -5.602  0.48 18.66 ? 95  ASN A CG  1 
ATOM   450  C  CG  B ASN A 1 62  ? 6.818   13.107  -6.996  0.52 21.47 ? 95  ASN A CG  1 
ATOM   451  O  OD1 A ASN A 1 62  ? 6.115   15.178  -6.552  0.48 24.03 ? 95  ASN A OD1 1 
ATOM   452  O  OD1 B ASN A 1 62  ? 6.946   12.185  -7.844  0.52 12.55 ? 95  ASN A OD1 1 
ATOM   453  N  ND2 A ASN A 1 62  ? 5.023   15.462  -4.632  0.48 20.89 ? 95  ASN A ND2 1 
ATOM   454  N  ND2 B ASN A 1 62  ? 7.714   14.087  -6.881  0.52 27.21 ? 95  ASN A ND2 1 
ATOM   455  N  N   . PRO A 1 63  ? 4.120   10.497  -7.724  1.00 14.98 ? 96  PRO A N   1 
ATOM   456  C  CA  . PRO A 1 63  ? 4.082   9.045   -7.890  1.00 15.85 ? 96  PRO A CA  1 
ATOM   457  C  C   . PRO A 1 63  ? 5.415   8.341   -7.629  1.00 18.85 ? 96  PRO A C   1 
ATOM   458  O  O   . PRO A 1 63  ? 5.428   7.123   -7.443  1.00 15.92 ? 96  PRO A O   1 
ATOM   459  C  CB  . PRO A 1 63  ? 3.700   8.866   -9.358  1.00 12.59 ? 96  PRO A CB  1 
ATOM   460  C  CG  . PRO A 1 63  ? 2.858   10.091  -9.659  1.00 17.76 ? 96  PRO A CG  1 
ATOM   461  C  CD  . PRO A 1 63  ? 3.572   11.216  -8.897  1.00 13.01 ? 96  PRO A CD  1 
ATOM   462  N  N   . LYS A 1 64  ? 6.532   9.055   -7.646  1.00 14.22 ? 97  LYS A N   1 
ATOM   463  C  CA  A LYS A 1 64  ? 7.807   8.380   -7.408  0.44 15.55 ? 97  LYS A CA  1 
ATOM   464  C  CA  B LYS A 1 64  ? 7.824   8.415   -7.399  0.56 15.57 ? 97  LYS A CA  1 
ATOM   465  C  C   . LYS A 1 64  ? 8.006   8.066   -5.926  1.00 13.23 ? 97  LYS A C   1 
ATOM   466  O  O   . LYS A 1 64  ? 8.033   8.958   -5.083  1.00 14.02 ? 97  LYS A O   1 
ATOM   467  C  CB  A LYS A 1 64  ? 8.985   9.201   -7.932  0.44 15.75 ? 97  LYS A CB  1 
ATOM   468  C  CB  B LYS A 1 64  ? 8.959   9.345   -7.817  0.56 15.46 ? 97  LYS A CB  1 
ATOM   469  C  CG  A LYS A 1 64  ? 8.924   9.450   -9.466  0.44 19.12 ? 97  LYS A CG  1 
ATOM   470  C  CG  B LYS A 1 64  ? 9.017   9.553   -9.355  0.56 19.44 ? 97  LYS A CG  1 
ATOM   471  C  CD  A LYS A 1 64  ? 10.299  9.829   -10.014 0.44 22.28 ? 97  LYS A CD  1 
ATOM   472  C  CD  B LYS A 1 64  ? 9.395   8.262   -10.031 0.56 13.75 ? 97  LYS A CD  1 
ATOM   473  C  CE  A LYS A 1 64  ? 11.110  8.591   -10.310 0.44 25.82 ? 97  LYS A CE  1 
ATOM   474  C  CE  B LYS A 1 64  ? 9.978   8.484   -11.424 0.56 28.71 ? 97  LYS A CE  1 
ATOM   475  N  NZ  A LYS A 1 64  ? 10.781  8.036   -11.662 0.44 30.86 ? 97  LYS A NZ  1 
ATOM   476  N  NZ  B LYS A 1 64  ? 11.436  8.766   -11.358 0.56 34.81 ? 97  LYS A NZ  1 
ATOM   477  N  N   . VAL A 1 65  ? 8.154   6.789   -5.630  1.00 12.64 ? 98  VAL A N   1 
ATOM   478  C  CA  . VAL A 1 65  ? 8.251   6.344   -4.247  1.00 11.00 ? 98  VAL A CA  1 
ATOM   479  C  C   . VAL A 1 65  ? 9.431   5.408   -4.049  1.00 12.46 ? 98  VAL A C   1 
ATOM   480  O  O   . VAL A 1 65  ? 10.058  4.944   -5.027  1.00 12.02 ? 98  VAL A O   1 
ATOM   481  C  CB  . VAL A 1 65  ? 6.905   5.596   -3.807  1.00 10.52 ? 98  VAL A CB  1 
ATOM   482  C  CG1 . VAL A 1 65  ? 5.683   6.516   -3.980  1.00 12.87 ? 98  VAL A CG1 1 
ATOM   483  C  CG2 . VAL A 1 65  ? 6.742   4.294   -4.610  1.00 9.07  ? 98  VAL A CG2 1 
ATOM   484  N  N   . GLN A 1 66  ? 9.713   5.084   -2.773  1.00 11.48 ? 99  GLN A N   1 
ATOM   485  C  CA  . GLN A 1 66  ? 10.650  4.035   -2.431  1.00 9.46  ? 99  GLN A CA  1 
ATOM   486  C  C   . GLN A 1 66  ? 9.922   2.993   -1.566  1.00 10.43 ? 99  GLN A C   1 
ATOM   487  O  O   . GLN A 1 66  ? 9.132   3.369   -0.728  1.00 12.25 ? 99  GLN A O   1 
ATOM   488  C  CB  . GLN A 1 66  ? 11.858  4.543   -1.601  1.00 11.56 ? 99  GLN A CB  1 
ATOM   489  C  CG  . GLN A 1 66  ? 12.842  3.425   -1.203  1.00 16.24 ? 99  GLN A CG  1 
ATOM   490  C  CD  . GLN A 1 66  ? 13.962  4.001   -0.375  1.00 25.41 ? 99  GLN A CD  1 
ATOM   491  O  OE1 . GLN A 1 66  ? 14.884  4.614   -0.916  1.00 19.91 ? 99  GLN A OE1 1 
ATOM   492  N  NE2 . GLN A 1 66  ? 13.867  3.868   0.940   1.00 17.42 ? 99  GLN A NE2 1 
ATOM   493  N  N   . VAL A 1 67  ? 10.164  1.717   -1.852  1.00 11.32 ? 100 VAL A N   1 
ATOM   494  C  CA  . VAL A 1 67  ? 9.622   0.603   -1.058  1.00 13.14 ? 100 VAL A CA  1 
ATOM   495  C  C   . VAL A 1 67  ? 10.786  -0.188  -0.515  1.00 14.17 ? 100 VAL A C   1 
ATOM   496  O  O   . VAL A 1 67  ? 11.701  -0.545  -1.264  1.00 16.17 ? 100 VAL A O   1 
ATOM   497  C  CB  . VAL A 1 67  ? 8.748   -0.338  -1.892  1.00 15.42 ? 100 VAL A CB  1 
ATOM   498  C  CG1 . VAL A 1 67  ? 8.367   -1.586  -1.046  1.00 16.86 ? 100 VAL A CG1 1 
ATOM   499  C  CG2 . VAL A 1 67  ? 7.494   0.393   -2.307  1.00 14.50 ? 100 VAL A CG2 1 
ATOM   500  N  N   . GLN A 1 68  ? 10.753  -0.429  0.785   1.00 12.95 ? 101 GLN A N   1 
ATOM   501  C  CA  . GLN A 1 68  ? 11.723  -1.318  1.424   1.00 16.05 ? 101 GLN A CA  1 
ATOM   502  C  C   . GLN A 1 68  ? 10.993  -2.569  1.989   1.00 12.36 ? 101 GLN A C   1 
ATOM   503  O  O   . GLN A 1 68  ? 10.044  -2.461  2.749   1.00 11.25 ? 101 GLN A O   1 
ATOM   504  C  CB  . GLN A 1 68  ? 12.474  -0.592  2.561   1.00 12.39 ? 101 GLN A CB  1 
ATOM   505  C  CG  . GLN A 1 68  ? 13.520  -1.488  3.301   1.00 11.38 ? 101 GLN A CG  1 
ATOM   506  C  CD  . GLN A 1 68  ? 14.123  -0.797  4.558   1.00 19.51 ? 101 GLN A CD  1 
ATOM   507  O  OE1 . GLN A 1 68  ? 13.961  0.422   4.783   1.00 18.41 ? 101 GLN A OE1 1 
ATOM   508  N  NE2 . GLN A 1 68  ? 14.853  -1.572  5.348   1.00 16.69 ? 101 GLN A NE2 1 
ATOM   509  N  N   . ILE A 1 69  ? 11.474  -3.735  1.590   1.00 16.04 ? 102 ILE A N   1 
ATOM   510  C  CA  . ILE A 1 69  ? 11.002  -5.019  2.120   1.00 14.31 ? 102 ILE A CA  1 
ATOM   511  C  C   . ILE A 1 69  ? 12.240  -5.712  2.652   1.00 13.75 ? 102 ILE A C   1 
ATOM   512  O  O   . ILE A 1 69  ? 13.199  -5.918  1.905   1.00 16.89 ? 102 ILE A O   1 
ATOM   513  C  CB  . ILE A 1 69  ? 10.368  -5.855  0.970   1.00 17.01 ? 102 ILE A CB  1 
ATOM   514  C  CG1 . ILE A 1 69  ? 9.107   -5.117  0.460   1.00 14.34 ? 102 ILE A CG1 1 
ATOM   515  C  CG2 . ILE A 1 69  ? 10.019  -7.316  1.460   1.00 17.03 ? 102 ILE A CG2 1 
ATOM   516  C  CD1 . ILE A 1 69  ? 8.522   -5.569  -0.970  1.00 19.67 ? 102 ILE A CD1 1 
ATOM   517  N  N   . LYS A 1 70  ? 12.222  -6.026  3.941   1.00 12.56 ? 103 LYS A N   1 
ATOM   518  C  CA  . LYS A 1 70  ? 13.390  -6.544  4.619   1.00 17.27 ? 103 LYS A CA  1 
ATOM   519  C  C   . LYS A 1 70  ? 14.532  -5.521  4.397   1.00 17.41 ? 103 LYS A C   1 
ATOM   520  O  O   . LYS A 1 70  ? 14.403  -4.354  4.752   1.00 17.43 ? 103 LYS A O   1 
ATOM   521  C  CB  . LYS A 1 70  ? 13.711  -7.959  4.112   1.00 15.55 ? 103 LYS A CB  1 
ATOM   522  C  CG  . LYS A 1 70  ? 12.599  -8.896  4.495   1.00 25.13 ? 103 LYS A CG  1 
ATOM   523  C  CD  . LYS A 1 70  ? 12.990  -10.356 4.307   1.00 41.80 ? 103 LYS A CD  1 
ATOM   524  C  CE  . LYS A 1 70  ? 11.930  -11.240 4.982   1.00 61.37 ? 103 LYS A CE  1 
ATOM   525  N  NZ  . LYS A 1 70  ? 12.282  -12.688 4.999   1.00 71.00 ? 103 LYS A NZ  1 
ATOM   526  N  N   . LYS A 1 71  ? 15.621  -5.905  3.781   1.00 16.83 ? 104 LYS A N   1 
ATOM   527  C  CA  . LYS A 1 71  ? 16.624  -4.877  3.571   1.00 18.92 ? 104 LYS A CA  1 
ATOM   528  C  C   . LYS A 1 71  ? 16.741  -4.451  2.121   1.00 21.54 ? 104 LYS A C   1 
ATOM   529  O  O   . LYS A 1 71  ? 17.683  -3.801  1.752   1.00 22.66 ? 104 LYS A O   1 
ATOM   530  C  CB  . LYS A 1 71  ? 17.981  -5.339  4.099   1.00 33.25 ? 104 LYS A CB  1 
ATOM   531  C  CG  . LYS A 1 71  ? 18.065  -5.381  5.630   1.00 30.16 ? 104 LYS A CG  1 
ATOM   532  C  CD  . LYS A 1 71  ? 19.535  -5.381  6.028   1.00 46.40 ? 104 LYS A CD  1 
ATOM   533  C  CE  . LYS A 1 71  ? 19.795  -6.225  7.241   1.00 46.55 ? 104 LYS A CE  1 
ATOM   534  N  NZ  . LYS A 1 71  ? 19.034  -5.700  8.368   1.00 43.67 ? 104 LYS A NZ  1 
ATOM   535  N  N   . GLU A 1 72  ? 15.788  -4.842  1.299   1.00 20.78 ? 105 GLU A N   1 
ATOM   536  C  CA  . GLU A 1 72  ? 15.862  -4.557  -0.120  1.00 19.99 ? 105 GLU A CA  1 
ATOM   537  C  C   . GLU A 1 72  ? 15.160  -3.236  -0.358  1.00 18.60 ? 105 GLU A C   1 
ATOM   538  O  O   . GLU A 1 72  ? 14.091  -2.997  0.168   1.00 17.52 ? 105 GLU A O   1 
ATOM   539  C  CB  . GLU A 1 72  ? 15.157  -5.674  -0.882  1.00 19.89 ? 105 GLU A CB  1 
ATOM   540  C  CG  . GLU A 1 72  ? 15.210  -5.519  -2.362  1.00 22.96 ? 105 GLU A CG  1 
ATOM   541  C  CD  . GLU A 1 72  ? 14.381  -6.588  -3.058  1.00 37.21 ? 105 GLU A CD  1 
ATOM   542  O  OE1 . GLU A 1 72  ? 13.653  -7.336  -2.361  1.00 40.28 ? 105 GLU A OE1 1 
ATOM   543  O  OE2 . GLU A 1 72  ? 14.476  -6.694  -4.297  1.00 43.40 ? 105 GLU A OE2 1 
ATOM   544  N  N   . VAL A 1 73  ? 15.770  -2.365  -1.148  1.00 16.24 ? 106 VAL A N   1 
ATOM   545  C  CA  . VAL A 1 73  ? 15.213  -1.041  -1.356  1.00 13.78 ? 106 VAL A CA  1 
ATOM   546  C  C   . VAL A 1 73  ? 14.916  -0.928  -2.830  1.00 18.14 ? 106 VAL A C   1 
ATOM   547  O  O   . VAL A 1 73  ? 15.812  -1.187  -3.633  1.00 19.51 ? 106 VAL A O   1 
ATOM   548  C  CB  . VAL A 1 73  ? 16.214  0.021   -0.888  1.00 21.93 ? 106 VAL A CB  1 
ATOM   549  C  CG1 . VAL A 1 73  ? 15.865  1.339   -1.477  1.00 21.75 ? 106 VAL A CG1 1 
ATOM   550  C  CG2 . VAL A 1 73  ? 16.192  0.080   0.669   1.00 21.91 ? 106 VAL A CG2 1 
ATOM   551  N  N   . LEU A 1 74  ? 13.680  -0.535  -3.172  1.00 14.28 ? 107 LEU A N   1 
ATOM   552  C  CA  . LEU A 1 74  ? 13.231  -0.406  -4.588  1.00 15.47 ? 107 LEU A CA  1 
ATOM   553  C  C   . LEU A 1 74  ? 12.720  0.993   -4.895  1.00 14.85 ? 107 LEU A C   1 
ATOM   554  O  O   . LEU A 1 74  ? 11.824  1.513   -4.223  1.00 15.94 ? 107 LEU A O   1 
ATOM   555  C  CB  . LEU A 1 74  ? 12.049  -1.379  -4.864  1.00 11.94 ? 107 LEU A CB  1 
ATOM   556  C  CG  . LEU A 1 74  ? 12.360  -2.835  -4.573  1.00 22.28 ? 107 LEU A CG  1 
ATOM   557  C  CD1 . LEU A 1 74  ? 11.083  -3.619  -4.455  1.00 26.66 ? 107 LEU A CD1 1 
ATOM   558  C  CD2 . LEU A 1 74  ? 13.285  -3.463  -5.646  1.00 21.78 ? 107 LEU A CD2 1 
ATOM   559  N  N   . ASP A 1 75  ? 13.165  1.542   -6.012  1.00 13.21 ? 108 ASP A N   1 
ATOM   560  C  CA  . ASP A 1 75  ? 12.612  2.811   -6.512  1.00 17.83 ? 108 ASP A CA  1 
ATOM   561  C  C   . ASP A 1 75  ? 11.515  2.486   -7.504  1.00 18.86 ? 108 ASP A C   1 
ATOM   562  O  O   . ASP A 1 75  ? 11.774  1.840   -8.544  1.00 16.30 ? 108 ASP A O   1 
ATOM   563  C  CB  . ASP A 1 75  ? 13.743  3.563   -7.218  1.00 18.82 ? 108 ASP A CB  1 
ATOM   564  C  CG  . ASP A 1 75  ? 14.797  4.019   -6.234  1.00 26.92 ? 108 ASP A CG  1 
ATOM   565  O  OD1 . ASP A 1 75  ? 14.438  4.262   -5.065  1.00 27.99 ? 108 ASP A OD1 1 
ATOM   566  O  OD2 . ASP A 1 75  ? 15.959  4.177   -6.629  1.00 33.02 ? 108 ASP A OD2 1 
ATOM   567  N  N   . LEU A 1 76  ? 10.296  2.908   -7.202  1.00 18.40 ? 109 LEU A N   1 
ATOM   568  C  CA  . LEU A 1 76  ? 9.128   2.484   -7.995  1.00 15.24 ? 109 LEU A CA  1 
ATOM   569  C  C   . LEU A 1 76  ? 8.209   3.665   -8.227  1.00 14.35 ? 109 LEU A C   1 
ATOM   570  O  O   . LEU A 1 76  ? 8.312   4.683   -7.555  1.00 16.68 ? 109 LEU A O   1 
ATOM   571  C  CB  . LEU A 1 76  ? 8.344   1.373   -7.218  1.00 13.64 ? 109 LEU A CB  1 
ATOM   572  C  CG  . LEU A 1 76  ? 9.141   0.113   -6.858  1.00 13.57 ? 109 LEU A CG  1 
ATOM   573  C  CD1 . LEU A 1 76  ? 8.348   -0.852  -5.907  1.00 15.54 ? 109 LEU A CD1 1 
ATOM   574  C  CD2 . LEU A 1 76  ? 9.558   -0.650  -8.145  1.00 18.92 ? 109 LEU A CD2 1 
ATOM   575  N  N   . THR A 1 77  ? 7.307   3.533   -9.202  1.00 13.41 ? 110 THR A N   1 
ATOM   576  C  CA  . THR A 1 77  ? 6.356   4.568   -9.498  1.00 13.56 ? 110 THR A CA  1 
ATOM   577  C  C   . THR A 1 77  ? 4.972   4.024   -9.164  1.00 15.81 ? 110 THR A C   1 
ATOM   578  O  O   . THR A 1 77  ? 4.604   2.958   -9.638  1.00 15.03 ? 110 THR A O   1 
ATOM   579  C  CB  . THR A 1 77  ? 6.487   4.951   -11.014 1.00 17.63 ? 110 THR A CB  1 
ATOM   580  O  OG1 . THR A 1 77  ? 7.826   5.434   -11.201 1.00 16.47 ? 110 THR A OG1 1 
ATOM   581  C  CG2 . THR A 1 77  ? 5.509   6.051   -11.406 1.00 20.49 ? 110 THR A CG2 1 
ATOM   582  N  N   . ALA A 1 78  ? 4.226   4.770   -8.361  1.00 16.38 ? 111 ALA A N   1 
ATOM   583  C  CA  . ALA A 1 78  ? 2.977   4.287   -7.770  1.00 18.20 ? 111 ALA A CA  1 
ATOM   584  C  C   . ALA A 1 78  ? 1.769   4.769   -8.544  1.00 19.09 ? 111 ALA A C   1 
ATOM   585  O  O   . ALA A 1 78  ? 1.727   5.942   -8.940  1.00 19.37 ? 111 ALA A O   1 
ATOM   586  C  CB  . ALA A 1 78  ? 2.851   4.829   -6.303  1.00 14.05 ? 111 ALA A CB  1 
ATOM   587  N  N   . ARG A 1 79  ? 0.772   3.899   -8.725  1.00 16.69 ? 112 ARG A N   1 
ATOM   588  C  CA  . ARG A 1 79  ? -0.496  4.300   -9.357  1.00 16.47 ? 112 ARG A CA  1 
ATOM   589  C  C   . ARG A 1 79  ? -1.629  3.475   -8.711  1.00 17.15 ? 112 ARG A C   1 
ATOM   590  O  O   . ARG A 1 79  ? -1.358  2.405   -8.173  1.00 14.66 ? 112 ARG A O   1 
ATOM   591  C  CB  . ARG A 1 79  ? -0.462  4.057   -10.860 1.00 13.01 ? 112 ARG A CB  1 
ATOM   592  C  CG  . ARG A 1 79  ? -0.235  2.582   -11.237 1.00 18.30 ? 112 ARG A CG  1 
ATOM   593  C  CD  . ARG A 1 79  ? -0.364  2.342   -12.768 1.00 17.32 ? 112 ARG A CD  1 
ATOM   594  N  NE  . ARG A 1 79  ? -0.080  0.946   -13.099 1.00 22.07 ? 112 ARG A NE  1 
ATOM   595  C  CZ  . ARG A 1 79  ? -0.962  -0.036  -12.932 1.00 23.56 ? 112 ARG A CZ  1 
ATOM   596  N  NH1 . ARG A 1 79  ? -2.188  0.231   -12.449 1.00 16.63 ? 112 ARG A NH1 1 
ATOM   597  N  NH2 . ARG A 1 79  ? -0.623  -1.260  -13.268 1.00 20.86 ? 112 ARG A NH2 1 
ATOM   598  N  N   . ASP A 1 80  ? -2.857  3.978   -8.727  1.00 14.34 ? 113 ASP A N   1 
ATOM   599  C  CA  . ASP A 1 80  ? -4.004  3.169   -8.242  1.00 16.21 ? 113 ASP A CA  1 
ATOM   600  C  C   . ASP A 1 80  ? -4.112  1.889   -8.998  1.00 17.33 ? 113 ASP A C   1 
ATOM   601  O  O   . ASP A 1 80  ? -3.933  1.885   -10.214 1.00 15.70 ? 113 ASP A O   1 
ATOM   602  C  CB  . ASP A 1 80  ? -5.309  3.897   -8.492  1.00 21.05 ? 113 ASP A CB  1 
ATOM   603  C  CG  . ASP A 1 80  ? -5.561  4.969   -7.475  1.00 27.85 ? 113 ASP A CG  1 
ATOM   604  O  OD1 . ASP A 1 80  ? -5.284  4.733   -6.273  1.00 25.50 ? 113 ASP A OD1 1 
ATOM   605  O  OD2 . ASP A 1 80  ? -6.041  6.043   -7.882  1.00 30.23 ? 113 ASP A OD2 1 
ATOM   606  N  N   . ALA A 1 81  ? -4.493  0.804   -8.296  1.00 12.58 ? 114 ALA A N   1 
ATOM   607  C  CA  . ALA A 1 81  ? -4.893  -0.436  -8.998  1.00 16.18 ? 114 ALA A CA  1 
ATOM   608  C  C   . ALA A 1 81  ? -6.133  -0.100  -9.803  1.00 15.04 ? 114 ALA A C   1 
ATOM   609  O  O   . ALA A 1 81  ? -7.026  0.567   -9.284  1.00 16.07 ? 114 ALA A O   1 
ATOM   610  C  CB  . ALA A 1 81  ? -5.238  -1.557  -7.940  1.00 12.95 ? 114 ALA A CB  1 
ATOM   611  N  N   . THR A 1 82  ? -6.203  -0.569  -11.050 1.00 14.93 ? 115 THR A N   1 
ATOM   612  C  CA  . THR A 1 82  ? -7.442  -0.474  -11.832 1.00 16.93 ? 115 THR A CA  1 
ATOM   613  C  C   . THR A 1 82  ? -8.501  -1.388  -11.214 1.00 22.23 ? 115 THR A C   1 
ATOM   614  O  O   . THR A 1 82  ? -8.209  -2.161  -10.349 1.00 15.92 ? 115 THR A O   1 
ATOM   615  C  CB  . THR A 1 82  ? -7.251  -0.972  -13.250 1.00 14.74 ? 115 THR A CB  1 
ATOM   616  O  OG1 . THR A 1 82  ? -6.870  -2.362  -13.258 1.00 17.35 ? 115 THR A OG1 1 
ATOM   617  C  CG2 . THR A 1 82  ? -6.129  -0.194  -13.957 1.00 21.18 ? 115 THR A CG2 1 
ATOM   618  N  N   . ASP A 1 83  ? -9.721  -1.326  -11.698 1.00 18.53 ? 116 ASP A N   1 
ATOM   619  C  CA  . ASP A 1 83  ? -10.769 -2.189  -11.155 1.00 21.71 ? 116 ASP A CA  1 
ATOM   620  C  C   . ASP A 1 83  ? -10.394 -3.643  -11.297 1.00 16.26 ? 116 ASP A C   1 
ATOM   621  O  O   . ASP A 1 83  ? -10.643 -4.458  -10.386 1.00 19.92 ? 116 ASP A O   1 
ATOM   622  C  CB  . ASP A 1 83  ? -12.094 -1.920  -11.895 1.00 25.70 ? 116 ASP A CB  1 
ATOM   623  C  CG  . ASP A 1 83  ? -12.668 -0.549  -11.568 1.00 38.20 ? 116 ASP A CG  1 
ATOM   624  O  OD1 . ASP A 1 83  ? -12.361 -0.029  -10.479 1.00 40.94 ? 116 ASP A OD1 1 
ATOM   625  O  OD2 . ASP A 1 83  ? -13.418 0.014   -12.394 1.00 47.02 ? 116 ASP A OD2 1 
ATOM   626  N  N   . GLU A 1 84  ? -9.811  -3.989  -12.438 1.00 16.64 ? 117 GLU A N   1 
ATOM   627  C  CA  . GLU A 1 84  ? -9.417  -5.379  -12.646 1.00 19.58 ? 117 GLU A CA  1 
ATOM   628  C  C   . GLU A 1 84  ? -8.322  -5.810  -11.687 1.00 19.17 ? 117 GLU A C   1 
ATOM   629  O  O   . GLU A 1 84  ? -8.295  -6.941  -11.207 1.00 14.80 ? 117 GLU A O   1 
ATOM   630  C  CB  . GLU A 1 84  ? -8.893  -5.567  -14.066 1.00 15.66 ? 117 GLU A CB  1 
ATOM   631  C  CG  . GLU A 1 84  ? -8.726  -7.069  -14.413 1.00 20.11 ? 117 GLU A CG  1 
ATOM   632  C  CD  . GLU A 1 84  ? -7.360  -7.578  -14.093 1.00 26.54 ? 117 GLU A CD  1 
ATOM   633  O  OE1 . GLU A 1 84  ? -6.414  -6.747  -13.907 1.00 22.39 ? 117 GLU A OE1 1 
ATOM   634  O  OE2 . GLU A 1 84  ? -7.199  -8.812  -14.033 1.00 24.65 ? 117 GLU A OE2 1 
ATOM   635  N  N   . GLU A 1 85  ? -7.372  -4.916  -11.446 1.00 14.62 ? 118 GLU A N   1 
ATOM   636  C  CA  . GLU A 1 85  ? -6.264  -5.248  -10.567 1.00 12.61 ? 118 GLU A CA  1 
ATOM   637  C  C   . GLU A 1 85  ? -6.729  -5.316  -9.133  1.00 11.49 ? 118 GLU A C   1 
ATOM   638  O  O   . GLU A 1 85  ? -6.221  -6.122  -8.342  1.00 16.02 ? 118 GLU A O   1 
ATOM   639  C  CB  . GLU A 1 85  ? -5.192  -4.150  -10.727 1.00 14.19 ? 118 GLU A CB  1 
ATOM   640  C  CG  . GLU A 1 85  ? -4.327  -4.341  -11.938 1.00 13.32 ? 118 GLU A CG  1 
ATOM   641  C  CD  . GLU A 1 85  ? -3.515  -3.088  -12.302 1.00 18.70 ? 118 GLU A CD  1 
ATOM   642  O  OE1 . GLU A 1 85  ? -3.758  -1.984  -11.788 1.00 17.21 ? 118 GLU A OE1 1 
ATOM   643  O  OE2 . GLU A 1 85  ? -2.644  -3.231  -13.159 1.00 24.34 ? 118 GLU A OE2 1 
ATOM   644  N  N   . ARG A 1 86  ? -7.672  -4.471  -8.748  1.00 12.69 ? 119 ARG A N   1 
ATOM   645  C  CA  . ARG A 1 86  ? -8.188  -4.665  -7.383  1.00 15.41 ? 119 ARG A CA  1 
ATOM   646  C  C   . ARG A 1 86  ? -8.808  -6.080  -7.253  1.00 16.31 ? 119 ARG A C   1 
ATOM   647  O  O   . ARG A 1 86  ? -8.614  -6.761  -6.248  1.00 13.15 ? 119 ARG A O   1 
ATOM   648  C  CB  . ARG A 1 86  ? -9.244  -3.601  -6.996  1.00 15.99 ? 119 ARG A CB  1 
ATOM   649  C  CG  . ARG A 1 86  ? -8.749  -2.149  -6.830  1.00 21.68 ? 119 ARG A CG  1 
ATOM   650  C  CD  . ARG A 1 86  ? -9.945  -1.270  -6.342  1.00 19.93 ? 119 ARG A CD  1 
ATOM   651  N  NE  . ARG A 1 86  ? -10.319 -1.515  -4.937  1.00 20.13 ? 119 ARG A NE  1 
ATOM   652  C  CZ  . ARG A 1 86  ? -9.745  -0.888  -3.899  1.00 21.45 ? 119 ARG A CZ  1 
ATOM   653  N  NH1 . ARG A 1 86  ? -8.779  0.037   -4.117  1.00 19.27 ? 119 ARG A NH1 1 
ATOM   654  N  NH2 . ARG A 1 86  ? -10.132 -1.170  -2.660  1.00 19.90 ? 119 ARG A NH2 1 
ATOM   655  N  N   . ALA A 1 87  ? -9.574  -6.506  -8.246  1.00 15.08 ? 120 ALA A N   1 
ATOM   656  C  CA  . ALA A 1 87  ? -10.221 -7.820  -8.196  1.00 13.96 ? 120 ALA A CA  1 
ATOM   657  C  C   . ALA A 1 87  ? -9.166  -8.900  -8.193  1.00 17.16 ? 120 ALA A C   1 
ATOM   658  O  O   . ALA A 1 87  ? -9.342  -9.935  -7.584  1.00 18.16 ? 120 ALA A O   1 
ATOM   659  C  CB  . ALA A 1 87  ? -11.182 -8.037  -9.391  1.00 17.96 ? 120 ALA A CB  1 
ATOM   660  N  N   . GLU A 1 88  ? -8.078  -8.685  -8.908  1.00 12.79 ? 121 GLU A N   1 
ATOM   661  C  CA  . GLU A 1 88  ? -7.015  -9.678  -8.917  1.00 17.42 ? 121 GLU A CA  1 
ATOM   662  C  C   . GLU A 1 88  ? -6.221  -9.762  -7.580  1.00 17.30 ? 121 GLU A C   1 
ATOM   663  O  O   . GLU A 1 88  ? -5.889  -10.846 -7.094  1.00 18.83 ? 121 GLU A O   1 
ATOM   664  C  CB  . GLU A 1 88  ? -6.089  -9.336  -10.073 1.00 19.65 ? 121 GLU A CB  1 
ATOM   665  C  CG  . GLU A 1 88  ? -4.742  -9.933  -9.965  1.00 26.88 ? 121 GLU A CG  1 
ATOM   666  C  CD  . GLU A 1 88  ? -3.860  -9.587  -11.177 1.00 47.44 ? 121 GLU A CD  1 
ATOM   667  O  OE1 . GLU A 1 88  ? -4.235  -8.702  -11.998 1.00 40.55 ? 121 GLU A OE1 1 
ATOM   668  O  OE2 . GLU A 1 88  ? -2.780  -10.209 -11.301 1.00 43.22 ? 121 GLU A OE2 1 
ATOM   669  N  N   . TYR A 1 89  ? -5.905  -8.611  -6.988  1.00 15.63 ? 122 TYR A N   1 
ATOM   670  C  CA  . TYR A 1 89  ? -5.032  -8.593  -5.824  1.00 16.23 ? 122 TYR A CA  1 
ATOM   671  C  C   . TYR A 1 89  ? -5.723  -8.679  -4.482  1.00 15.86 ? 122 TYR A C   1 
ATOM   672  O  O   . TYR A 1 89  ? -5.121  -9.141  -3.519  1.00 12.57 ? 122 TYR A O   1 
ATOM   673  C  CB  . TYR A 1 89  ? -4.163  -7.341  -5.831  1.00 16.37 ? 122 TYR A CB  1 
ATOM   674  C  CG  . TYR A 1 89  ? -3.187  -7.278  -6.962  1.00 15.41 ? 122 TYR A CG  1 
ATOM   675  C  CD1 . TYR A 1 89  ? -2.321  -8.334  -7.196  1.00 17.54 ? 122 TYR A CD1 1 
ATOM   676  C  CD2 . TYR A 1 89  ? -3.125  -6.139  -7.803  1.00 15.21 ? 122 TYR A CD2 1 
ATOM   677  C  CE1 . TYR A 1 89  ? -1.414  -8.291  -8.232  1.00 22.76 ? 122 TYR A CE1 1 
ATOM   678  C  CE2 . TYR A 1 89  ? -2.219  -6.091  -8.859  1.00 19.81 ? 122 TYR A CE2 1 
ATOM   679  C  CZ  . TYR A 1 89  ? -1.365  -7.183  -9.062  1.00 22.63 ? 122 TYR A CZ  1 
ATOM   680  O  OH  . TYR A 1 89  ? -0.426  -7.157  -10.089 1.00 23.89 ? 122 TYR A OH  1 
ATOM   681  N  N   . TRP A 1 90  ? -6.956  -8.175  -4.397  1.00 16.08 ? 123 TRP A N   1 
ATOM   682  C  CA  . TRP A 1 90  ? -7.631  -8.123  -3.101  1.00 18.33 ? 123 TRP A CA  1 
ATOM   683  C  C   . TRP A 1 90  ? -7.740  -9.512  -2.446  1.00 21.26 ? 123 TRP A C   1 
ATOM   684  O  O   . TRP A 1 90  ? -7.370  -9.641  -1.281  1.00 19.16 ? 123 TRP A O   1 
ATOM   685  C  CB  . TRP A 1 90  ? -8.988  -7.404  -3.205  1.00 19.41 ? 123 TRP A CB  1 
ATOM   686  C  CG  . TRP A 1 90  ? -9.741  -7.421  -1.936  1.00 29.51 ? 123 TRP A CG  1 
ATOM   687  C  CD1 . TRP A 1 90  ? -10.918 -8.086  -1.671  1.00 30.82 ? 123 TRP A CD1 1 
ATOM   688  C  CD2 . TRP A 1 90  ? -9.376  -6.755  -0.733  1.00 20.25 ? 123 TRP A CD2 1 
ATOM   689  N  NE1 . TRP A 1 90  ? -11.305 -7.846  -0.366  1.00 28.71 ? 123 TRP A NE1 1 
ATOM   690  C  CE2 . TRP A 1 90  ? -10.373 -7.044  0.231   1.00 20.89 ? 123 TRP A CE2 1 
ATOM   691  C  CE3 . TRP A 1 90  ? -8.313  -5.936  -0.372  1.00 24.53 ? 123 TRP A CE3 1 
ATOM   692  C  CZ2 . TRP A 1 90  ? -10.319 -6.535  1.534   1.00 21.79 ? 123 TRP A CZ2 1 
ATOM   693  C  CZ3 . TRP A 1 90  ? -8.284  -5.415  0.921   1.00 20.77 ? 123 TRP A CZ3 1 
ATOM   694  C  CH2 . TRP A 1 90  ? -9.270  -5.724  1.849   1.00 21.53 ? 123 TRP A CH2 1 
ATOM   695  N  N   . PRO A 1 91  ? -8.166  -10.565 -3.187  1.00 20.82 ? 124 PRO A N   1 
ATOM   696  C  CA  . PRO A 1 91  ? -8.169  -11.878 -2.509  1.00 20.39 ? 124 PRO A CA  1 
ATOM   697  C  C   . PRO A 1 91  ? -6.792  -12.348 -2.015  1.00 20.50 ? 124 PRO A C   1 
ATOM   698  O  O   . PRO A 1 91  ? -6.732  -13.027 -0.995  1.00 20.83 ? 124 PRO A O   1 
ATOM   699  C  CB  . PRO A 1 91  ? -8.667  -12.850 -3.604  1.00 24.79 ? 124 PRO A CB  1 
ATOM   700  C  CG  . PRO A 1 91  ? -9.323  -11.992 -4.664  1.00 24.58 ? 124 PRO A CG  1 
ATOM   701  C  CD  . PRO A 1 91  ? -8.716  -10.638 -4.576  1.00 16.89 ? 124 PRO A CD  1 
ATOM   702  N  N   . GLN A 1 92  ? -5.705  -12.000 -2.702  1.00 15.14 ? 125 GLN A N   1 
ATOM   703  C  CA  . GLN A 1 92  ? -4.383  -12.429 -2.263  1.00 17.62 ? 125 GLN A CA  1 
ATOM   704  C  C   . GLN A 1 92  ? -4.014  -11.613 -1.003  1.00 22.96 ? 125 GLN A C   1 
ATOM   705  O  O   . GLN A 1 92  ? -3.390  -12.131 -0.086  1.00 17.77 ? 125 GLN A O   1 
ATOM   706  C  CB  . GLN A 1 92  ? -3.336  -12.213 -3.387  1.00 19.88 ? 125 GLN A CB  1 
ATOM   707  C  CG  . GLN A 1 92  ? -3.714  -12.830 -4.711  1.00 24.48 ? 125 GLN A CG  1 
ATOM   708  C  CD  . GLN A 1 92  ? -2.776  -12.452 -5.823  1.00 32.02 ? 125 GLN A CD  1 
ATOM   709  O  OE1 . GLN A 1 92  ? -3.200  -12.025 -6.902  1.00 31.53 ? 125 GLN A OE1 1 
ATOM   710  N  NE2 . GLN A 1 92  ? -1.494  -12.572 -5.563  1.00 27.15 ? 125 GLN A NE2 1 
ATOM   711  N  N   . LEU A 1 93  ? -4.404  -10.339 -0.946  1.00 15.20 ? 126 LEU A N   1 
ATOM   712  C  CA  . LEU A 1 93  ? -4.175  -9.564  0.287   1.00 17.44 ? 126 LEU A CA  1 
ATOM   713  C  C   . LEU A 1 93  ? -4.922  -10.136 1.490   1.00 21.41 ? 126 LEU A C   1 
ATOM   714  O  O   . LEU A 1 93  ? -4.376  -10.239 2.598   1.00 15.33 ? 126 LEU A O   1 
ATOM   715  C  CB  . LEU A 1 93  ? -4.625  -8.100  0.099   1.00 15.99 ? 126 LEU A CB  1 
ATOM   716  C  CG  . LEU A 1 93  ? -3.652  -7.175  -0.650  1.00 18.93 ? 126 LEU A CG  1 
ATOM   717  C  CD1 . LEU A 1 93  ? -4.372  -5.842  -0.938  1.00 21.13 ? 126 LEU A CD1 1 
ATOM   718  C  CD2 . LEU A 1 93  ? -2.429  -6.936  0.239   1.00 19.51 ? 126 LEU A CD2 1 
ATOM   719  N  N   . VAL A 1 94  ? -6.193  -10.479 1.282   1.00 15.57 ? 127 VAL A N   1 
ATOM   720  C  CA  . VAL A 1 94  ? -6.968  -11.072 2.382   1.00 16.49 ? 127 VAL A CA  1 
ATOM   721  C  C   . VAL A 1 94  ? -6.346  -12.396 2.826   1.00 18.40 ? 127 VAL A C   1 
ATOM   722  O  O   . VAL A 1 94  ? -6.371  -12.703 4.003   1.00 20.29 ? 127 VAL A O   1 
ATOM   723  C  CB  . VAL A 1 94  ? -8.453  -11.204 2.033   1.00 26.53 ? 127 VAL A CB  1 
ATOM   724  C  CG1 . VAL A 1 94  ? -9.254  -11.785 3.199   1.00 23.33 ? 127 VAL A CG1 1 
ATOM   725  C  CG2 . VAL A 1 94  ? -9.000  -9.825  1.693   1.00 21.74 ? 127 VAL A CG2 1 
ATOM   726  N  N   . THR A 1 95  ? -5.782  -13.172 1.905   1.00 19.18 ? 128 THR A N   1 
ATOM   727  C  CA  . THR A 1 95  ? -5.186  -14.450 2.287   1.00 21.33 ? 128 THR A CA  1 
ATOM   728  C  C   . THR A 1 95  ? -3.961  -14.206 3.126   1.00 24.15 ? 128 THR A C   1 
ATOM   729  O  O   . THR A 1 95  ? -3.738  -14.849 4.171   1.00 18.54 ? 128 THR A O   1 
ATOM   730  C  CB  . THR A 1 95  ? -4.815  -15.318 1.064   1.00 26.31 ? 128 THR A CB  1 
ATOM   731  O  OG1 . THR A 1 95  ? -6.017  -15.711 0.429   1.00 26.95 ? 128 THR A OG1 1 
ATOM   732  C  CG2 . THR A 1 95  ? -4.020  -16.589 1.475   1.00 27.24 ? 128 THR A CG2 1 
HETATM 733  N  N   . MSE A 1 96  ? -3.163  -13.245 2.708   1.00 14.88 ? 129 MSE A N   1 
HETATM 734  C  CA  . MSE A 1 96  ? -1.927  -12.973 3.429   1.00 13.70 ? 129 MSE A CA  1 
HETATM 735  C  C   . MSE A 1 96  ? -2.195  -12.253 4.756   1.00 19.75 ? 129 MSE A C   1 
HETATM 736  O  O   . MSE A 1 96  ? -1.453  -12.422 5.707   1.00 19.62 ? 129 MSE A O   1 
HETATM 737  C  CB  . MSE A 1 96  ? -1.011  -12.088 2.550   1.00 16.59 ? 129 MSE A CB  1 
HETATM 738  C  CG  . MSE A 1 96  ? 0.417   -11.948 3.106   1.00 24.75 ? 129 MSE A CG  1 
HETATM 739  SE SE  . MSE A 1 96  ? 1.293   -10.925 1.620   1.00 41.87 ? 129 MSE A SE  1 
HETATM 740  C  CE  . MSE A 1 96  ? 2.959   -10.372 2.664   1.00 25.20 ? 129 MSE A CE  1 
ATOM   741  N  N   . TYR A 1 97  ? -3.259  -11.454 4.838   1.00 13.18 ? 130 TYR A N   1 
ATOM   742  C  CA  . TYR A 1 97  ? -3.594  -10.723 6.074   1.00 12.27 ? 130 TYR A CA  1 
ATOM   743  C  C   . TYR A 1 97  ? -5.075  -10.936 6.394   1.00 17.11 ? 130 TYR A C   1 
ATOM   744  O  O   . TYR A 1 97  ? -5.953  -10.120 6.045   1.00 12.14 ? 130 TYR A O   1 
ATOM   745  C  CB  . TYR A 1 97  ? -3.365  -9.225  5.905   1.00 16.33 ? 130 TYR A CB  1 
ATOM   746  C  CG  . TYR A 1 97  ? -1.954  -8.847  5.450   1.00 19.02 ? 130 TYR A CG  1 
ATOM   747  C  CD1 . TYR A 1 97  ? -0.952  -8.621  6.385   1.00 20.02 ? 130 TYR A CD1 1 
ATOM   748  C  CD2 . TYR A 1 97  ? -1.665  -8.624  4.104   1.00 14.21 ? 130 TYR A CD2 1 
ATOM   749  C  CE1 . TYR A 1 97  ? 0.339   -8.223  5.976   1.00 17.78 ? 130 TYR A CE1 1 
ATOM   750  C  CE2 . TYR A 1 97  ? -0.403  -8.263  3.691   1.00 11.91 ? 130 TYR A CE2 1 
ATOM   751  C  CZ  . TYR A 1 97  ? 0.604   -8.040  4.632   1.00 14.71 ? 130 TYR A CZ  1 
ATOM   752  O  OH  . TYR A 1 97  ? 1.856   -7.615  4.235   1.00 14.96 ? 130 TYR A OH  1 
ATOM   753  N  N   . PRO A 1 98  ? -5.363  -12.026 7.102   1.00 17.98 ? 131 PRO A N   1 
ATOM   754  C  CA  . PRO A 1 98  ? -6.778  -12.407 7.285   1.00 15.99 ? 131 PRO A CA  1 
ATOM   755  C  C   . PRO A 1 98  ? -7.514  -11.435 8.174   1.00 15.44 ? 131 PRO A C   1 
ATOM   756  O  O   . PRO A 1 98  ? -8.749  -11.469 8.190   1.00 16.87 ? 131 PRO A O   1 
ATOM   757  C  CB  . PRO A 1 98  ? -6.718  -13.817 7.940   1.00 16.58 ? 131 PRO A CB  1 
ATOM   758  C  CG  . PRO A 1 98  ? -5.323  -14.211 7.991   1.00 19.59 ? 131 PRO A CG  1 
ATOM   759  C  CD  . PRO A 1 98  ? -4.415  -13.114 7.354   1.00 14.53 ? 131 PRO A CD  1 
ATOM   760  N  N   . SER A 1 99  ? -6.808  -10.534 8.858   1.00 12.95 ? 132 SER A N   1 
ATOM   761  C  CA  . SER A 1 99  ? -7.532  -9.496  9.585   1.00 14.19 ? 132 SER A CA  1 
ATOM   762  C  C   . SER A 1 99  ? -8.452  -8.668  8.664   1.00 20.26 ? 132 SER A C   1 
ATOM   763  O  O   . SER A 1 99  ? -9.398  -8.034  9.138   1.00 19.93 ? 132 SER A O   1 
ATOM   764  C  CB  . SER A 1 99  ? -6.588  -8.572  10.355  1.00 18.29 ? 132 SER A CB  1 
ATOM   765  O  OG  . SER A 1 99  ? -5.635  -8.008  9.464   1.00 18.92 ? 132 SER A OG  1 
ATOM   766  N  N   . TYR A 1 100 ? -8.178  -8.653  7.365   1.00 14.90 ? 133 TYR A N   1 
ATOM   767  C  CA  . TYR A 1 100 ? -9.062  -7.873  6.466   1.00 15.40 ? 133 TYR A CA  1 
ATOM   768  C  C   . TYR A 1 100 ? -10.463 -8.499  6.425   1.00 22.10 ? 133 TYR A C   1 
ATOM   769  O  O   . TYR A 1 100 ? -11.410 -7.842  6.012   1.00 21.31 ? 133 TYR A O   1 
ATOM   770  C  CB  . TYR A 1 100 ? -8.555  -7.909  5.048   1.00 17.13 ? 133 TYR A CB  1 
ATOM   771  C  CG  . TYR A 1 100 ? -7.453  -6.943  4.715   1.00 16.69 ? 133 TYR A CG  1 
ATOM   772  C  CD1 . TYR A 1 100 ? -7.611  -5.558  4.915   1.00 19.10 ? 133 TYR A CD1 1 
ATOM   773  C  CD2 . TYR A 1 100 ? -6.257  -7.413  4.158   1.00 14.59 ? 133 TYR A CD2 1 
ATOM   774  C  CE1 . TYR A 1 100 ? -6.594  -4.643  4.547   1.00 16.64 ? 133 TYR A CE1 1 
ATOM   775  C  CE2 . TYR A 1 100 ? -5.230  -6.524  3.809   1.00 19.50 ? 133 TYR A CE2 1 
ATOM   776  C  CZ  . TYR A 1 100 ? -5.400  -5.144  3.997   1.00 18.05 ? 133 TYR A CZ  1 
ATOM   777  O  OH  . TYR A 1 100 ? -4.351  -4.309  3.615   1.00 15.08 ? 133 TYR A OH  1 
ATOM   778  N  N   . GLN A 1 101 ? -10.576 -9.778  6.800   1.00 22.40 ? 134 GLN A N   1 
ATOM   779  C  CA  . GLN A 1 101 ? -11.874 -10.483 6.678   1.00 26.80 ? 134 GLN A CA  1 
ATOM   780  C  C   . GLN A 1 101 ? -12.988 -9.812  7.471   1.00 26.21 ? 134 GLN A C   1 
ATOM   781  O  O   . GLN A 1 101 ? -14.153 -9.909  7.096   1.00 31.10 ? 134 GLN A O   1 
ATOM   782  C  CB  . GLN A 1 101 ? -11.789 -11.955 7.113   1.00 17.84 ? 134 GLN A CB  1 
ATOM   783  C  CG  . GLN A 1 101 ? -11.173 -12.896 6.099   1.00 22.58 ? 134 GLN A CG  1 
ATOM   784  C  CD  . GLN A 1 101 ? -10.894 -14.245 6.740   1.00 36.13 ? 134 GLN A CD  1 
ATOM   785  O  OE1 . GLN A 1 101 ? -11.363 -14.504 7.838   1.00 36.79 ? 134 GLN A OE1 1 
ATOM   786  N  NE2 . GLN A 1 101 ? -10.130 -15.092 6.074   1.00 34.99 ? 134 GLN A NE2 1 
ATOM   787  N  N   . ASP A 1 102 ? -12.612 -9.131  8.554   1.00 19.36 ? 135 ASP A N   1 
ATOM   788  C  CA  . ASP A 1 102 ? -13.558 -8.559  9.514   1.00 26.80 ? 135 ASP A CA  1 
ATOM   789  C  C   . ASP A 1 102 ? -13.927 -7.144  9.125   1.00 43.23 ? 135 ASP A C   1 
ATOM   790  O  O   . ASP A 1 102 ? -14.160 -6.288  9.993   1.00 53.00 ? 135 ASP A O   1 
ATOM   791  C  CB  . ASP A 1 102 ? -12.939 -8.501  10.922  1.00 28.81 ? 135 ASP A CB  1 
ATOM   792  C  CG  . ASP A 1 102 ? -13.960 -8.104  12.015  1.00 32.54 ? 135 ASP A CG  1 
ATOM   793  O  OD1 . ASP A 1 102 ? -13.641 -7.307  12.934  1.00 29.58 ? 135 ASP A OD1 1 
ATOM   794  O  OD2 . ASP A 1 102 ? -15.080 -8.628  11.956  1.00 25.71 ? 135 ASP A OD2 1 
ATOM   795  N  N   . TYR A 1 103 ? -13.901 -6.859  7.836   1.00 39.40 ? 136 TYR A N   1 
ATOM   796  C  CA  . TYR A 1 103 ? -14.357 -5.546  7.364   1.00 36.59 ? 136 TYR A CA  1 
ATOM   797  C  C   . TYR A 1 103 ? -15.566 -5.769  6.454   1.00 24.42 ? 136 TYR A C   1 
ATOM   798  O  O   . TYR A 1 103 ? -15.625 -6.765  5.696   1.00 36.53 ? 136 TYR A O   1 
ATOM   799  C  CB  . TYR A 1 103 ? -13.249 -4.816  6.591   1.00 36.84 ? 136 TYR A CB  1 
ATOM   800  C  CG  . TYR A 1 103 ? -12.020 -4.478  7.399   1.00 33.45 ? 136 TYR A CG  1 
ATOM   801  C  CD1 . TYR A 1 103 ? -10.798 -4.295  6.776   1.00 31.03 ? 136 TYR A CD1 1 
ATOM   802  C  CD2 . TYR A 1 103 ? -12.073 -4.371  8.791   1.00 44.96 ? 136 TYR A CD2 1 
ATOM   803  C  CE1 . TYR A 1 103 ? -9.646  -3.998  7.500   1.00 35.32 ? 136 TYR A CE1 1 
ATOM   804  C  CE2 . TYR A 1 103 ? -10.911 -4.068  9.537   1.00 42.72 ? 136 TYR A CE2 1 
ATOM   805  C  CZ  . TYR A 1 103 ? -9.699  -3.897  8.871   1.00 37.72 ? 136 TYR A CZ  1 
ATOM   806  O  OH  . TYR A 1 103 ? -8.546  -3.586  9.560   1.00 48.35 ? 136 TYR A OH  1 
ATOM   807  N  N   . GLN A 1 104 ? -16.523 -4.863  6.524   1.00 35.44 ? 137 GLN A N   1 
ATOM   808  C  CA  . GLN A 1 104 ? -17.663 -4.930  5.613   1.00 41.48 ? 137 GLN A CA  1 
ATOM   809  C  C   . GLN A 1 104 ? -17.318 -4.386  4.234   1.00 35.99 ? 137 GLN A C   1 
ATOM   810  O  O   . GLN A 1 104 ? -16.237 -3.813  4.009   1.00 36.55 ? 137 GLN A O   1 
ATOM   811  C  CB  . GLN A 1 104 ? -18.907 -4.232  6.188   1.00 41.30 ? 137 GLN A CB  1 
ATOM   812  C  CG  . GLN A 1 104 ? -19.654 -5.022  7.272   1.00 34.33 ? 137 GLN A CG  1 
ATOM   813  C  CD  . GLN A 1 104 ? -20.185 -6.388  6.791   1.00 47.80 ? 137 GLN A CD  1 
ATOM   814  O  OE1 . GLN A 1 104 ? -20.907 -6.480  5.791   1.00 54.83 ? 137 GLN A OE1 1 
ATOM   815  N  NE2 . GLN A 1 104 ? -19.830 -7.443  7.510   1.00 36.31 ? 137 GLN A NE2 1 
ATOM   816  N  N   . SER A 1 105 ? -18.260 -4.569  3.323   1.00 33.25 ? 138 SER A N   1 
ATOM   817  C  CA  . SER A 1 105 ? -18.082 -4.276  1.911   1.00 41.04 ? 138 SER A CA  1 
ATOM   818  C  C   . SER A 1 105 ? -17.589 -2.861  1.643   1.00 35.85 ? 138 SER A C   1 
ATOM   819  O  O   . SER A 1 105 ? -16.505 -2.668  1.073   1.00 33.32 ? 138 SER A O   1 
ATOM   820  C  CB  . SER A 1 105 ? -19.402 -4.493  1.172   1.00 42.78 ? 138 SER A CB  1 
ATOM   821  O  OG  . SER A 1 105 ? -19.228 -4.221  -0.200  1.00 45.78 ? 138 SER A OG  1 
ATOM   822  N  N   . TRP A 1 106 ? -18.378 -1.874  2.044   1.00 36.64 ? 139 TRP A N   1 
ATOM   823  C  CA  . TRP A 1 106 ? -18.006 -0.493  1.785   1.00 37.81 ? 139 TRP A CA  1 
ATOM   824  C  C   . TRP A 1 106 ? -16.637 -0.155  2.392   1.00 40.91 ? 139 TRP A C   1 
ATOM   825  O  O   . TRP A 1 106 ? -15.807 0.519   1.774   1.00 34.19 ? 139 TRP A O   1 
ATOM   826  C  CB  . TRP A 1 106 ? -19.045 0.497   2.307   1.00 43.96 ? 139 TRP A CB  1 
ATOM   827  C  CG  . TRP A 1 106 ? -18.488 1.888   2.184   1.00 50.05 ? 139 TRP A CG  1 
ATOM   828  C  CD1 . TRP A 1 106 ? -18.264 2.590   1.015   1.00 35.41 ? 139 TRP A CD1 1 
ATOM   829  C  CD2 . TRP A 1 106 ? -18.002 2.717   3.247   1.00 44.04 ? 139 TRP A CD2 1 
ATOM   830  N  NE1 . TRP A 1 106 ? -17.706 3.812   1.304   1.00 35.08 ? 139 TRP A NE1 1 
ATOM   831  C  CE2 . TRP A 1 106 ? -17.521 3.914   2.658   1.00 40.12 ? 139 TRP A CE2 1 
ATOM   832  C  CE3 . TRP A 1 106 ? -17.927 2.570   4.636   1.00 57.74 ? 139 TRP A CE3 1 
ATOM   833  C  CZ2 . TRP A 1 106 ? -16.989 4.964   3.414   1.00 45.88 ? 139 TRP A CZ2 1 
ATOM   834  C  CZ3 . TRP A 1 106 ? -17.395 3.623   5.392   1.00 58.26 ? 139 TRP A CZ3 1 
ATOM   835  C  CH2 . TRP A 1 106 ? -16.938 4.803   4.775   1.00 59.31 ? 139 TRP A CH2 1 
ATOM   836  N  N   . THR A 1 107 ? -16.392 -0.619  3.609   1.00 38.14 ? 140 THR A N   1 
ATOM   837  C  CA  . THR A 1 107 ? -15.039 -0.489  4.171   1.00 38.69 ? 140 THR A CA  1 
ATOM   838  C  C   . THR A 1 107 ? -13.936 -0.951  3.204   1.00 33.96 ? 140 THR A C   1 
ATOM   839  O  O   . THR A 1 107 ? -12.978 -0.224  2.961   1.00 36.35 ? 140 THR A O   1 
ATOM   840  C  CB  . THR A 1 107 ? -14.883 -1.316  5.436   1.00 41.49 ? 140 THR A CB  1 
ATOM   841  O  OG1 . THR A 1 107 ? -15.848 -0.883  6.410   1.00 41.78 ? 140 THR A OG1 1 
ATOM   842  C  CG2 . THR A 1 107 ? -13.473 -1.151  5.963   1.00 36.44 ? 140 THR A CG2 1 
ATOM   843  N  N   . ASP A 1 108 ? -14.075 -2.159  2.651   1.00 27.84 ? 141 ASP A N   1 
ATOM   844  C  CA  . ASP A 1 108 ? -13.085 -2.661  1.707   1.00 28.29 ? 141 ASP A CA  1 
ATOM   845  C  C   . ASP A 1 108 ? -12.948 -1.779  0.483   1.00 38.18 ? 141 ASP A C   1 
ATOM   846  O  O   . ASP A 1 108 ? -11.836 -1.528  0.052   1.00 37.94 ? 141 ASP A O   1 
ATOM   847  C  CB  . ASP A 1 108 ? -13.406 -4.080  1.247   1.00 23.63 ? 141 ASP A CB  1 
ATOM   848  C  CG  . ASP A 1 108 ? -13.341 -5.085  2.405   1.00 32.02 ? 141 ASP A CG  1 
ATOM   849  O  OD1 . ASP A 1 108 ? -12.788 -4.711  3.451   1.00 27.62 ? 141 ASP A OD1 1 
ATOM   850  O  OD2 . ASP A 1 108 ? -13.827 -6.223  2.253   1.00 30.39 ? 141 ASP A OD2 1 
ATOM   851  N  N   . ARG A 1 109 ? -14.061 -1.342  -0.100  1.00 29.46 ? 142 ARG A N   1 
ATOM   852  C  CA  . ARG A 1 109 ? -13.977 -0.562  -1.335  1.00 29.54 ? 142 ARG A CA  1 
ATOM   853  C  C   . ARG A 1 109 ? -13.224 0.755   -1.153  1.00 31.16 ? 142 ARG A C   1 
ATOM   854  O  O   . ARG A 1 109 ? -12.790 1.363   -2.125  1.00 40.81 ? 142 ARG A O   1 
ATOM   855  C  CB  . ARG A 1 109 ? -15.367 -0.277  -1.929  1.00 37.74 ? 142 ARG A CB  1 
ATOM   856  C  CG  . ARG A 1 109 ? -15.925 -1.396  -2.810  1.00 47.03 ? 142 ARG A CG  1 
ATOM   857  C  CD  . ARG A 1 109 ? -17.015 -0.865  -3.745  1.00 57.20 ? 142 ARG A CD  1 
ATOM   858  N  NE  . ARG A 1 109 ? -18.075 -0.167  -3.017  1.00 43.29 ? 142 ARG A NE  1 
ATOM   859  C  CZ  . ARG A 1 109 ? -18.992 -0.793  -2.287  1.00 41.35 ? 142 ARG A CZ  1 
ATOM   860  N  NH1 . ARG A 1 109 ? -18.959 -2.112  -2.207  1.00 35.35 ? 142 ARG A NH1 1 
ATOM   861  N  NH2 . ARG A 1 109 ? -19.939 -0.113  -1.643  1.00 35.20 ? 142 ARG A NH2 1 
ATOM   862  N  N   . THR A 1 110 ? -13.077 1.206   0.084   1.00 31.16 ? 143 THR A N   1 
ATOM   863  C  CA  . THR A 1 110 ? -12.339 2.452   0.318   1.00 40.51 ? 143 THR A CA  1 
ATOM   864  C  C   . THR A 1 110 ? -10.853 2.293   0.663   1.00 42.21 ? 143 THR A C   1 
ATOM   865  O  O   . THR A 1 110 ? -10.145 3.279   0.900   1.00 43.20 ? 143 THR A O   1 
ATOM   866  C  CB  . THR A 1 110 ? -13.004 3.283   1.385   1.00 42.54 ? 143 THR A CB  1 
ATOM   867  O  OG1 . THR A 1 110 ? -12.923 2.599   2.652   1.00 46.83 ? 143 THR A OG1 1 
ATOM   868  C  CG2 . THR A 1 110 ? -14.458 3.537   0.956   1.00 37.71 ? 143 THR A CG2 1 
ATOM   869  N  N   . ILE A 1 111 ? -10.381 1.056   0.699   1.00 25.01 ? 144 ILE A N   1 
ATOM   870  C  CA  . ILE A 1 111 ? -8.988  0.839   1.003   1.00 22.46 ? 144 ILE A CA  1 
ATOM   871  C  C   . ILE A 1 111 ? -8.184  1.189   -0.264  1.00 20.98 ? 144 ILE A C   1 
ATOM   872  O  O   . ILE A 1 111 ? -8.423  0.634   -1.365  1.00 18.14 ? 144 ILE A O   1 
ATOM   873  C  CB  . ILE A 1 111 ? -8.765  -0.613  1.460   1.00 19.46 ? 144 ILE A CB  1 
ATOM   874  C  CG1 . ILE A 1 111 ? -9.528  -0.827  2.777   1.00 38.26 ? 144 ILE A CG1 1 
ATOM   875  C  CG2 . ILE A 1 111 ? -7.263  -0.910  1.667   1.00 23.17 ? 144 ILE A CG2 1 
ATOM   876  C  CD1 . ILE A 1 111 ? -9.796  -2.248  3.111   1.00 33.83 ? 144 ILE A CD1 1 
ATOM   877  N  N   . PRO A 1 112 ? -7.199  2.075   -0.109  1.00 21.71 ? 145 PRO A N   1 
ATOM   878  C  CA  . PRO A 1 112 ? -6.285  2.291   -1.243  1.00 21.36 ? 145 PRO A CA  1 
ATOM   879  C  C   . PRO A 1 112 ? -5.470  1.025   -1.523  1.00 20.23 ? 145 PRO A C   1 
ATOM   880  O  O   . PRO A 1 112 ? -4.920  0.423   -0.592  1.00 15.30 ? 145 PRO A O   1 
ATOM   881  C  CB  . PRO A 1 112 ? -5.345  3.413   -0.770  1.00 23.71 ? 145 PRO A CB  1 
ATOM   882  C  CG  . PRO A 1 112 ? -5.880  3.934   0.511   1.00 22.57 ? 145 PRO A CG  1 
ATOM   883  C  CD  . PRO A 1 112 ? -6.948  2.969   1.042   1.00 23.94 ? 145 PRO A CD  1 
ATOM   884  N  N   . ILE A 1 113 ? -5.428  0.629   -2.798  1.00 14.92 ? 146 ILE A N   1 
ATOM   885  C  CA  . ILE A 1 113 ? -4.593  -0.463  -3.263  1.00 11.39 ? 146 ILE A CA  1 
ATOM   886  C  C   . ILE A 1 113 ? -3.770  0.167   -4.379  1.00 15.63 ? 146 ILE A C   1 
ATOM   887  O  O   . ILE A 1 113 ? -4.323  0.652   -5.347  1.00 14.24 ? 146 ILE A O   1 
ATOM   888  C  CB  . ILE A 1 113 ? -5.446  -1.622  -3.761  1.00 13.05 ? 146 ILE A CB  1 
ATOM   889  C  CG1 . ILE A 1 113 ? -6.277  -2.128  -2.599  1.00 14.64 ? 146 ILE A CG1 1 
ATOM   890  C  CG2 . ILE A 1 113 ? -4.560  -2.802  -4.313  1.00 11.80 ? 146 ILE A CG2 1 
ATOM   891  C  CD1 . ILE A 1 113 ? -7.227  -3.313  -2.943  1.00 22.09 ? 146 ILE A CD1 1 
ATOM   892  N  N   . VAL A 1 114 ? -2.450  0.194   -4.196  1.00 9.32  ? 147 VAL A N   1 
ATOM   893  C  CA  . VAL A 1 114 ? -1.573  0.983   -5.042  1.00 10.93 ? 147 VAL A CA  1 
ATOM   894  C  C   . VAL A 1 114 ? -0.544  0.053   -5.667  1.00 11.64 ? 147 VAL A C   1 
ATOM   895  O  O   . VAL A 1 114 ? 0.088   -0.726  -4.971  1.00 13.82 ? 147 VAL A O   1 
ATOM   896  C  CB  . VAL A 1 114 ? -0.905  2.073   -4.207  1.00 15.23 ? 147 VAL A CB  1 
ATOM   897  C  CG1 . VAL A 1 114 ? 0.267   2.719   -4.980  1.00 13.71 ? 147 VAL A CG1 1 
ATOM   898  C  CG2 . VAL A 1 114 ? -1.948  3.136   -3.820  1.00 13.74 ? 147 VAL A CG2 1 
ATOM   899  N  N   . VAL A 1 115 ? -0.390  0.110   -6.997  1.00 12.96 ? 148 VAL A N   1 
ATOM   900  C  CA  . VAL A 1 115 ? 0.581   -0.737  -7.672  1.00 12.59 ? 148 VAL A CA  1 
ATOM   901  C  C   . VAL A 1 115 ? 1.844   0.105   -7.835  1.00 13.02 ? 148 VAL A C   1 
ATOM   902  O  O   . VAL A 1 115 ? 1.778   1.153   -8.427  1.00 14.52 ? 148 VAL A O   1 
ATOM   903  C  CB  . VAL A 1 115 ? 0.086   -1.146  -9.111  1.00 15.84 ? 148 VAL A CB  1 
ATOM   904  C  CG1 . VAL A 1 115 ? 1.103   -2.042  -9.800  1.00 16.03 ? 148 VAL A CG1 1 
ATOM   905  C  CG2 . VAL A 1 115 ? -1.323  -1.834  -9.027  1.00 14.37 ? 148 VAL A CG2 1 
ATOM   906  N  N   . CYS A 1 116 ? 2.964   -0.350  -7.292  1.00 13.92 ? 149 CYS A N   1 
ATOM   907  C  CA  . CYS A 1 116 ? 4.249   0.341   -7.467  1.00 13.19 ? 149 CYS A CA  1 
ATOM   908  C  C   . CYS A 1 116 ? 5.083   -0.448  -8.465  1.00 14.60 ? 149 CYS A C   1 
ATOM   909  O  O   . CYS A 1 116 ? 5.397   -1.636  -8.248  1.00 15.60 ? 149 CYS A O   1 
ATOM   910  C  CB  . CYS A 1 116 ? 4.971   0.389   -6.123  1.00 10.36 ? 149 CYS A CB  1 
ATOM   911  S  SG  . CYS A 1 116 ? 3.892   1.148   -4.848  1.00 16.41 ? 149 CYS A SG  1 
ATOM   912  N  N   . GLU A 1 117 ? 5.438   0.182   -9.576  1.00 16.34 ? 150 GLU A N   1 
ATOM   913  C  CA  . GLU A 1 117 ? 6.199   -0.562  -10.572 1.00 16.29 ? 150 GLU A CA  1 
ATOM   914  C  C   . GLU A 1 117 ? 7.490   0.106   -10.967 1.00 15.90 ? 150 GLU A C   1 
ATOM   915  O  O   . GLU A 1 117 ? 7.629   1.322   -10.849 1.00 14.84 ? 150 GLU A O   1 
ATOM   916  C  CB  . GLU A 1 117 ? 5.355   -0.777  -11.820 1.00 28.17 ? 150 GLU A CB  1 
ATOM   917  C  CG  . GLU A 1 117 ? 4.305   0.232   -11.978 1.00 35.20 ? 150 GLU A CG  1 
ATOM   918  C  CD  . GLU A 1 117 ? 3.282   -0.121  -13.064 1.00 30.88 ? 150 GLU A CD  1 
ATOM   919  O  OE1 . GLU A 1 117 ? 2.974   -1.321  -13.285 1.00 38.82 ? 150 GLU A OE1 1 
ATOM   920  O  OE2 . GLU A 1 117 ? 2.785   0.835   -13.682 1.00 33.98 ? 150 GLU A OE2 1 
ATOM   921  N  N   . PRO A 1 118 ? 8.431   -0.685  -11.465 1.00 19.41 ? 151 PRO A N   1 
ATOM   922  C  CA  . PRO A 1 118 ? 9.764   -0.212  -11.886 1.00 28.65 ? 151 PRO A CA  1 
ATOM   923  C  C   . PRO A 1 118 ? 9.708   0.745   -13.082 1.00 36.22 ? 151 PRO A C   1 
ATOM   924  O  O   . PRO A 1 118 ? 8.673   0.765   -13.775 1.00 31.82 ? 151 PRO A O   1 
ATOM   925  C  CB  . PRO A 1 118 ? 10.479  -1.500  -12.320 1.00 30.24 ? 151 PRO A CB  1 
ATOM   926  C  CG  . PRO A 1 118 ? 9.637   -2.626  -11.822 1.00 35.13 ? 151 PRO A CG  1 
ATOM   927  C  CD  . PRO A 1 118 ? 8.230   -2.107  -11.744 1.00 20.97 ? 151 PRO A CD  1 
HETATM 928  S  S   . SO4 B 2 .   ? 4.416   17.222  4.467   1.00 39.13 ? 201 SO4 A S   1 
HETATM 929  O  O1  . SO4 B 2 .   ? 5.256   17.944  5.430   1.00 46.65 ? 201 SO4 A O1  1 
HETATM 930  O  O2  . SO4 B 2 .   ? 4.953   17.656  3.184   1.00 33.90 ? 201 SO4 A O2  1 
HETATM 931  O  O3  . SO4 B 2 .   ? 2.993   17.510  4.629   1.00 43.30 ? 201 SO4 A O3  1 
HETATM 932  O  O4  . SO4 B 2 .   ? 4.550   15.756  4.668   1.00 37.81 ? 201 SO4 A O4  1 
HETATM 933  S  S   . SO4 C 2 .   ? -0.684  8.642   7.324   1.00 46.42 ? 202 SO4 A S   1 
HETATM 934  O  O1  . SO4 C 2 .   ? -1.145  7.272   7.592   1.00 38.31 ? 202 SO4 A O1  1 
HETATM 935  O  O2  . SO4 C 2 .   ? -1.920  9.485   7.277   1.00 26.61 ? 202 SO4 A O2  1 
HETATM 936  O  O3  . SO4 C 2 .   ? 0.087   8.639   6.047   1.00 22.95 ? 202 SO4 A O3  1 
HETATM 937  O  O4  . SO4 C 2 .   ? 0.199   9.135   8.418   1.00 50.42 ? 202 SO4 A O4  1 
HETATM 938  O  O   . HOH D 3 .   ? 11.301  3.027   2.150   1.00 12.80 ? 301 HOH A O   1 
HETATM 939  O  O   . HOH D 3 .   ? 6.145   10.142  -3.278  1.00 13.88 ? 302 HOH A O   1 
HETATM 940  O  O   . HOH D 3 .   ? 7.922   9.623   7.978   0.80 18.99 ? 303 HOH A O   1 
HETATM 941  O  O   . HOH D 3 .   ? 4.860   7.275   3.006   1.00 14.13 ? 304 HOH A O   1 
HETATM 942  O  O   . HOH D 3 .   ? 12.869  2.848   4.391   1.00 15.49 ? 305 HOH A O   1 
HETATM 943  O  O   . HOH D 3 .   ? -4.029  3.292   -12.952 1.00 32.80 ? 306 HOH A O   1 
HETATM 944  O  O   . HOH D 3 .   ? -0.047  8.113   -8.143  1.00 19.09 ? 307 HOH A O   1 
HETATM 945  O  O   . HOH D 3 .   ? 11.175  6.086   -7.437  1.00 19.27 ? 308 HOH A O   1 
HETATM 946  O  O   . HOH D 3 .   ? -9.598  -6.998  11.570  1.00 20.69 ? 309 HOH A O   1 
HETATM 947  O  O   . HOH D 3 .   ? 12.174  -3.095  6.478   1.00 27.38 ? 310 HOH A O   1 
HETATM 948  O  O   . HOH D 3 .   ? 15.139  0.060   -7.725  1.00 22.34 ? 311 HOH A O   1 
HETATM 949  O  O   . HOH D 3 .   ? -8.692  4.127   -3.863  1.00 34.49 ? 312 HOH A O   1 
HETATM 950  O  O   . HOH D 3 .   ? 9.034   11.557  -5.025  1.00 18.89 ? 313 HOH A O   1 
HETATM 951  O  O   . HOH D 3 .   ? 12.562  6.078   4.475   1.00 16.63 ? 314 HOH A O   1 
HETATM 952  O  O   . HOH D 3 .   ? 0.534   -11.756 -7.399  1.00 40.89 ? 315 HOH A O   1 
HETATM 953  O  O   . HOH D 3 .   ? -3.633  -10.541 9.714   1.00 32.11 ? 316 HOH A O   1 
HETATM 954  O  O   . HOH D 3 .   ? -8.850  12.701  2.916   1.00 24.42 ? 317 HOH A O   1 
HETATM 955  O  O   . HOH D 3 .   ? -6.246  -3.472  -15.551 1.00 24.91 ? 318 HOH A O   1 
HETATM 956  O  O   . HOH D 3 .   ? 16.612  -8.159  2.375   1.00 25.91 ? 319 HOH A O   1 
HETATM 957  O  O   . HOH D 3 .   ? 13.325  -1.890  8.476   1.00 25.06 ? 320 HOH A O   1 
HETATM 958  O  O   . HOH D 3 .   ? -12.709 -4.194  -8.580  1.00 27.36 ? 321 HOH A O   1 
HETATM 959  O  O   . HOH D 3 .   ? -0.792  -3.978  11.351  1.00 40.02 ? 322 HOH A O   1 
HETATM 960  O  O   . HOH D 3 .   ? 7.082   -7.753  -13.281 1.00 38.45 ? 323 HOH A O   1 
HETATM 961  O  O   . HOH D 3 .   ? -2.897  -1.341  -16.007 1.00 40.90 ? 324 HOH A O   1 
HETATM 962  O  O   . HOH D 3 .   ? 10.084  -5.049  5.844   1.00 33.82 ? 325 HOH A O   1 
HETATM 963  O  O   . HOH D 3 .   ? -2.394  -5.189  -14.838 1.00 32.58 ? 326 HOH A O   1 
HETATM 964  O  O   . HOH D 3 .   ? -1.665  -11.908 -9.534  1.00 34.91 ? 327 HOH A O   1 
HETATM 965  O  O   . HOH D 3 .   ? -8.850  5.257   -1.098  1.00 43.62 ? 328 HOH A O   1 
HETATM 966  O  O   . HOH D 3 .   ? -9.161  -14.333 -0.070  1.00 34.57 ? 329 HOH A O   1 
HETATM 967  O  O   . HOH D 3 .   ? -1.702  -14.261 -0.702  1.00 29.50 ? 330 HOH A O   1 
HETATM 968  O  O   . HOH D 3 .   ? -4.822  12.851  5.294   1.00 36.81 ? 331 HOH A O   1 
HETATM 969  O  O   . HOH D 3 .   ? -6.581  2.797   -4.635  1.00 20.00 ? 332 HOH A O   1 
HETATM 970  O  O   . HOH D 3 .   ? 11.608  13.652  6.600   1.00 14.06 ? 333 HOH A O   1 
HETATM 971  O  O   . HOH D 3 .   ? -5.183  -16.721 5.589   1.00 40.41 ? 334 HOH A O   1 
HETATM 972  O  O   . HOH D 3 .   ? -9.847  1.036   -9.374  1.00 36.42 ? 335 HOH A O   1 
HETATM 973  O  O   . HOH D 3 .   ? 8.436   -7.336  -6.320  1.00 30.14 ? 336 HOH A O   1 
HETATM 974  O  O   . HOH D 3 .   ? 3.536   -11.509 -1.985  1.00 36.25 ? 337 HOH A O   1 
HETATM 975  O  O   . HOH D 3 .   ? 2.796   10.135  5.749   1.00 32.08 ? 338 HOH A O   1 
HETATM 976  O  O   . HOH D 3 .   ? -3.427  -7.690  -14.456 1.00 36.18 ? 339 HOH A O   1 
HETATM 977  O  O   . HOH D 3 .   ? -14.809 12.484  6.922   1.00 39.12 ? 340 HOH A O   1 
HETATM 978  O  O   . HOH D 3 .   ? -12.422 -3.434  -4.674  1.00 38.29 ? 341 HOH A O   1 
HETATM 979  O  O   . HOH D 3 .   ? -13.563 -7.858  4.072   1.00 36.72 ? 342 HOH A O   1 
HETATM 980  O  O   . HOH D 3 .   ? 3.303   3.136   -12.404 1.00 31.24 ? 343 HOH A O   1 
HETATM 981  O  O   . HOH D 3 .   ? -7.829  -14.966 4.541   1.00 32.87 ? 344 HOH A O   1 
HETATM 982  O  O   . HOH D 3 .   ? -0.367  -11.583 8.386   1.00 38.42 ? 345 HOH A O   1 
HETATM 983  O  O   . HOH D 3 .   ? 0.513   -12.923 12.415  1.00 36.12 ? 346 HOH A O   1 
HETATM 984  O  O   . HOH D 3 .   ? 1.011   13.418  -10.196 1.00 31.10 ? 347 HOH A O   1 
HETATM 985  O  O   . HOH D 3 .   ? -0.320  -15.670 1.333   1.00 38.74 ? 348 HOH A O   1 
HETATM 986  O  O   . HOH D 3 .   ? -12.418 -6.475  -5.778  1.00 41.09 ? 349 HOH A O   1 
HETATM 987  O  O   . HOH D 3 .   ? -1.596  -11.259 13.013  1.00 31.16 ? 350 HOH A O   1 
HETATM 988  O  O   . HOH D 3 .   ? 10.081  21.372  6.594   1.00 45.64 ? 351 HOH A O   1 
HETATM 989  O  O   . HOH D 3 .   ? 6.180   18.093  -2.662  1.00 30.38 ? 352 HOH A O   1 
HETATM 990  O  O   . HOH D 3 .   ? -7.634  1.245   -6.642  1.00 22.88 ? 353 HOH A O   1 
HETATM 991  O  O   . HOH D 3 .   ? 12.337  16.135  7.002   1.00 28.58 ? 354 HOH A O   1 
HETATM 992  O  O   . HOH D 3 .   ? 1.634   6.723   -12.036 1.00 29.88 ? 355 HOH A O   1 
HETATM 993  O  O   . HOH D 3 .   ? 6.022   2.968   -14.300 1.00 39.44 ? 356 HOH A O   1 
HETATM 994  O  O   . HOH D 3 .   ? -2.697  3.784   6.111   1.00 21.70 ? 357 HOH A O   1 
HETATM 995  O  O   . HOH D 3 .   ? 16.342  4.709   -3.229  1.00 27.19 ? 358 HOH A O   1 
HETATM 996  O  O   . HOH D 3 .   ? -7.374  3.771   4.495   1.00 35.00 ? 359 HOH A O   1 
HETATM 997  O  O   . HOH D 3 .   ? -5.546  4.382   6.276   1.00 34.52 ? 360 HOH A O   1 
HETATM 998  O  O   . HOH D 3 .   ? -6.301  7.512   7.052   1.00 35.51 ? 361 HOH A O   1 
HETATM 999  O  O   . HOH D 3 .   ? -2.269  1.300   7.077   1.00 26.49 ? 362 HOH A O   1 
HETATM 1000 O  O   . HOH D 3 .   ? 11.154  -4.288  -8.869  1.00 34.30 ? 363 HOH A O   1 
HETATM 1001 O  O   . HOH D 3 .   ? -10.868 -0.775  8.872   1.00 43.80 ? 364 HOH A O   1 
HETATM 1002 O  O   . HOH D 3 .   ? -0.241  -0.283  7.613   1.00 37.94 ? 365 HOH A O   1 
HETATM 1003 O  O   . HOH D 3 .   ? 9.686   18.377  7.491   1.00 57.78 ? 366 HOH A O   1 
HETATM 1004 O  O   . HOH D 3 .   ? 6.680   -18.345 16.565  1.00 36.38 ? 367 HOH A O   1 
HETATM 1005 O  O   . HOH D 3 .   ? -0.543  -3.209  -16.840 1.00 48.00 ? 368 HOH A O   1 
HETATM 1006 O  O   . HOH D 3 .   ? 8.212   -6.867  8.201   1.00 28.67 ? 369 HOH A O   1 
HETATM 1007 O  O   . HOH D 3 .   ? -20.640 -2.341  4.121   1.00 45.62 ? 370 HOH A O   1 
HETATM 1008 O  O   . HOH D 3 .   ? 4.128   -7.728  -12.579 1.00 44.11 ? 371 HOH A O   1 
HETATM 1009 O  O   . HOH D 3 .   ? 7.237   -6.475  10.881  1.00 36.03 ? 372 HOH A O   1 
HETATM 1010 O  O   . HOH D 3 .   ? -10.567 8.097   -2.219  1.00 40.79 ? 373 HOH A O   1 
HETATM 1011 O  O   . HOH D 3 .   ? -3.274  -7.860  10.499  1.00 23.36 ? 374 HOH A O   1 
HETATM 1012 O  O   . HOH D 3 .   ? 5.849   9.061   8.868   1.00 26.24 ? 375 HOH A O   1 
HETATM 1013 O  O   . HOH D 3 .   ? 13.334  -8.344  0.183   1.00 38.07 ? 376 HOH A O   1 
HETATM 1014 O  O   . HOH D 3 .   ? 14.351  -14.952 19.885  1.00 40.90 ? 377 HOH A O   1 
HETATM 1015 O  O   . HOH D 3 .   ? -3.205  6.360   -10.559 1.00 28.54 ? 378 HOH A O   1 
HETATM 1016 O  O   . HOH D 3 .   ? -10.172 1.078   -13.390 1.00 34.96 ? 379 HOH A O   1 
HETATM 1017 O  O   . HOH D 3 .   ? -12.947 -13.812 9.960   1.00 43.94 ? 380 HOH A O   1 
HETATM 1018 O  O   . HOH D 3 .   ? 2.912   18.781  -3.997  1.00 42.45 ? 381 HOH A O   1 
HETATM 1019 O  O   . HOH D 3 .   ? 22.715  -3.357  -0.287  1.00 51.39 ? 382 HOH A O   1 
HETATM 1020 O  O   . HOH D 3 .   ? 1.033   4.183   8.444   1.00 29.55 ? 383 HOH A O   1 
HETATM 1021 O  O   . HOH D 3 .   ? -16.795 -2.720  8.030   1.00 35.04 ? 384 HOH A O   1 
HETATM 1022 O  O   . HOH D 3 .   ? 4.419   -7.739  13.280  1.00 39.74 ? 385 HOH A O   1 
HETATM 1023 O  O   . HOH D 3 .   ? 4.255   -5.527  11.923  1.00 49.94 ? 386 HOH A O   1 
HETATM 1024 O  O   . HOH D 3 .   ? 5.893   -13.007 -8.173  1.00 43.58 ? 387 HOH A O   1 
HETATM 1025 O  O   . HOH D 3 .   ? -11.686 -5.797  12.845  1.00 37.40 ? 388 HOH A O   1 
HETATM 1026 O  O   . HOH D 3 .   ? -0.919  -15.383 6.203   1.00 43.86 ? 389 HOH A O   1 
HETATM 1027 O  O   . HOH D 3 .   ? 14.478  -9.969  -4.649  1.00 51.58 ? 390 HOH A O   1 
HETATM 1028 O  O   . HOH D 3 .   ? -10.155 5.915   3.120   1.00 48.96 ? 391 HOH A O   1 
HETATM 1029 O  O   . HOH D 3 .   ? 10.284  5.194   -10.145 1.00 25.34 ? 392 HOH A O   1 
HETATM 1030 O  O   . HOH D 3 .   ? -14.585 -5.845  -2.094  1.00 40.52 ? 393 HOH A O   1 
HETATM 1031 O  O   . HOH D 3 .   ? 8.074   -11.461 -7.157  1.00 43.09 ? 394 HOH A O   1 
HETATM 1032 O  O   . HOH D 3 .   ? -7.031  7.342   -10.289 1.00 47.18 ? 395 HOH A O   1 
HETATM 1033 O  O   . HOH D 3 .   ? -8.587  -15.783 1.954   1.00 44.35 ? 396 HOH A O   1 
HETATM 1034 O  O   . HOH D 3 .   ? 20.393  -3.158  1.604   1.00 45.93 ? 397 HOH A O   1 
HETATM 1035 O  O   . HOH D 3 .   ? 2.524   -13.185 -6.737  1.00 46.20 ? 398 HOH A O   1 
HETATM 1036 O  O   . HOH D 3 .   ? -6.261  -5.650  8.383   1.00 37.63 ? 399 HOH A O   1 
HETATM 1037 O  O   . HOH D 3 .   ? 10.861  -14.168 6.915   1.00 59.12 ? 400 HOH A O   1 
HETATM 1038 O  O   . HOH D 3 .   ? 14.254  4.377   -11.025 1.00 49.94 ? 401 HOH A O   1 
HETATM 1039 O  O   . HOH D 3 .   ? 13.149  5.918   -13.153 1.00 53.43 ? 402 HOH A O   1 
HETATM 1040 O  O   . HOH D 3 .   ? 2.954   13.806  4.258   1.00 36.52 ? 403 HOH A O   1 
HETATM 1041 O  O   . HOH D 3 .   ? -1.558  -1.310  5.652   1.00 36.73 ? 404 HOH A O   1 
HETATM 1042 O  O   . HOH D 3 .   ? 7.080   -1.145  -14.929 1.00 41.14 ? 405 HOH A O   1 
HETATM 1043 O  O   . HOH D 3 .   ? 3.598   15.809  7.657   1.00 52.73 ? 406 HOH A O   1 
HETATM 1044 O  O   . HOH D 3 .   ? 13.032  -13.307 17.745  1.00 48.93 ? 407 HOH A O   1 
HETATM 1045 O  O   . HOH D 3 .   ? 3.743   14.594  -2.855  1.00 19.93 ? 408 HOH A O   1 
# 
